data_3JBX
#
_entry.id   3JBX
#
_cell.length_a   1.000
_cell.length_b   1.000
_cell.length_c   1.000
_cell.angle_alpha   90.00
_cell.angle_beta   90.00
_cell.angle_gamma   90.00
#
_symmetry.space_group_name_H-M   'P 1'
#
loop_
_entity.id
_entity.type
_entity.pdbx_description
1 polymer 'V(D)J recombination-activating protein 1'
2 polymer 'V(D)J recombination-activating protein 2'
3 polymer "5'-D(*CP*AP*CP*AP*GP*TP*GP*CP*TP*AP*CP*AP*GP*AP*C)-3'"
4 polymer "5'-D(P*GP*TP*CP*TP*GP*TP*AP*GP*CP*AP*CP*TP*GP*TP*G)-3'"
5 polymer "5'-D(*GP*CP*GP*AP*TP*GP*GP*TP*TP*AP*AP*CP*CP*A)-3'"
6 polymer "5'-D(P*TP*GP*GP*TP*TP*AP*AP*CP*CP*AP*TP*CP*GP*C)-3'"
7 non-polymer 'ZINC ION'
8 non-polymer 'MAGNESIUM ION'
#
loop_
_entity_poly.entity_id
_entity_poly.type
_entity_poly.pdbx_seq_one_letter_code
_entity_poly.pdbx_strand_id
1 'polypeptide(L)'
;GGSRCQRDHLSTKLIPTEVPADLIRAVTCQVCDHLLSDPVQSPCRHLFCRLCIIRYTHALGPNCPTCNQHLNPSHLIKPA
KFFLATLSSLPLLCPSEECSDWVRLDSFREHCLNHYREKESQEEQTPSEQNLDGYLPVNKGGRPRQHLLSLTRRAQKHRL
RDLKNQVKTFAEKEEGGDVKSVCLTLFLLALRAGNEHKQADELEAMMQGRGFGLHPAVCLAIRVNTFLSCSQYHKMYRTV
KATSGRQIFQPLHTLRNAEKELLPGFHQFEWQPALKNVSTSWDVGIIDGLSGWTVSVDDVPADTISRRFRYDVALVSALK
DLEEDIMEGLRERALDDSMCTSGFTVVVKESCDGMGDVSEKHGSGPAVPEKAVRFSFTIMSISIRLEGEDDGITIFQEQK
PNSELSCRPLCLMFVDESDHETLTAILGPVVAERKAMMESRLIISVGGLLRSFRFFFRGTGYDEKMVREMEGLEASGSTY
ICTLCDSTRAEASQNMVLHSITRSHDENLERYEIWRKNPFSESADELRDRVKGVSAKPFMETQPTLDALHCDIGNATEFY
KIFQDEIGEVYQKPNPSREERRRWRSTLDKQLRKKMKLKPVMRMNGNYARRLMTREAVEAVCELVPSEERREALLKLMDL
YLQMKPVWRSTCPSRDCPDQLCQYSYNSQQFADLLSSMFKYRYDGKITNYLHKTLAHVPEIVERDGSIGAWASEGNESGN
KLFRRFRKMNARQSKTFELEDILKHHWLYTSKYLQKFMEAHKNS
;
A,C
2 'polypeptide(L)'
;GGSMSLQPLTAVNCGSLVQPGFSLLDLEGDVYLFGQKGWPKRSCPTGIFGVRIKKGELKLRAISFSNNSSYLPPLRCPAI
AHFEAQDGKPECYLIHGGRTPNNELSSSLYMLSVDSRGCNRKVTLRCEEKELVGDVPSARYGHTLSVINSRGKTACVLFG
GRSYMPPTERTTQNWNSVVDCPPQVYLIDLEFGCCTAHTLPELTDGQSFHVALARQDCVYFLGGHILSSDCRPSRLIRLH
VELLLGSPVLTCTILHEGLTITSAIASPIGYHEYIIFGGYQSETQKRMECTYVGLDDVGVHMESREPPQWTSEISHSRTW
FGGSLGKGTALVAIPSEGNPTPPEAYHFYQVSFQKEQDGEATAQGGSQESTDFEDSAPLEDSEELYFGREPHELEYSSDV
EGDTYNEEDEEDESQTGYWIKCCLSCQVDPNIWEPYYSTELTRPAMIFCSRGEGGHWVHAQCMELPESLLLQLSQDNSKY
FCLDHGGLPKQEMTPPKQMLPVKRVPMKMTHRKAPVSLKMTPAKKTFLRRLFD
;
B,D
3 'polydeoxyribonucleotide' (DC)(DA)(DC)(DA)(DG)(DT)(DG)(DC)(DT)(DA)(DC)(DA)(DG)(DA)(DC) E,H
4 'polydeoxyribonucleotide' (DG)(DT)(DC)(DT)(DG)(DT)(DA)(DG)(DC)(DA)(DC)(DT)(DG)(DT)(DG) F,G
5 'polydeoxyribonucleotide' (DG)(DC)(DG)(DA)(DT)(DG)(DG)(DT)(DT)(DA)(DA)(DC)(DC)(DA) I,K
6 'polydeoxyribonucleotide' (DT)(DG)(DG)(DT)(DT)(DA)(DA)(DC)(DC)(DA)(DT)(DC)(DG)(DC) J,L
#
loop_
_chem_comp.id
_chem_comp.type
_chem_comp.name
_chem_comp.formula
DA DNA linking 2'-DEOXYADENOSINE-5'-MONOPHOSPHATE 'C10 H14 N5 O6 P'
DC DNA linking 2'-DEOXYCYTIDINE-5'-MONOPHOSPHATE 'C9 H14 N3 O7 P'
DG DNA linking 2'-DEOXYGUANOSINE-5'-MONOPHOSPHATE 'C10 H14 N5 O7 P'
DT DNA linking THYMIDINE-5'-MONOPHOSPHATE 'C10 H15 N2 O8 P'
MG non-polymer 'MAGNESIUM ION' 'Mg 2'
ZN non-polymer 'ZINC ION' 'Zn 2'
#
# COMPACT_ATOMS: atom_id res chain seq x y z
N GLY A 213 18.94 -2.04 44.08
CA GLY A 213 18.45 -2.02 42.72
C GLY A 213 19.13 -0.94 41.90
N LEU A 214 18.42 -0.43 40.89
CA LEU A 214 18.96 0.64 40.05
C LEU A 214 17.96 1.79 39.93
N HIS A 215 18.48 2.98 39.65
CA HIS A 215 17.71 4.23 39.64
C HIS A 215 16.49 4.17 38.72
N PRO A 216 15.38 4.85 39.11
CA PRO A 216 14.17 4.92 38.29
C PRO A 216 14.38 5.52 36.89
N ALA A 217 15.09 6.64 36.79
CA ALA A 217 15.25 7.33 35.51
C ALA A 217 16.10 6.50 34.55
N VAL A 218 17.18 5.94 35.07
CA VAL A 218 18.08 5.09 34.29
C VAL A 218 17.30 3.93 33.66
N CYS A 219 16.41 3.34 34.44
CA CYS A 219 15.54 2.27 33.99
C CYS A 219 14.52 2.73 32.94
N LEU A 220 13.89 3.87 33.23
CA LEU A 220 12.94 4.51 32.33
C LEU A 220 13.58 4.71 30.95
N ALA A 221 14.86 5.06 30.94
CA ALA A 221 15.60 5.22 29.71
C ALA A 221 16.14 3.89 29.18
N ILE A 222 16.15 2.86 30.02
CA ILE A 222 16.42 1.51 29.54
C ILE A 222 15.25 1.09 28.68
N ARG A 223 14.07 1.59 29.03
CA ARG A 223 12.86 1.29 28.27
C ARG A 223 12.69 2.16 27.02
N VAL A 224 12.48 3.45 27.24
CA VAL A 224 12.16 4.38 26.16
C VAL A 224 13.18 4.36 25.02
N ASN A 225 14.45 4.24 25.37
CA ASN A 225 15.52 4.31 24.39
C ASN A 225 15.77 2.97 23.70
N THR A 226 15.21 1.90 24.25
CA THR A 226 15.33 0.59 23.63
C THR A 226 14.08 0.19 22.83
N PHE A 227 13.10 1.09 22.75
CA PHE A 227 11.80 0.82 22.11
C PHE A 227 10.97 -0.27 22.81
N LEU A 228 10.80 -0.15 24.13
CA LEU A 228 10.07 -1.15 24.90
C LEU A 228 8.66 -0.71 25.28
N SER A 229 7.66 -1.45 24.78
CA SER A 229 6.28 -1.25 25.17
C SER A 229 6.16 -1.43 26.66
N CYS A 230 5.42 -0.54 27.32
CA CYS A 230 5.29 -0.55 28.78
C CYS A 230 4.80 -1.91 29.29
N SER A 231 3.92 -2.54 28.52
CA SER A 231 3.43 -3.88 28.83
C SER A 231 4.59 -4.87 28.79
N GLN A 232 5.41 -4.75 27.75
CA GLN A 232 6.58 -5.60 27.59
C GLN A 232 7.59 -5.38 28.72
N TYR A 233 7.83 -4.12 29.04
CA TYR A 233 8.69 -3.76 30.15
C TYR A 233 8.21 -4.39 31.46
N HIS A 234 6.89 -4.39 31.64
CA HIS A 234 6.28 -4.99 32.83
C HIS A 234 6.45 -6.51 32.81
N LYS A 235 6.37 -7.10 31.62
CA LYS A 235 6.62 -8.53 31.44
C LYS A 235 8.01 -8.89 31.96
N MET A 236 9.02 -8.26 31.37
CA MET A 236 10.41 -8.49 31.77
C MET A 236 10.63 -8.25 33.26
N TYR A 237 10.15 -7.10 33.74
CA TYR A 237 10.27 -6.71 35.14
C TYR A 237 9.76 -7.81 36.05
N ARG A 238 8.52 -8.25 35.80
CA ARG A 238 7.90 -9.29 36.60
C ARG A 238 8.77 -10.53 36.59
N THR A 239 9.27 -10.91 35.42
CA THR A 239 10.11 -12.10 35.32
C THR A 239 11.39 -12.00 36.15
N VAL A 240 12.20 -10.98 35.91
CA VAL A 240 13.49 -10.86 36.59
C VAL A 240 13.28 -10.66 38.11
N LYS A 241 12.17 -10.06 38.50
CA LYS A 241 11.86 -9.94 39.92
C LYS A 241 11.55 -11.31 40.52
N ALA A 242 10.64 -12.04 39.88
CA ALA A 242 10.20 -13.32 40.42
C ALA A 242 11.30 -14.37 40.42
N THR A 243 12.19 -14.30 39.43
CA THR A 243 13.30 -15.26 39.33
C THR A 243 14.59 -14.61 39.82
N SER A 244 15.08 -15.08 40.96
CA SER A 244 16.26 -14.53 41.61
C SER A 244 16.12 -13.02 41.80
N GLY A 245 15.17 -12.62 42.62
CA GLY A 245 15.00 -11.22 42.98
C GLY A 245 14.25 -11.05 44.29
N ARG A 246 14.45 -9.97 45.05
CA ARG A 246 15.43 -8.89 44.85
C ARG A 246 15.28 -8.15 43.52
N GLN A 247 14.19 -7.40 43.39
CA GLN A 247 13.87 -6.73 42.14
C GLN A 247 14.93 -5.69 41.78
N ILE A 248 15.18 -5.59 40.48
CA ILE A 248 16.20 -4.72 39.92
C ILE A 248 15.53 -3.50 39.30
N PHE A 249 14.70 -3.75 38.29
CA PHE A 249 13.92 -2.71 37.63
C PHE A 249 12.90 -2.14 38.58
N GLN A 250 12.46 -0.92 38.31
CA GLN A 250 11.37 -0.31 39.07
C GLN A 250 10.04 -0.61 38.39
N PRO A 251 9.00 -0.90 39.19
CA PRO A 251 7.66 -1.20 38.68
C PRO A 251 7.13 -0.06 37.83
N LEU A 252 6.13 -0.33 37.00
CA LEU A 252 5.66 0.65 36.03
C LEU A 252 5.29 2.01 36.63
N HIS A 253 4.72 2.01 37.83
CA HIS A 253 4.15 3.23 38.37
C HIS A 253 5.23 4.28 38.75
N THR A 254 6.38 3.83 39.20
CA THR A 254 7.47 4.75 39.53
C THR A 254 8.15 5.23 38.25
N LEU A 255 8.01 4.47 37.17
CA LEU A 255 8.49 4.92 35.86
C LEU A 255 7.61 6.04 35.37
N ARG A 256 6.30 5.80 35.38
CA ARG A 256 5.31 6.80 34.99
C ARG A 256 5.45 8.05 35.85
N ASN A 257 5.78 7.84 37.12
CA ASN A 257 6.05 8.95 38.03
C ASN A 257 7.35 9.67 37.69
N ALA A 258 8.33 8.93 37.20
CA ALA A 258 9.64 9.48 36.92
C ALA A 258 9.61 10.32 35.64
N GLU A 259 8.77 9.94 34.69
CA GLU A 259 8.78 10.60 33.40
C GLU A 259 7.89 11.85 33.38
N LYS A 260 7.39 12.21 34.54
CA LYS A 260 6.59 13.40 34.69
C LYS A 260 7.54 14.58 34.93
N GLU A 261 8.81 14.27 35.19
CA GLU A 261 9.83 15.26 35.47
C GLU A 261 10.56 15.69 34.19
N LEU A 262 10.20 15.04 33.10
CA LEU A 262 10.79 15.30 31.78
C LEU A 262 9.78 16.00 30.89
N LEU A 263 8.65 15.34 30.67
CA LEU A 263 7.58 15.85 29.79
C LEU A 263 7.19 17.28 30.12
N PRO A 264 6.85 18.06 29.09
CA PRO A 264 6.57 19.49 29.25
C PRO A 264 5.40 19.75 30.19
N GLY A 265 5.31 20.98 30.69
CA GLY A 265 4.35 21.30 31.71
C GLY A 265 4.86 20.82 33.06
N PHE A 266 6.15 21.04 33.31
CA PHE A 266 6.76 20.63 34.57
C PHE A 266 7.48 21.80 35.25
N HIS A 267 8.53 22.29 34.60
CA HIS A 267 9.38 23.32 35.18
C HIS A 267 8.74 24.68 35.02
N GLN A 268 8.81 25.49 36.08
CA GLN A 268 8.22 26.83 36.06
C GLN A 268 9.17 27.83 35.40
N PHE A 269 8.62 28.66 34.52
CA PHE A 269 9.40 29.64 33.80
C PHE A 269 8.62 30.94 33.62
N GLU A 270 9.25 31.96 33.03
CA GLU A 270 8.53 33.20 32.78
C GLU A 270 9.10 33.96 31.59
N TRP A 271 8.26 34.66 30.85
CA TRP A 271 8.73 35.46 29.72
C TRP A 271 8.64 36.95 30.03
N GLN A 272 9.52 37.75 29.46
CA GLN A 272 9.24 39.18 29.46
C GLN A 272 9.53 39.83 28.11
N PRO A 273 8.61 40.69 27.64
CA PRO A 273 7.26 40.85 28.20
C PRO A 273 6.40 39.59 28.01
N ALA A 274 5.18 39.58 28.52
CA ALA A 274 4.32 38.41 28.41
C ALA A 274 4.00 38.14 26.94
N LEU A 275 3.92 36.86 26.57
CA LEU A 275 3.64 36.49 25.19
C LEU A 275 2.25 36.95 24.79
N LYS A 276 2.18 37.67 23.67
CA LYS A 276 0.91 38.20 23.18
C LYS A 276 -0.08 37.08 22.84
N ASN A 277 -1.30 37.22 23.33
CA ASN A 277 -2.42 36.28 23.12
C ASN A 277 -2.05 34.80 23.27
N VAL A 278 -1.27 34.49 24.29
CA VAL A 278 -0.99 33.10 24.68
C VAL A 278 -1.20 32.96 26.19
N SER A 279 -1.61 31.77 26.64
CA SER A 279 -1.85 31.52 28.06
C SER A 279 -0.57 31.57 28.88
N THR A 280 -0.69 31.99 30.13
CA THR A 280 0.45 32.14 31.03
C THR A 280 0.67 30.91 31.90
N SER A 281 -0.23 29.94 31.82
CA SER A 281 -0.10 28.73 32.64
C SER A 281 0.97 27.81 32.08
N TRP A 282 1.95 27.48 32.92
CA TRP A 282 3.13 26.74 32.49
C TRP A 282 3.09 25.23 32.71
N ASP A 283 2.05 24.74 33.37
CA ASP A 283 1.99 23.32 33.74
C ASP A 283 1.22 22.48 32.73
N VAL A 284 0.79 23.11 31.64
CA VAL A 284 -0.09 22.43 30.70
C VAL A 284 0.64 21.36 29.88
N GLY A 285 0.07 20.17 29.84
CA GLY A 285 0.63 19.05 29.10
C GLY A 285 -0.01 18.95 27.74
N ILE A 286 -0.21 17.73 27.27
CA ILE A 286 -0.82 17.46 25.96
C ILE A 286 -2.19 18.13 25.83
N ILE A 287 -2.34 18.92 24.76
CA ILE A 287 -3.62 19.54 24.46
C ILE A 287 -4.15 18.95 23.16
N ASP A 288 -5.44 18.67 23.11
CA ASP A 288 -6.03 18.28 21.82
C ASP A 288 -5.90 19.47 20.88
N GLY A 289 -5.29 19.23 19.73
CA GLY A 289 -4.89 20.31 18.83
C GLY A 289 -6.04 21.12 18.26
N LEU A 290 -7.26 20.64 18.49
CA LEU A 290 -8.47 21.32 18.05
C LEU A 290 -8.53 22.76 18.49
N SER A 291 -7.99 23.04 19.68
CA SER A 291 -8.13 24.33 20.33
C SER A 291 -9.62 24.65 20.52
N GLY A 292 -10.40 23.59 20.73
CA GLY A 292 -11.81 23.72 21.01
C GLY A 292 -12.75 24.06 19.86
N TRP A 293 -12.65 23.33 18.75
CA TRP A 293 -13.65 23.45 17.69
C TRP A 293 -15.04 23.26 18.31
N THR A 294 -15.94 24.21 18.05
CA THR A 294 -17.22 24.27 18.76
C THR A 294 -18.16 23.13 18.37
N VAL A 295 -17.76 22.36 17.38
CA VAL A 295 -18.40 21.11 16.97
C VAL A 295 -19.93 21.23 16.87
N SER A 296 -20.40 22.37 16.37
CA SER A 296 -21.78 22.45 15.94
C SER A 296 -21.90 21.66 14.65
N VAL A 297 -23.01 20.95 14.48
CA VAL A 297 -23.26 20.20 13.26
C VAL A 297 -23.23 21.12 12.06
N ASP A 298 -23.74 22.32 12.26
CA ASP A 298 -23.95 23.28 11.18
C ASP A 298 -22.67 23.98 10.72
N ASP A 299 -21.72 24.14 11.64
CA ASP A 299 -20.44 24.76 11.31
C ASP A 299 -19.54 23.80 10.55
N VAL A 300 -18.29 24.23 10.35
CA VAL A 300 -17.24 23.37 9.81
C VAL A 300 -17.11 22.12 10.70
N PRO A 301 -16.80 20.97 10.10
CA PRO A 301 -16.73 19.74 10.89
C PRO A 301 -15.59 19.68 11.92
N ALA A 302 -15.75 18.78 12.88
CA ALA A 302 -14.77 18.50 13.92
C ALA A 302 -13.84 17.34 13.54
N ASP A 303 -13.93 16.89 12.29
CA ASP A 303 -13.37 15.60 11.85
C ASP A 303 -11.96 15.28 12.36
N THR A 304 -11.10 16.29 12.43
CA THR A 304 -9.71 16.06 12.76
C THR A 304 -9.42 15.61 14.20
N ILE A 305 -8.51 14.65 14.33
CA ILE A 305 -7.96 14.28 15.62
C ILE A 305 -6.52 14.79 15.69
N SER A 306 -6.20 15.48 16.78
CA SER A 306 -4.87 16.06 16.94
C SER A 306 -4.45 16.14 18.40
N ARG A 307 -3.15 15.95 18.63
CA ARG A 307 -2.57 16.18 19.96
C ARG A 307 -1.26 16.93 19.80
N ARG A 308 -1.14 18.07 20.49
CA ARG A 308 0.06 18.88 20.42
C ARG A 308 0.48 19.34 21.80
N PHE A 309 1.77 19.60 21.98
CA PHE A 309 2.24 20.33 23.15
C PHE A 309 2.10 21.82 22.87
N ARG A 310 1.80 22.60 23.92
CA ARG A 310 1.87 24.04 23.77
C ARG A 310 3.33 24.38 23.54
N TYR A 311 3.58 25.13 22.48
CA TYR A 311 4.92 25.29 21.91
C TYR A 311 6.03 25.69 22.90
N ASP A 312 5.83 26.80 23.60
CA ASP A 312 6.87 27.34 24.48
C ASP A 312 7.20 26.40 25.63
N VAL A 313 6.19 25.70 26.14
CA VAL A 313 6.38 24.76 27.23
C VAL A 313 7.23 23.58 26.78
N ALA A 314 6.89 23.05 25.60
CA ALA A 314 7.72 22.08 24.90
C ALA A 314 9.15 22.57 24.89
N LEU A 315 9.38 23.73 24.28
CA LEU A 315 10.71 24.33 24.24
C LEU A 315 11.44 24.35 25.59
N VAL A 316 10.80 24.85 26.64
CA VAL A 316 11.49 24.97 27.93
C VAL A 316 11.85 23.60 28.50
N SER A 317 11.05 22.58 28.17
CA SER A 317 11.42 21.23 28.58
C SER A 317 12.61 20.73 27.77
N ALA A 318 12.54 20.91 26.45
CA ALA A 318 13.61 20.47 25.54
C ALA A 318 14.90 21.25 25.73
N LEU A 319 14.85 22.29 26.55
CA LEU A 319 15.99 23.18 26.80
C LEU A 319 16.58 22.95 28.18
N LYS A 320 15.76 23.10 29.21
CA LYS A 320 16.17 22.74 30.56
C LYS A 320 16.61 21.27 30.62
N ASP A 321 16.18 20.47 29.66
CA ASP A 321 16.73 19.14 29.47
C ASP A 321 18.17 19.22 28.92
N LEU A 322 18.52 20.34 28.30
CA LEU A 322 19.89 20.57 27.84
C LEU A 322 20.70 21.36 28.87
N GLU A 323 20.09 21.67 30.01
CA GLU A 323 20.75 22.42 31.08
C GLU A 323 22.17 21.91 31.43
N GLU A 324 22.31 20.59 31.54
CA GLU A 324 23.60 20.00 31.90
C GLU A 324 24.66 20.32 30.84
N ASP A 325 24.28 20.21 29.57
CA ASP A 325 25.22 20.41 28.47
C ASP A 325 25.49 21.89 28.23
N ILE A 326 24.55 22.75 28.59
CA ILE A 326 24.75 24.19 28.41
C ILE A 326 25.69 24.70 29.51
N MET A 327 25.52 24.19 30.73
CA MET A 327 26.48 24.48 31.79
C MET A 327 27.84 23.91 31.44
N GLU A 328 27.82 22.73 30.83
CA GLU A 328 29.04 22.08 30.34
C GLU A 328 29.75 23.00 29.37
N GLY A 329 29.00 23.60 28.46
CA GLY A 329 29.55 24.56 27.52
C GLY A 329 30.15 25.76 28.21
N LEU A 330 29.48 26.24 29.27
CA LEU A 330 29.98 27.39 30.02
C LEU A 330 31.29 27.10 30.74
N ARG A 331 31.39 25.96 31.42
CA ARG A 331 32.60 25.63 32.16
C ARG A 331 33.72 25.26 31.19
N GLU A 332 33.35 24.73 30.03
CA GLU A 332 34.35 24.33 29.03
C GLU A 332 34.91 25.56 28.34
N ARG A 333 34.05 26.54 28.08
CA ARG A 333 34.47 27.80 27.49
C ARG A 333 35.33 28.61 28.46
N ALA A 334 35.43 28.11 29.70
CA ALA A 334 36.12 28.78 30.79
C ALA A 334 35.44 30.12 31.08
N LEU A 335 34.18 30.21 30.70
CA LEU A 335 33.32 31.31 31.10
C LEU A 335 32.91 31.04 32.54
N ASP A 336 32.59 32.09 33.29
CA ASP A 336 32.07 31.90 34.63
C ASP A 336 30.57 31.69 34.59
N ASP A 337 30.13 30.62 35.22
CA ASP A 337 28.73 30.19 35.18
C ASP A 337 27.82 31.19 35.86
N SER A 338 28.36 31.91 36.83
CA SER A 338 27.59 32.93 37.54
C SER A 338 27.49 34.24 36.74
N MET A 339 28.56 34.56 36.01
CA MET A 339 28.56 35.77 35.19
C MET A 339 27.70 35.58 33.95
N CYS A 340 27.29 36.70 33.34
CA CYS A 340 26.60 36.75 32.04
C CYS A 340 25.49 35.71 31.87
N THR A 341 24.41 35.87 32.62
CA THR A 341 23.25 34.99 32.48
C THR A 341 22.21 35.53 31.51
N SER A 342 22.36 36.79 31.11
CA SER A 342 21.39 37.46 30.24
C SER A 342 21.58 37.21 28.73
N GLY A 343 22.83 37.13 28.29
CA GLY A 343 23.14 37.23 26.87
C GLY A 343 22.99 35.98 26.02
N PHE A 344 22.28 34.98 26.52
CA PHE A 344 22.06 33.73 25.80
C PHE A 344 21.16 33.89 24.59
N THR A 345 21.49 33.20 23.51
CA THR A 345 20.69 33.18 22.28
C THR A 345 20.51 31.73 21.84
N VAL A 346 19.30 31.37 21.42
CA VAL A 346 19.01 30.00 21.03
C VAL A 346 18.44 29.92 19.62
N VAL A 347 19.15 29.21 18.74
CA VAL A 347 18.68 29.00 17.37
C VAL A 347 18.07 27.61 17.23
N VAL A 348 16.80 27.61 16.84
CA VAL A 348 15.96 26.42 16.76
C VAL A 348 15.46 26.19 15.34
N LYS A 349 15.59 24.96 14.86
CA LYS A 349 15.08 24.58 13.55
C LYS A 349 13.72 23.93 13.72
N GLU A 350 12.66 24.63 13.33
CA GLU A 350 11.34 24.00 13.27
C GLU A 350 11.17 23.27 11.94
N SER A 351 10.32 22.26 11.92
CA SER A 351 10.09 21.50 10.70
C SER A 351 8.67 20.97 10.60
N CYS A 352 8.22 20.72 9.38
CA CYS A 352 6.91 20.10 9.17
C CYS A 352 6.93 19.22 7.92
N ASP A 353 6.24 18.08 8.01
CA ASP A 353 6.15 17.17 6.88
C ASP A 353 4.85 16.38 6.91
N GLY A 354 4.27 16.16 5.73
CA GLY A 354 3.12 15.27 5.61
C GLY A 354 3.55 13.82 5.46
N MET A 355 2.79 12.92 6.08
CA MET A 355 3.03 11.49 5.92
C MET A 355 1.72 10.80 5.56
N GLY A 356 1.65 10.30 4.33
CA GLY A 356 0.42 9.68 3.86
C GLY A 356 0.27 8.29 4.44
N ASP A 357 -0.81 7.61 4.05
CA ASP A 357 -0.99 6.20 4.37
C ASP A 357 -0.96 5.93 5.88
N VAL A 358 -1.97 6.43 6.58
CA VAL A 358 -2.20 6.06 7.97
C VAL A 358 -3.56 5.39 8.09
N SER A 359 -3.58 4.17 8.60
CA SER A 359 -4.84 3.46 8.73
C SER A 359 -5.78 4.15 9.72
N GLU A 360 -7.05 4.22 9.37
CA GLU A 360 -8.05 4.64 10.33
C GLU A 360 -8.19 3.56 11.38
N LYS A 361 -8.73 3.93 12.53
CA LYS A 361 -9.12 2.95 13.52
C LYS A 361 -10.64 2.90 13.49
N HIS A 362 -11.22 1.77 13.87
CA HIS A 362 -12.66 1.63 13.75
C HIS A 362 -13.35 2.63 14.68
N GLY A 363 -13.01 2.60 15.97
CA GLY A 363 -13.22 3.75 16.84
C GLY A 363 -14.66 4.20 17.03
N SER A 364 -14.84 5.28 17.77
CA SER A 364 -16.17 5.88 17.98
C SER A 364 -16.45 6.89 16.88
N GLY A 365 -15.42 7.21 16.11
CA GLY A 365 -15.44 8.35 15.23
C GLY A 365 -14.60 9.43 15.87
N PRO A 366 -14.53 10.62 15.27
CA PRO A 366 -15.18 11.02 14.01
C PRO A 366 -14.49 10.43 12.79
N ALA A 367 -15.16 10.47 11.64
CA ALA A 367 -14.54 10.09 10.38
C ALA A 367 -13.32 10.94 10.13
N VAL A 368 -12.18 10.28 9.90
CA VAL A 368 -10.91 10.99 9.86
C VAL A 368 -10.04 10.46 8.72
N PRO A 369 -9.34 11.37 8.01
CA PRO A 369 -8.54 11.01 6.85
C PRO A 369 -7.40 10.03 7.14
N GLU A 370 -6.91 9.39 6.09
CA GLU A 370 -5.87 8.37 6.21
C GLU A 370 -4.47 8.97 6.08
N LYS A 371 -4.41 10.30 6.06
CA LYS A 371 -3.15 11.03 5.99
C LYS A 371 -2.83 11.65 7.35
N ALA A 372 -1.54 11.76 7.67
CA ALA A 372 -1.12 12.40 8.91
C ALA A 372 -0.13 13.53 8.64
N VAL A 373 -0.16 14.55 9.48
CA VAL A 373 0.82 15.61 9.43
C VAL A 373 1.50 15.72 10.78
N ARG A 374 2.84 15.60 10.77
CA ARG A 374 3.64 15.57 11.99
C ARG A 374 4.61 16.74 12.05
N PHE A 375 4.38 17.64 13.00
CA PHE A 375 5.12 18.90 13.08
C PHE A 375 6.04 18.88 14.29
N SER A 376 7.32 19.21 14.10
CA SER A 376 8.31 19.05 15.18
C SER A 376 9.34 20.17 15.24
N PHE A 377 10.27 20.08 16.18
CA PHE A 377 11.39 21.04 16.21
C PHE A 377 12.64 20.47 16.87
N THR A 378 13.80 20.98 16.44
CA THR A 378 15.11 20.60 16.97
C THR A 378 15.85 21.83 17.44
N ILE A 379 16.50 21.77 18.61
CA ILE A 379 17.33 22.89 19.03
C ILE A 379 18.72 22.72 18.42
N MET A 380 19.05 23.64 17.52
CA MET A 380 20.30 23.58 16.79
C MET A 380 21.49 24.13 17.56
N SER A 381 21.32 25.29 18.19
CA SER A 381 22.44 25.86 18.92
C SER A 381 22.07 26.85 20.02
N ILE A 382 22.99 27.05 20.96
CA ILE A 382 22.90 28.14 21.91
C ILE A 382 24.26 28.84 22.01
N SER A 383 24.25 30.16 21.84
CA SER A 383 25.48 30.94 21.87
C SER A 383 25.34 32.17 22.76
N ILE A 384 26.43 32.60 23.39
CA ILE A 384 26.39 33.78 24.25
C ILE A 384 26.96 34.99 23.49
N ARG A 385 26.30 36.13 23.58
CA ARG A 385 26.81 37.33 22.92
C ARG A 385 27.35 38.34 23.92
N LEU A 386 26.47 38.82 24.79
CA LEU A 386 26.85 39.73 25.87
C LEU A 386 28.05 39.14 26.63
N GLU A 387 29.12 39.90 26.88
CA GLU A 387 29.25 41.38 26.82
C GLU A 387 28.78 42.15 25.58
N GLY A 388 29.18 41.70 24.40
CA GLY A 388 28.77 42.36 23.18
C GLY A 388 29.95 42.29 22.25
N GLU A 389 29.95 43.14 21.23
CA GLU A 389 31.13 43.46 20.41
C GLU A 389 31.94 42.23 20.00
N ASP A 390 31.26 41.11 19.78
CA ASP A 390 31.94 39.87 19.49
C ASP A 390 31.19 39.03 18.47
N ASP A 391 31.74 37.87 18.17
CA ASP A 391 31.10 36.89 17.31
C ASP A 391 29.87 36.34 18.00
N GLY A 392 30.00 36.25 19.32
CA GLY A 392 29.13 35.43 20.14
C GLY A 392 29.85 34.10 20.21
N ILE A 393 29.80 33.44 21.36
CA ILE A 393 30.53 32.19 21.51
C ILE A 393 29.54 31.04 21.54
N THR A 394 29.87 29.94 20.88
CA THR A 394 28.91 28.86 20.78
C THR A 394 29.05 27.95 21.99
N ILE A 395 28.04 27.97 22.85
CA ILE A 395 28.01 27.13 24.03
C ILE A 395 27.65 25.72 23.63
N PHE A 396 26.56 25.62 22.86
CA PHE A 396 26.11 24.32 22.40
C PHE A 396 25.86 24.31 20.91
N GLN A 397 26.56 23.42 20.22
CA GLN A 397 26.34 23.21 18.79
C GLN A 397 26.02 21.75 18.57
N GLU A 398 24.79 21.47 18.11
CA GLU A 398 24.33 20.11 17.95
C GLU A 398 25.20 19.34 16.98
N GLN A 399 25.59 18.13 17.39
CA GLN A 399 26.50 17.32 16.59
C GLN A 399 25.83 16.60 15.42
N LYS A 400 24.61 16.16 15.62
CA LYS A 400 23.93 15.38 14.58
C LYS A 400 22.46 15.74 14.43
N PRO A 401 22.17 16.88 13.79
CA PRO A 401 20.80 17.34 13.53
C PRO A 401 20.03 16.42 12.56
N ASN A 402 20.76 15.56 11.86
CA ASN A 402 20.14 14.65 10.91
C ASN A 402 19.70 13.35 11.58
N SER A 403 19.85 13.28 12.89
CA SER A 403 19.37 12.15 13.67
C SER A 403 17.93 12.36 14.12
N GLU A 404 17.15 11.28 14.13
CA GLU A 404 15.79 11.34 14.66
C GLU A 404 15.80 11.61 16.17
N LEU A 405 16.92 11.27 16.82
CA LEU A 405 17.04 11.43 18.27
C LEU A 405 17.25 12.89 18.65
N SER A 406 17.47 13.74 17.66
CA SER A 406 17.62 15.18 17.89
C SER A 406 16.34 15.96 17.61
N CYS A 407 15.30 15.28 17.13
CA CYS A 407 14.08 15.96 16.72
C CYS A 407 12.89 15.66 17.63
N ARG A 408 12.34 16.70 18.27
CA ARG A 408 11.28 16.53 19.26
C ARG A 408 9.92 16.85 18.67
N PRO A 409 9.03 15.84 18.63
CA PRO A 409 7.70 16.07 18.03
C PRO A 409 6.86 17.08 18.83
N LEU A 410 6.46 18.16 18.18
CA LEU A 410 5.69 19.18 18.85
C LEU A 410 4.17 19.14 18.67
N CYS A 411 3.75 18.53 17.56
CA CYS A 411 2.34 18.55 17.14
C CYS A 411 2.01 17.35 16.24
N LEU A 412 0.81 16.80 16.42
CA LEU A 412 0.41 15.60 15.69
C LEU A 412 -1.02 15.71 15.19
N MET A 413 -1.21 15.53 13.88
CA MET A 413 -2.55 15.64 13.28
C MET A 413 -2.90 14.48 12.38
N PHE A 414 -4.18 14.11 12.36
CA PHE A 414 -4.65 13.32 11.25
C PHE A 414 -5.36 14.28 10.31
N VAL A 415 -4.63 14.72 9.28
CA VAL A 415 -5.16 15.63 8.28
C VAL A 415 -4.38 15.45 7.00
N ASP A 416 -5.03 15.62 5.86
CA ASP A 416 -4.33 15.78 4.60
C ASP A 416 -3.65 17.14 4.60
N GLU A 417 -2.45 17.24 4.04
CA GLU A 417 -1.71 18.49 4.05
C GLU A 417 -2.04 19.36 2.85
N SER A 418 -2.75 18.77 1.88
CA SER A 418 -3.25 19.54 0.75
C SER A 418 -4.67 20.01 1.06
N ASP A 419 -5.12 19.67 2.27
CA ASP A 419 -6.36 20.21 2.77
C ASP A 419 -5.98 21.44 3.59
N HIS A 420 -6.24 22.62 3.03
CA HIS A 420 -5.72 23.86 3.61
C HIS A 420 -6.59 24.34 4.75
N GLU A 421 -7.89 24.12 4.61
CA GLU A 421 -8.87 24.43 5.63
C GLU A 421 -8.42 23.99 7.02
N THR A 422 -8.38 22.68 7.17
CA THR A 422 -8.11 22.05 8.45
C THR A 422 -6.68 22.26 8.90
N LEU A 423 -5.74 22.24 7.96
CA LEU A 423 -4.34 22.45 8.30
C LEU A 423 -4.14 23.82 8.92
N THR A 424 -4.67 24.84 8.27
CA THR A 424 -4.54 26.21 8.80
C THR A 424 -5.31 26.34 10.10
N ALA A 425 -6.44 25.64 10.18
CA ALA A 425 -7.25 25.64 11.41
C ALA A 425 -6.46 25.13 12.62
N ILE A 426 -5.85 23.95 12.50
CA ILE A 426 -5.16 23.35 13.64
C ILE A 426 -3.77 23.94 13.87
N LEU A 427 -3.06 24.26 12.79
CA LEU A 427 -1.70 24.78 12.89
C LEU A 427 -1.65 26.28 13.13
N GLY A 428 -2.81 26.94 13.10
CA GLY A 428 -2.89 28.38 13.32
C GLY A 428 -2.34 28.92 14.63
N PRO A 429 -2.86 28.38 15.76
CA PRO A 429 -2.36 28.73 17.09
C PRO A 429 -0.84 28.61 17.22
N VAL A 430 -0.25 27.54 16.67
CA VAL A 430 1.19 27.33 16.69
C VAL A 430 1.94 28.54 16.10
N VAL A 431 1.55 28.92 14.89
CA VAL A 431 2.20 30.02 14.21
C VAL A 431 2.02 31.30 14.99
N ALA A 432 0.84 31.47 15.60
CA ALA A 432 0.62 32.66 16.41
C ALA A 432 1.60 32.75 17.58
N GLU A 433 1.68 31.68 18.37
CA GLU A 433 2.59 31.73 19.50
C GLU A 433 4.04 31.84 19.02
N ARG A 434 4.31 31.46 17.78
CA ARG A 434 5.59 31.77 17.16
C ARG A 434 5.78 33.28 17.01
N LYS A 435 4.82 33.93 16.33
CA LYS A 435 4.91 35.37 16.07
C LYS A 435 5.02 36.17 17.36
N ALA A 436 4.51 35.62 18.45
CA ALA A 436 4.73 36.23 19.77
C ALA A 436 6.13 35.89 20.30
N MET A 437 6.55 34.64 20.10
CA MET A 437 7.72 34.08 20.76
C MET A 437 9.05 34.70 20.36
N MET A 438 9.13 35.21 19.14
CA MET A 438 10.37 35.76 18.60
C MET A 438 10.72 37.12 19.21
N GLU A 439 9.82 37.65 20.02
CA GLU A 439 9.97 39.01 20.56
C GLU A 439 10.39 39.01 22.01
N SER A 440 9.54 38.48 22.87
CA SER A 440 9.85 38.37 24.29
C SER A 440 11.03 37.43 24.52
N ARG A 441 11.71 37.64 25.64
CA ARG A 441 12.81 36.78 26.03
C ARG A 441 12.38 35.82 27.12
N LEU A 442 12.87 34.58 26.99
CA LEU A 442 12.57 33.53 27.94
C LEU A 442 13.40 33.72 29.19
N ILE A 443 12.86 33.30 30.33
CA ILE A 443 13.58 33.35 31.59
C ILE A 443 13.35 32.05 32.37
N ILE A 444 14.46 31.37 32.64
CA ILE A 444 14.47 30.03 33.20
C ILE A 444 15.49 29.91 34.31
N SER A 445 15.10 29.36 35.46
CA SER A 445 16.10 29.07 36.49
C SER A 445 16.83 27.80 36.09
N VAL A 446 18.13 27.92 35.87
CA VAL A 446 18.94 26.82 35.35
C VAL A 446 20.32 26.82 36.00
N GLY A 447 20.77 25.63 36.41
CA GLY A 447 22.06 25.50 37.06
C GLY A 447 22.10 26.28 38.36
N GLY A 448 20.93 26.46 38.96
CA GLY A 448 20.80 27.22 40.20
C GLY A 448 20.62 28.71 39.97
N LEU A 449 21.02 29.18 38.79
CA LEU A 449 20.93 30.61 38.50
C LEU A 449 19.86 30.91 37.46
N LEU A 450 19.02 31.89 37.74
CA LEU A 450 17.99 32.30 36.80
C LEU A 450 18.64 33.03 35.62
N ARG A 451 18.41 32.52 34.42
CA ARG A 451 19.07 33.01 33.22
C ARG A 451 18.06 33.37 32.13
N SER A 452 18.47 34.25 31.22
CA SER A 452 17.58 34.82 30.23
C SER A 452 18.00 34.47 28.80
N PHE A 453 17.07 33.90 28.04
CA PHE A 453 17.32 33.38 26.70
C PHE A 453 16.62 34.21 25.61
N ARG A 454 17.21 34.20 24.43
CA ARG A 454 16.59 34.72 23.22
C ARG A 454 16.34 33.56 22.27
N PHE A 455 15.40 33.71 21.34
CA PHE A 455 15.11 32.63 20.40
C PHE A 455 15.15 33.03 18.94
N PHE A 456 15.82 32.21 18.13
CA PHE A 456 15.87 32.41 16.69
C PHE A 456 15.24 31.23 15.97
N PHE A 457 14.38 31.54 15.01
CA PHE A 457 13.52 30.56 14.36
C PHE A 457 13.82 30.40 12.87
N ARG A 458 14.29 29.22 12.50
CA ARG A 458 14.53 28.93 11.10
C ARG A 458 13.55 27.89 10.60
N GLY A 459 12.57 28.31 9.81
CA GLY A 459 11.74 27.35 9.10
C GLY A 459 12.61 26.68 8.05
N THR A 460 12.74 25.36 8.15
CA THR A 460 13.58 24.61 7.23
C THR A 460 13.17 23.15 7.27
N GLY A 461 13.59 22.38 6.27
CA GLY A 461 13.30 20.95 6.27
C GLY A 461 11.83 20.73 5.98
N TYR A 462 11.32 21.49 5.01
CA TYR A 462 9.98 21.28 4.50
C TYR A 462 10.16 20.69 3.11
N ASP A 463 9.20 19.90 2.65
CA ASP A 463 9.22 19.54 1.24
C ASP A 463 8.76 20.76 0.47
N GLU A 464 8.86 20.72 -0.85
CA GLU A 464 8.57 21.90 -1.64
C GLU A 464 7.07 22.07 -1.87
N LYS A 465 6.35 20.96 -1.97
CA LYS A 465 4.90 21.03 -2.04
C LYS A 465 4.39 21.75 -0.79
N MET A 466 4.94 21.36 0.36
CA MET A 466 4.60 21.99 1.63
C MET A 466 4.99 23.45 1.63
N VAL A 467 6.20 23.75 1.17
CA VAL A 467 6.66 25.13 1.07
C VAL A 467 5.62 25.95 0.29
N ARG A 468 5.47 25.65 -0.99
CA ARG A 468 4.55 26.35 -1.89
C ARG A 468 3.16 26.50 -1.29
N GLU A 469 2.66 25.43 -0.67
CA GLU A 469 1.35 25.46 -0.03
C GLU A 469 1.28 26.48 1.11
N MET A 470 2.36 26.56 1.89
CA MET A 470 2.38 27.43 3.06
C MET A 470 2.67 28.90 2.75
N GLU A 471 3.43 29.19 1.71
CA GLU A 471 3.70 30.59 1.37
C GLU A 471 2.73 31.12 0.31
N GLY A 472 1.77 30.31 -0.10
CA GLY A 472 0.79 30.74 -1.06
C GLY A 472 1.32 30.85 -2.48
N LEU A 473 2.20 29.93 -2.85
CA LEU A 473 2.78 29.91 -4.19
C LEU A 473 2.13 28.82 -5.05
N GLU A 474 2.51 28.77 -6.32
CA GLU A 474 1.95 27.79 -7.25
C GLU A 474 2.67 26.46 -7.14
N ALA A 475 1.95 25.36 -7.32
CA ALA A 475 2.49 24.07 -6.94
C ALA A 475 2.23 22.90 -7.89
N SER A 476 3.25 22.05 -8.02
CA SER A 476 4.62 22.49 -7.78
C SER A 476 5.38 22.65 -9.11
N GLY A 477 4.74 22.27 -10.20
CA GLY A 477 5.40 22.19 -11.49
C GLY A 477 5.05 23.32 -12.45
N SER A 478 4.63 24.45 -11.88
CA SER A 478 4.11 25.54 -12.69
C SER A 478 5.21 26.30 -13.44
N THR A 479 4.82 27.40 -14.07
CA THR A 479 5.74 28.22 -14.84
C THR A 479 6.61 29.07 -13.92
N TYR A 480 6.28 29.10 -12.63
CA TYR A 480 7.18 29.75 -11.69
C TYR A 480 7.78 28.71 -10.75
N ILE A 481 9.05 28.42 -11.01
CA ILE A 481 9.71 27.23 -10.49
C ILE A 481 10.52 27.49 -9.25
N CYS A 482 10.54 28.74 -8.80
CA CYS A 482 11.42 29.05 -7.68
C CYS A 482 10.70 29.61 -6.44
N THR A 483 11.10 29.05 -5.31
CA THR A 483 10.69 29.50 -4.01
C THR A 483 11.49 30.73 -3.59
N LEU A 484 12.77 30.75 -3.95
CA LEU A 484 13.67 31.82 -3.53
C LEU A 484 13.93 32.92 -4.57
N CYS A 485 13.38 32.80 -5.77
CA CYS A 485 13.59 33.83 -6.80
C CYS A 485 12.45 33.85 -7.83
N ASP A 486 12.42 34.90 -8.64
CA ASP A 486 11.27 35.22 -9.49
C ASP A 486 11.31 34.68 -10.92
N SER A 487 12.35 33.93 -11.27
CA SER A 487 12.52 33.53 -12.66
C SER A 487 11.57 32.42 -13.08
N THR A 488 11.07 32.52 -14.31
CA THR A 488 10.22 31.49 -14.90
C THR A 488 11.08 30.32 -15.36
N ARG A 489 10.47 29.40 -16.11
CA ARG A 489 11.19 28.25 -16.63
C ARG A 489 12.12 28.66 -17.77
N ALA A 490 11.55 29.20 -18.85
CA ALA A 490 12.33 29.64 -20.01
C ALA A 490 13.51 30.55 -19.63
N GLU A 491 13.22 31.55 -18.80
CA GLU A 491 14.23 32.46 -18.29
C GLU A 491 15.35 31.70 -17.57
N ALA A 492 14.98 30.60 -16.91
CA ALA A 492 15.96 29.79 -16.18
C ALA A 492 16.75 28.87 -17.10
N SER A 493 16.14 28.48 -18.22
CA SER A 493 16.79 27.59 -19.18
C SER A 493 17.82 28.35 -20.02
N GLN A 494 17.48 29.59 -20.38
CA GLN A 494 18.41 30.44 -21.11
C GLN A 494 19.70 30.66 -20.33
N ASN A 495 19.61 31.43 -19.25
CA ASN A 495 20.74 31.63 -18.36
C ASN A 495 20.49 30.90 -17.05
N MET A 496 21.19 29.80 -16.85
CA MET A 496 20.96 28.93 -15.71
C MET A 496 21.52 29.46 -14.39
N VAL A 497 22.80 29.80 -14.38
CA VAL A 497 23.55 29.97 -13.14
C VAL A 497 23.43 31.32 -12.42
N LEU A 498 23.05 32.38 -13.12
CA LEU A 498 23.07 33.69 -12.48
C LEU A 498 21.68 34.14 -12.06
N HIS A 499 21.42 34.09 -10.74
CA HIS A 499 20.18 34.56 -10.14
C HIS A 499 20.48 35.06 -8.73
N SER A 500 19.84 36.16 -8.34
CA SER A 500 19.98 36.68 -6.98
C SER A 500 18.69 36.42 -6.20
N ILE A 501 18.84 35.95 -4.96
CA ILE A 501 17.68 35.58 -4.14
C ILE A 501 16.82 36.78 -3.76
N THR A 502 15.52 36.64 -3.96
CA THR A 502 14.56 37.73 -3.79
C THR A 502 13.48 37.40 -2.77
N ARG A 503 12.72 36.35 -3.04
CA ARG A 503 11.52 35.98 -2.28
C ARG A 503 11.70 35.93 -0.76
N SER A 504 10.69 36.46 -0.06
CA SER A 504 10.63 36.44 1.40
C SER A 504 9.17 36.57 1.84
N HIS A 505 8.89 36.30 3.11
CA HIS A 505 7.51 36.29 3.60
C HIS A 505 6.80 37.65 3.53
N ASP A 506 7.43 38.70 4.05
CA ASP A 506 6.77 40.01 4.16
C ASP A 506 6.28 40.53 2.81
N GLU A 507 7.16 40.54 1.83
CA GLU A 507 6.78 41.03 0.52
C GLU A 507 5.98 39.98 -0.22
N ASN A 508 5.99 38.73 0.25
CA ASN A 508 5.06 37.73 -0.30
C ASN A 508 3.65 38.12 0.11
N LEU A 509 3.53 38.67 1.32
CA LEU A 509 2.26 39.21 1.79
C LEU A 509 1.87 40.42 0.94
N GLU A 510 2.82 41.34 0.74
CA GLU A 510 2.58 42.49 -0.12
C GLU A 510 2.14 42.05 -1.52
N ARG A 511 2.74 40.96 -2.01
CA ARG A 511 2.39 40.37 -3.29
C ARG A 511 0.96 39.88 -3.28
N TYR A 512 0.57 39.16 -2.22
CA TYR A 512 -0.80 38.70 -2.11
C TYR A 512 -1.77 39.86 -2.16
N GLU A 513 -1.44 40.95 -1.48
CA GLU A 513 -2.33 42.11 -1.50
C GLU A 513 -2.42 42.70 -2.91
N ILE A 514 -1.28 42.73 -3.61
CA ILE A 514 -1.26 43.19 -5.00
C ILE A 514 -2.17 42.31 -5.89
N TRP A 515 -2.13 40.99 -5.68
CA TRP A 515 -2.94 40.07 -6.46
C TRP A 515 -4.43 40.19 -6.15
N ARG A 516 -4.76 40.08 -4.86
CA ARG A 516 -6.14 40.06 -4.39
C ARG A 516 -6.84 41.37 -4.70
N LYS A 517 -6.13 42.48 -4.47
CA LYS A 517 -6.72 43.79 -4.75
C LYS A 517 -6.61 44.14 -6.23
N ASN A 518 -5.49 43.75 -6.86
CA ASN A 518 -5.23 44.08 -8.26
C ASN A 518 -5.44 45.56 -8.55
N PRO A 519 -4.55 46.41 -8.01
CA PRO A 519 -4.74 47.86 -7.99
C PRO A 519 -4.70 48.52 -9.36
N PHE A 520 -3.90 47.98 -10.27
CA PHE A 520 -3.70 48.59 -11.57
C PHE A 520 -4.64 48.03 -12.63
N SER A 521 -5.53 47.13 -12.21
CA SER A 521 -6.57 46.57 -13.09
C SER A 521 -5.98 45.85 -14.31
N GLU A 522 -5.39 44.68 -14.09
CA GLU A 522 -4.74 43.94 -15.16
C GLU A 522 -5.44 42.61 -15.44
N SER A 523 -5.24 42.11 -16.66
CA SER A 523 -5.82 40.82 -17.05
C SER A 523 -5.23 39.70 -16.20
N ALA A 524 -5.94 38.57 -16.16
CA ALA A 524 -5.59 37.46 -15.28
C ALA A 524 -4.13 37.04 -15.42
N ASP A 525 -3.70 36.79 -16.65
CA ASP A 525 -2.34 36.32 -16.90
C ASP A 525 -1.31 37.43 -16.73
N GLU A 526 -1.69 38.66 -17.05
CA GLU A 526 -0.78 39.80 -16.88
C GLU A 526 -0.55 40.03 -15.39
N LEU A 527 -1.60 39.87 -14.61
CA LEU A 527 -1.53 40.02 -13.16
C LEU A 527 -0.72 38.88 -12.54
N ARG A 528 -0.93 37.67 -13.03
CA ARG A 528 -0.22 36.52 -12.50
C ARG A 528 1.26 36.53 -12.93
N ASP A 529 1.55 37.22 -14.03
CA ASP A 529 2.95 37.40 -14.44
C ASP A 529 3.61 38.53 -13.66
N ARG A 530 2.82 39.53 -13.28
CA ARG A 530 3.36 40.64 -12.49
C ARG A 530 3.74 40.19 -11.09
N VAL A 531 2.78 39.58 -10.40
CA VAL A 531 2.97 39.18 -9.01
C VAL A 531 3.78 37.88 -8.95
N LYS A 532 3.90 37.23 -10.10
CA LYS A 532 4.78 36.09 -10.30
C LYS A 532 4.53 34.94 -9.33
N GLY A 533 3.37 34.32 -9.47
CA GLY A 533 3.09 33.09 -8.75
C GLY A 533 2.38 33.23 -7.43
N VAL A 534 2.16 34.47 -6.98
CA VAL A 534 1.44 34.66 -5.73
C VAL A 534 -0.05 34.88 -5.97
N SER A 535 -0.85 33.88 -5.58
CA SER A 535 -2.29 33.95 -5.67
C SER A 535 -2.84 33.85 -4.26
N ALA A 536 -2.53 32.74 -3.61
CA ALA A 536 -2.91 32.50 -2.22
C ALA A 536 -2.17 33.41 -1.23
N LYS A 537 -2.73 33.51 -0.03
CA LYS A 537 -2.09 34.25 1.06
C LYS A 537 -1.20 33.34 1.89
N PRO A 538 0.06 33.76 2.12
CA PRO A 538 0.99 33.01 2.98
C PRO A 538 0.53 32.94 4.42
N PHE A 539 0.51 31.75 5.01
CA PHE A 539 0.26 31.62 6.44
C PHE A 539 1.54 31.85 7.25
N MET A 540 2.60 31.19 6.85
CA MET A 540 3.74 30.97 7.75
C MET A 540 5.08 31.39 7.14
N GLU A 541 5.89 32.12 7.91
CA GLU A 541 7.20 32.54 7.43
C GLU A 541 8.24 31.44 7.57
N THR A 542 8.92 31.14 6.47
CA THR A 542 10.02 30.19 6.46
C THR A 542 11.27 30.80 5.84
N GLN A 543 12.44 30.34 6.27
CA GLN A 543 13.69 30.81 5.71
C GLN A 543 13.82 30.40 4.25
N PRO A 544 14.42 31.28 3.43
CA PRO A 544 14.65 31.02 2.00
C PRO A 544 15.78 30.00 1.78
N THR A 545 15.49 28.72 1.87
CA THR A 545 16.55 27.72 1.73
C THR A 545 16.15 26.42 1.04
N LEU A 546 17.18 25.68 0.66
CA LEU A 546 17.05 24.46 -0.10
C LEU A 546 17.19 23.22 0.80
N ASP A 547 16.20 22.35 0.76
CA ASP A 547 16.27 21.11 1.53
C ASP A 547 17.27 20.15 0.90
N ALA A 548 18.16 19.60 1.70
CA ALA A 548 19.22 18.73 1.18
C ALA A 548 18.64 17.42 0.61
N LEU A 549 17.79 16.76 1.38
CA LEU A 549 17.28 15.44 1.01
C LEU A 549 16.52 15.42 -0.31
N HIS A 550 15.44 16.20 -0.38
CA HIS A 550 14.57 16.20 -1.56
C HIS A 550 15.32 16.70 -2.78
N CYS A 551 16.40 17.43 -2.56
CA CYS A 551 17.23 17.89 -3.67
C CYS A 551 18.12 16.78 -4.19
N ASP A 552 18.72 16.01 -3.30
CA ASP A 552 19.45 14.82 -3.71
C ASP A 552 18.52 13.91 -4.51
N ILE A 553 17.33 13.67 -3.96
CA ILE A 553 16.32 12.85 -4.59
C ILE A 553 15.86 13.37 -5.96
N GLY A 554 15.54 14.65 -6.02
CA GLY A 554 15.03 15.26 -7.24
C GLY A 554 16.07 15.35 -8.35
N ASN A 555 17.30 15.71 -7.99
CA ASN A 555 18.36 15.70 -8.98
C ASN A 555 18.63 14.27 -9.45
N ALA A 556 18.46 13.31 -8.55
CA ALA A 556 18.64 11.91 -8.91
C ALA A 556 17.55 11.39 -9.84
N THR A 557 16.32 11.92 -9.70
CA THR A 557 15.24 11.50 -10.59
C THR A 557 15.45 12.16 -11.95
N GLU A 558 15.96 13.39 -11.94
CA GLU A 558 16.31 14.06 -13.19
C GLU A 558 17.36 13.24 -13.93
N PHE A 559 18.38 12.81 -13.20
CA PHE A 559 19.46 12.01 -13.78
C PHE A 559 18.96 10.65 -14.25
N TYR A 560 18.01 10.09 -13.50
CA TYR A 560 17.34 8.86 -13.91
C TYR A 560 16.77 9.06 -15.31
N LYS A 561 16.09 10.20 -15.48
CA LYS A 561 15.56 10.58 -16.79
C LYS A 561 16.64 10.75 -17.85
N ILE A 562 17.77 11.35 -17.50
CA ILE A 562 18.83 11.58 -18.48
C ILE A 562 19.49 10.28 -18.95
N PHE A 563 19.82 9.39 -18.02
CA PHE A 563 20.35 8.06 -18.36
C PHE A 563 19.37 7.32 -19.26
N GLN A 564 18.13 7.27 -18.79
CA GLN A 564 17.03 6.65 -19.52
C GLN A 564 16.97 7.18 -20.94
N ASP A 565 17.22 8.48 -21.08
CA ASP A 565 17.23 9.13 -22.38
C ASP A 565 18.46 8.74 -23.20
N GLU A 566 19.59 8.52 -22.54
CA GLU A 566 20.84 8.29 -23.24
C GLU A 566 21.08 6.82 -23.55
N ILE A 567 20.11 5.97 -23.22
CA ILE A 567 20.23 4.56 -23.63
C ILE A 567 19.99 4.43 -25.15
N GLY A 568 18.75 4.60 -25.60
CA GLY A 568 18.50 4.75 -27.02
C GLY A 568 18.74 6.21 -27.33
N GLU A 569 19.30 6.54 -28.50
CA GLU A 569 19.66 7.93 -28.72
C GLU A 569 18.39 8.74 -28.86
N VAL A 570 18.19 9.67 -27.93
CA VAL A 570 16.96 10.45 -27.87
C VAL A 570 17.13 11.86 -28.43
N TYR A 571 18.35 12.25 -28.76
CA TYR A 571 18.56 13.50 -29.49
C TYR A 571 18.56 13.27 -30.99
N GLN A 572 18.68 12.01 -31.39
CA GLN A 572 18.60 11.63 -32.80
C GLN A 572 17.15 11.44 -33.25
N LYS A 573 16.29 11.11 -32.29
CA LYS A 573 14.88 10.85 -32.56
C LYS A 573 14.04 11.78 -31.69
N PRO A 574 13.63 12.94 -32.25
CA PRO A 574 12.97 14.01 -31.50
C PRO A 574 11.85 13.52 -30.58
N ASN A 575 11.04 12.57 -31.05
CA ASN A 575 10.17 11.84 -30.13
C ASN A 575 10.10 10.34 -30.41
N PRO A 576 10.18 9.52 -29.34
CA PRO A 576 10.00 8.07 -29.22
C PRO A 576 8.54 7.60 -29.10
N SER A 577 8.30 6.33 -29.37
CA SER A 577 7.06 5.70 -28.93
C SER A 577 7.14 5.38 -27.44
N ARG A 578 6.00 5.42 -26.74
CA ARG A 578 5.98 5.12 -25.30
C ARG A 578 6.52 3.73 -25.02
N GLU A 579 6.25 2.83 -25.96
CA GLU A 579 6.68 1.45 -25.86
C GLU A 579 8.21 1.33 -25.74
N GLU A 580 8.94 2.04 -26.59
CA GLU A 580 10.40 1.97 -26.55
C GLU A 580 10.98 2.77 -25.37
N ARG A 581 10.17 3.65 -24.79
CA ARG A 581 10.55 4.30 -23.54
C ARG A 581 10.53 3.28 -22.42
N ARG A 582 9.40 2.58 -22.31
CA ARG A 582 9.25 1.47 -21.37
C ARG A 582 10.39 0.47 -21.55
N ARG A 583 10.73 0.20 -22.80
CA ARG A 583 11.87 -0.65 -23.15
C ARG A 583 13.16 -0.09 -22.54
N TRP A 584 13.37 1.22 -22.71
CA TRP A 584 14.56 1.90 -22.19
C TRP A 584 14.68 1.82 -20.67
N ARG A 585 13.56 1.97 -19.97
CA ARG A 585 13.61 1.86 -18.51
C ARG A 585 13.90 0.42 -18.11
N SER A 586 13.30 -0.53 -18.82
CA SER A 586 13.55 -1.94 -18.54
C SER A 586 15.04 -2.26 -18.62
N THR A 587 15.67 -1.93 -19.75
CA THR A 587 17.10 -2.19 -19.87
C THR A 587 17.91 -1.43 -18.79
N LEU A 588 17.53 -0.16 -18.57
CA LEU A 588 18.23 0.65 -17.57
C LEU A 588 18.26 0.00 -16.20
N ASP A 589 17.08 -0.38 -15.69
CA ASP A 589 16.98 -0.94 -14.36
C ASP A 589 17.56 -2.35 -14.28
N LYS A 590 17.38 -3.14 -15.32
CA LYS A 590 17.96 -4.48 -15.35
C LYS A 590 19.48 -4.39 -15.16
N GLN A 591 20.13 -3.55 -15.97
CA GLN A 591 21.57 -3.34 -15.83
C GLN A 591 21.94 -2.72 -14.47
N LEU A 592 21.17 -1.73 -14.03
CA LEU A 592 21.47 -1.04 -12.77
C LEU A 592 21.50 -2.01 -11.61
N ARG A 593 20.48 -2.87 -11.54
CA ARG A 593 20.47 -3.95 -10.56
C ARG A 593 21.65 -4.89 -10.75
N LYS A 594 21.96 -5.21 -12.01
CA LYS A 594 23.08 -6.09 -12.30
C LYS A 594 24.38 -5.62 -11.64
N LYS A 595 24.73 -4.36 -11.87
CA LYS A 595 26.00 -3.83 -11.36
C LYS A 595 25.85 -3.06 -10.04
N MET A 596 25.10 -1.97 -10.05
CA MET A 596 25.01 -1.07 -8.90
C MET A 596 24.23 -1.62 -7.71
N LYS A 597 23.68 -2.83 -7.86
CA LYS A 597 22.97 -3.50 -6.77
C LYS A 597 21.75 -2.71 -6.35
N LEU A 598 20.96 -2.30 -7.33
CA LEU A 598 19.80 -1.48 -7.07
C LEU A 598 18.54 -2.05 -7.71
N LYS A 599 17.59 -2.48 -6.88
CA LYS A 599 16.29 -2.91 -7.37
C LYS A 599 15.58 -1.73 -8.02
N PRO A 600 14.65 -2.00 -8.94
CA PRO A 600 13.90 -0.86 -9.46
C PRO A 600 12.95 -0.33 -8.38
N VAL A 601 12.72 0.98 -8.35
CA VAL A 601 11.89 1.57 -7.30
C VAL A 601 10.71 2.34 -7.89
N MET A 602 9.60 2.34 -7.15
CA MET A 602 8.37 2.98 -7.58
C MET A 602 8.46 4.49 -7.39
N ARG A 603 9.10 4.87 -6.30
CA ARG A 603 9.37 6.26 -5.99
C ARG A 603 10.86 6.40 -5.85
N MET A 604 11.35 7.63 -5.85
CA MET A 604 12.77 7.85 -5.65
C MET A 604 13.01 8.08 -4.17
N ASN A 605 13.59 7.08 -3.49
CA ASN A 605 14.04 7.25 -2.12
C ASN A 605 15.42 7.90 -2.10
N GLY A 606 15.76 8.54 -0.99
CA GLY A 606 17.06 9.18 -0.85
C GLY A 606 18.23 8.21 -0.89
N ASN A 607 18.05 7.02 -0.33
CA ASN A 607 19.09 5.99 -0.27
C ASN A 607 19.46 5.50 -1.68
N TYR A 608 18.44 5.22 -2.47
CA TYR A 608 18.62 4.91 -3.89
C TYR A 608 19.35 6.06 -4.56
N ALA A 609 18.91 7.28 -4.27
CA ALA A 609 19.49 8.49 -4.86
C ALA A 609 20.98 8.65 -4.52
N ARG A 610 21.39 8.14 -3.35
CA ARG A 610 22.79 8.20 -2.95
C ARG A 610 23.62 7.10 -3.61
N ARG A 611 23.05 5.91 -3.68
CA ARG A 611 23.73 4.82 -4.39
C ARG A 611 23.74 5.05 -5.89
N LEU A 612 22.97 6.06 -6.33
CA LEU A 612 22.79 6.36 -7.75
C LEU A 612 23.84 7.31 -8.27
N MET A 613 23.92 8.51 -7.71
CA MET A 613 24.86 9.46 -8.30
C MET A 613 26.22 9.25 -7.67
N THR A 614 27.08 8.66 -8.47
CA THR A 614 28.42 8.24 -8.10
C THR A 614 29.14 8.09 -9.43
N ARG A 615 30.46 7.98 -9.42
CA ARG A 615 31.14 7.62 -10.65
C ARG A 615 30.77 6.18 -11.03
N GLU A 616 30.59 5.35 -10.00
CA GLU A 616 30.27 3.93 -10.18
C GLU A 616 29.07 3.68 -11.10
N ALA A 617 27.94 4.27 -10.76
CA ALA A 617 26.70 4.02 -11.49
C ALA A 617 26.69 4.67 -12.86
N VAL A 618 27.38 5.79 -12.99
CA VAL A 618 27.47 6.45 -14.28
C VAL A 618 28.30 5.60 -15.23
N GLU A 619 29.38 5.02 -14.70
CA GLU A 619 30.18 4.09 -15.50
C GLU A 619 29.44 2.77 -15.67
N ALA A 620 28.38 2.58 -14.89
CA ALA A 620 27.50 1.43 -15.09
C ALA A 620 26.55 1.68 -16.26
N VAL A 621 26.08 2.92 -16.40
CA VAL A 621 25.15 3.26 -17.48
C VAL A 621 25.92 3.71 -18.73
N CYS A 622 27.24 3.85 -18.59
CA CYS A 622 28.08 4.22 -19.72
C CYS A 622 28.37 3.02 -20.61
N GLU A 623 27.98 1.84 -20.15
CA GLU A 623 28.12 0.62 -20.93
C GLU A 623 27.05 0.59 -22.02
N LEU A 624 25.87 1.06 -21.68
CA LEU A 624 24.71 1.04 -22.58
C LEU A 624 24.82 2.02 -23.74
N VAL A 625 25.07 3.29 -23.43
CA VAL A 625 25.05 4.35 -24.44
C VAL A 625 26.16 4.14 -25.48
N PRO A 626 25.75 3.92 -26.74
CA PRO A 626 26.65 3.52 -27.83
C PRO A 626 27.64 4.59 -28.28
N SER A 627 27.30 5.87 -28.08
CA SER A 627 28.17 6.95 -28.54
C SER A 627 29.24 7.28 -27.52
N GLU A 628 30.49 7.36 -27.97
CA GLU A 628 31.62 7.48 -27.06
C GLU A 628 31.98 8.93 -26.70
N GLU A 629 31.42 9.91 -27.40
CA GLU A 629 31.61 11.29 -26.96
C GLU A 629 30.44 11.74 -26.07
N ARG A 630 29.38 10.93 -26.01
CA ARG A 630 28.29 11.16 -25.07
C ARG A 630 28.62 10.58 -23.70
N ARG A 631 29.43 9.51 -23.71
CA ARG A 631 29.78 8.80 -22.49
C ARG A 631 30.53 9.70 -21.52
N GLU A 632 31.63 10.29 -21.97
CA GLU A 632 32.41 11.18 -21.10
C GLU A 632 31.69 12.51 -20.95
N ALA A 633 30.69 12.76 -21.81
CA ALA A 633 29.79 13.88 -21.59
C ALA A 633 29.07 13.72 -20.25
N LEU A 634 28.24 12.69 -20.13
CA LEU A 634 27.50 12.53 -18.87
C LEU A 634 28.41 12.07 -17.72
N LEU A 635 29.58 11.51 -18.05
CA LEU A 635 30.54 11.12 -17.02
C LEU A 635 31.18 12.34 -16.38
N LYS A 636 31.69 13.24 -17.22
CA LYS A 636 32.24 14.51 -16.75
C LYS A 636 31.15 15.31 -16.04
N LEU A 637 29.93 15.21 -16.57
CA LEU A 637 28.77 15.81 -15.93
C LEU A 637 28.64 15.35 -14.48
N MET A 638 28.64 14.03 -14.28
CA MET A 638 28.52 13.46 -12.95
C MET A 638 29.72 13.82 -12.06
N ASP A 639 30.90 13.94 -12.66
CA ASP A 639 32.08 14.32 -11.88
C ASP A 639 31.91 15.73 -11.34
N LEU A 640 31.47 16.65 -12.21
CA LEU A 640 31.17 18.01 -11.80
C LEU A 640 30.15 18.03 -10.67
N TYR A 641 29.07 17.28 -10.88
CA TYR A 641 28.00 17.21 -9.90
C TYR A 641 28.46 16.70 -8.53
N LEU A 642 29.29 15.66 -8.54
CA LEU A 642 29.87 15.13 -7.31
C LEU A 642 30.75 16.19 -6.66
N GLN A 643 31.47 16.95 -7.48
CA GLN A 643 32.33 17.98 -6.94
C GLN A 643 31.52 19.10 -6.29
N MET A 644 30.27 19.29 -6.74
CA MET A 644 29.41 20.29 -6.09
C MET A 644 28.39 19.77 -5.05
N LYS A 645 28.36 18.45 -4.84
CA LYS A 645 27.40 17.82 -3.90
C LYS A 645 27.61 18.16 -2.39
N PRO A 646 28.85 18.05 -1.89
CA PRO A 646 29.00 18.23 -0.43
C PRO A 646 28.74 19.65 0.04
N VAL A 647 28.80 20.63 -0.86
CA VAL A 647 28.63 22.02 -0.46
C VAL A 647 27.23 22.27 0.12
N TRP A 648 26.20 21.71 -0.52
CA TRP A 648 24.89 21.74 0.12
C TRP A 648 24.73 20.62 1.14
N ARG A 649 25.29 19.43 0.85
CA ARG A 649 24.94 18.29 1.72
C ARG A 649 25.83 18.09 2.97
N SER A 650 26.98 18.74 3.05
CA SER A 650 27.81 18.60 4.27
C SER A 650 27.21 19.36 5.44
N THR A 651 27.64 19.00 6.65
CA THR A 651 27.12 19.66 7.84
C THR A 651 27.64 21.08 7.97
N CYS A 652 28.94 21.27 7.76
CA CYS A 652 29.51 22.63 7.73
C CYS A 652 30.57 22.80 6.64
N PRO A 653 30.11 23.13 5.42
CA PRO A 653 30.93 23.31 4.21
C PRO A 653 32.13 24.24 4.37
N SER A 654 31.97 25.38 5.04
CA SER A 654 33.06 26.33 5.22
C SER A 654 34.30 25.67 5.82
N ARG A 655 34.03 24.67 6.65
CA ARG A 655 35.07 23.95 7.37
C ARG A 655 35.39 22.61 6.70
N ASP A 656 34.36 21.76 6.64
CA ASP A 656 34.49 20.39 6.14
C ASP A 656 35.11 20.25 4.74
N CYS A 657 34.62 21.03 3.79
CA CYS A 657 35.05 20.91 2.40
C CYS A 657 35.25 22.27 1.74
N PRO A 658 36.30 22.99 2.18
CA PRO A 658 36.49 24.41 1.86
C PRO A 658 36.71 24.72 0.38
N ASP A 659 37.43 23.86 -0.33
CA ASP A 659 37.78 24.14 -1.72
C ASP A 659 36.60 23.89 -2.67
N GLN A 660 35.69 23.01 -2.28
CA GLN A 660 34.52 22.73 -3.10
C GLN A 660 33.50 23.85 -2.97
N LEU A 661 33.46 24.46 -1.79
CA LEU A 661 32.68 25.68 -1.60
C LEU A 661 33.34 26.83 -2.35
N CYS A 662 34.67 26.86 -2.30
CA CYS A 662 35.44 27.91 -2.95
C CYS A 662 35.22 27.94 -4.45
N GLN A 663 35.21 26.76 -5.07
CA GLN A 663 35.13 26.65 -6.52
C GLN A 663 33.72 26.38 -7.08
N TYR A 664 32.71 26.39 -6.23
CA TYR A 664 31.34 26.06 -6.64
C TYR A 664 30.87 26.80 -7.90
N SER A 665 30.78 28.14 -7.85
CA SER A 665 30.21 28.95 -8.93
C SER A 665 30.76 28.61 -10.33
N TYR A 666 32.08 28.55 -10.44
CA TYR A 666 32.75 28.18 -11.69
C TYR A 666 32.33 26.77 -12.14
N ASN A 667 32.29 25.86 -11.17
CA ASN A 667 31.91 24.48 -11.41
C ASN A 667 30.49 24.35 -11.95
N SER A 668 29.58 25.12 -11.36
CA SER A 668 28.18 25.11 -11.78
C SER A 668 28.02 25.79 -13.13
N GLN A 669 28.90 26.76 -13.43
CA GLN A 669 28.94 27.34 -14.76
C GLN A 669 29.26 26.23 -15.77
N GLN A 670 30.31 25.48 -15.49
CA GLN A 670 30.72 24.35 -16.34
C GLN A 670 29.56 23.37 -16.56
N PHE A 671 28.96 22.94 -15.47
CA PHE A 671 27.81 22.04 -15.52
C PHE A 671 26.70 22.58 -16.42
N ALA A 672 26.32 23.83 -16.15
CA ALA A 672 25.25 24.50 -16.85
C ALA A 672 25.46 24.57 -18.36
N ASP A 673 26.62 25.06 -18.80
CA ASP A 673 26.81 25.15 -20.25
C ASP A 673 27.12 23.79 -20.86
N LEU A 674 27.46 22.81 -20.02
CA LEU A 674 27.51 21.43 -20.51
C LEU A 674 26.10 21.00 -20.90
N LEU A 675 25.12 21.32 -20.07
CA LEU A 675 23.72 21.09 -20.44
C LEU A 675 23.33 21.89 -21.69
N SER A 676 23.51 23.20 -21.63
CA SER A 676 23.08 24.09 -22.69
C SER A 676 23.69 23.76 -24.06
N SER A 677 24.92 23.25 -24.05
CA SER A 677 25.57 22.83 -25.28
C SER A 677 25.17 21.41 -25.65
N MET A 678 25.65 20.45 -24.87
CA MET A 678 25.58 19.05 -25.24
C MET A 678 24.18 18.44 -25.06
N PHE A 679 23.52 18.77 -23.95
CA PHE A 679 22.23 18.16 -23.59
C PHE A 679 21.01 18.98 -23.99
N LYS A 680 21.21 20.07 -24.73
CA LYS A 680 20.16 21.06 -24.96
C LYS A 680 18.83 20.50 -25.46
N TYR A 681 18.88 19.37 -26.17
CA TYR A 681 17.68 18.77 -26.74
C TYR A 681 16.60 18.52 -25.67
N ARG A 682 17.03 18.19 -24.45
CA ARG A 682 16.11 18.08 -23.33
C ARG A 682 15.80 19.43 -22.69
N TYR A 683 16.85 20.23 -22.50
CA TYR A 683 16.79 21.40 -21.62
C TYR A 683 16.55 22.74 -22.32
N ASP A 684 16.22 22.68 -23.60
CA ASP A 684 15.94 23.86 -24.42
C ASP A 684 15.07 24.91 -23.72
N GLY A 685 13.80 24.59 -23.47
CA GLY A 685 12.89 25.54 -22.85
C GLY A 685 12.47 25.21 -21.44
N LYS A 686 13.08 24.18 -20.85
CA LYS A 686 12.62 23.69 -19.55
C LYS A 686 13.77 23.21 -18.67
N ILE A 687 13.57 23.29 -17.35
CA ILE A 687 14.43 22.59 -16.39
C ILE A 687 13.71 22.35 -15.06
N THR A 688 14.25 21.41 -14.29
CA THR A 688 13.72 21.03 -12.98
C THR A 688 13.83 22.20 -11.98
N ASN A 689 12.89 22.27 -11.04
CA ASN A 689 12.99 23.22 -9.94
C ASN A 689 14.29 23.07 -9.14
N TYR A 690 14.43 21.91 -8.50
CA TYR A 690 15.60 21.62 -7.67
C TYR A 690 16.91 21.74 -8.44
N LEU A 691 16.92 21.22 -9.66
CA LEU A 691 18.10 21.32 -10.51
C LEU A 691 18.40 22.79 -10.82
N HIS A 692 17.36 23.62 -10.87
CA HIS A 692 17.58 25.05 -11.06
C HIS A 692 18.23 25.67 -9.85
N LYS A 693 17.63 25.44 -8.68
CA LYS A 693 18.13 26.01 -7.43
C LYS A 693 19.59 25.63 -7.21
N THR A 694 19.89 24.35 -7.38
CA THR A 694 21.21 23.80 -7.07
C THR A 694 22.27 24.30 -8.04
N LEU A 695 21.86 24.78 -9.21
CA LEU A 695 22.79 25.34 -10.18
C LEU A 695 22.83 26.85 -10.09
N ALA A 696 22.09 27.40 -9.14
CA ALA A 696 22.00 28.84 -8.98
C ALA A 696 22.29 29.30 -7.56
N HIS A 697 21.42 28.90 -6.63
CA HIS A 697 21.34 29.55 -5.32
C HIS A 697 22.09 28.90 -4.14
N VAL A 698 22.79 27.80 -4.36
CA VAL A 698 23.62 27.21 -3.30
C VAL A 698 24.67 28.17 -2.70
N PRO A 699 25.50 28.81 -3.56
CA PRO A 699 26.56 29.66 -3.01
C PRO A 699 25.99 30.82 -2.21
N GLU A 700 24.89 31.38 -2.67
CA GLU A 700 24.25 32.49 -1.98
C GLU A 700 23.85 32.09 -0.55
N ILE A 701 23.23 30.93 -0.41
CA ILE A 701 22.72 30.53 0.90
C ILE A 701 23.83 30.11 1.86
N VAL A 702 24.80 29.31 1.40
CA VAL A 702 25.77 28.79 2.38
C VAL A 702 26.65 29.91 2.96
N GLU A 703 26.68 31.07 2.33
CA GLU A 703 27.34 32.22 2.95
C GLU A 703 26.32 33.10 3.67
N ARG A 704 25.05 32.74 3.56
CA ARG A 704 23.98 33.36 4.35
C ARG A 704 23.67 32.58 5.62
N ASP A 705 24.21 31.36 5.69
CA ASP A 705 23.91 30.42 6.76
C ASP A 705 25.19 29.91 7.36
N GLY A 706 26.00 29.29 6.51
CA GLY A 706 27.18 28.56 6.91
C GLY A 706 26.97 27.09 6.64
N SER A 707 25.71 26.72 6.40
CA SER A 707 25.38 25.36 6.00
C SER A 707 24.02 25.25 5.31
N ILE A 708 23.85 24.18 4.55
CA ILE A 708 22.56 23.84 3.96
C ILE A 708 22.13 22.49 4.54
N GLY A 709 22.93 21.46 4.32
CA GLY A 709 22.66 20.13 4.83
C GLY A 709 22.40 20.03 6.33
N ALA A 710 23.00 20.94 7.10
CA ALA A 710 22.79 20.94 8.55
C ALA A 710 21.33 21.20 8.89
N TRP A 711 20.64 21.89 7.99
CA TRP A 711 19.26 22.30 8.19
C TRP A 711 18.23 21.35 7.57
N ALA A 712 18.70 20.20 7.09
CA ALA A 712 17.93 19.41 6.13
C ALA A 712 16.65 18.79 6.68
N SER A 713 15.93 18.10 5.80
CA SER A 713 14.63 17.53 6.11
C SER A 713 14.80 16.12 6.67
N GLU A 714 16.05 15.74 6.88
CA GLU A 714 16.38 14.41 7.39
C GLU A 714 15.93 14.18 8.83
N GLY A 715 16.27 15.12 9.71
CA GLY A 715 15.90 15.03 11.11
C GLY A 715 14.40 14.84 11.27
N ASN A 716 13.63 15.59 10.50
CA ASN A 716 12.18 15.52 10.60
C ASN A 716 11.58 14.28 9.94
N GLU A 717 11.97 14.00 8.70
CA GLU A 717 11.35 12.90 7.98
C GLU A 717 11.98 11.56 8.39
N SER A 718 12.95 11.60 9.28
CA SER A 718 13.36 10.38 9.95
C SER A 718 12.40 10.13 11.12
N GLY A 719 11.71 11.19 11.52
CA GLY A 719 10.76 11.15 12.62
C GLY A 719 9.48 10.41 12.29
N ASN A 720 9.21 10.22 11.01
CA ASN A 720 8.04 9.48 10.57
C ASN A 720 8.13 7.99 10.94
N LYS A 721 9.32 7.42 10.74
CA LYS A 721 9.60 6.04 11.11
C LYS A 721 9.24 5.82 12.57
N LEU A 722 9.65 6.78 13.39
CA LEU A 722 9.30 6.75 14.79
C LEU A 722 7.81 6.97 14.99
N PHE A 723 7.16 7.82 14.19
CA PHE A 723 5.71 7.94 14.35
C PHE A 723 5.01 6.61 14.16
N ARG A 724 5.46 5.84 13.18
CA ARG A 724 4.77 4.60 12.85
C ARG A 724 5.09 3.49 13.85
N ARG A 725 6.34 3.39 14.29
CA ARG A 725 6.67 2.38 15.28
C ARG A 725 5.91 2.68 16.55
N PHE A 726 5.90 3.94 16.96
CA PHE A 726 5.21 4.34 18.18
C PHE A 726 3.70 4.19 18.15
N ARG A 727 3.07 4.59 17.06
CA ARG A 727 1.62 4.46 16.99
C ARG A 727 1.26 3.00 17.00
N LYS A 728 2.01 2.23 16.23
CA LYS A 728 1.79 0.80 16.11
C LYS A 728 2.05 0.00 17.36
N MET A 729 3.14 0.29 18.05
CA MET A 729 3.47 -0.46 19.26
C MET A 729 3.41 0.27 20.59
N ASN A 730 3.50 1.60 20.58
CA ASN A 730 3.45 2.35 21.83
C ASN A 730 2.21 3.22 22.05
N ALA A 731 1.19 3.02 21.23
CA ALA A 731 -0.06 3.77 21.34
C ALA A 731 -1.14 3.00 22.14
N ARG A 732 -2.38 3.47 22.06
CA ARG A 732 -3.38 3.06 23.04
C ARG A 732 -4.00 1.64 22.97
N GLN A 733 -4.70 1.25 21.91
CA GLN A 733 -4.91 2.06 20.75
C GLN A 733 -6.40 2.22 20.46
N SER A 734 -6.92 3.42 20.66
CA SER A 734 -8.26 3.84 20.30
C SER A 734 -8.09 5.19 19.61
N LYS A 735 -8.95 5.50 18.65
CA LYS A 735 -8.80 6.72 17.85
C LYS A 735 -8.71 7.96 18.74
N THR A 736 -9.43 7.93 19.86
CA THR A 736 -9.41 9.03 20.83
C THR A 736 -8.04 9.21 21.49
N PHE A 737 -7.57 8.14 22.12
CA PHE A 737 -6.49 8.22 23.08
C PHE A 737 -5.09 7.98 22.49
N GLU A 738 -5.02 7.60 21.22
CA GLU A 738 -3.76 7.12 20.62
C GLU A 738 -2.69 8.19 20.41
N LEU A 739 -3.08 9.32 19.82
CA LEU A 739 -2.15 10.40 19.49
C LEU A 739 -1.44 10.91 20.74
N GLU A 740 -2.18 10.99 21.84
CA GLU A 740 -1.64 11.33 23.15
C GLU A 740 -0.39 10.52 23.44
N ASP A 741 -0.49 9.21 23.23
CA ASP A 741 0.58 8.29 23.57
C ASP A 741 1.72 8.28 22.54
N ILE A 742 1.39 8.31 21.25
CA ILE A 742 2.42 8.45 20.22
C ILE A 742 3.31 9.64 20.54
N LEU A 743 2.66 10.79 20.67
CA LEU A 743 3.33 12.05 20.92
C LEU A 743 4.13 12.07 22.23
N LYS A 744 3.51 11.60 23.30
CA LYS A 744 4.20 11.55 24.59
C LYS A 744 5.45 10.67 24.55
N HIS A 745 5.27 9.42 24.11
CA HIS A 745 6.35 8.46 24.08
C HIS A 745 7.48 8.91 23.17
N HIS A 746 7.12 9.58 22.09
CA HIS A 746 8.09 10.11 21.15
C HIS A 746 8.92 11.24 21.78
N TRP A 747 8.22 12.18 22.41
CA TRP A 747 8.90 13.26 23.12
C TRP A 747 9.85 12.68 24.17
N LEU A 748 9.41 11.62 24.83
CA LEU A 748 10.27 10.95 25.79
C LEU A 748 11.46 10.27 25.10
N TYR A 749 11.27 9.86 23.85
CA TYR A 749 12.35 9.25 23.10
C TYR A 749 13.46 10.24 22.81
N THR A 750 13.09 11.47 22.45
CA THR A 750 14.08 12.45 22.02
C THR A 750 14.92 13.10 23.14
N SER A 751 14.50 12.96 24.39
CA SER A 751 15.12 13.70 25.51
C SER A 751 16.58 13.34 25.82
N LYS A 752 17.45 14.35 25.85
CA LYS A 752 18.87 14.17 26.10
C LYS A 752 19.17 13.58 27.48
N TYR A 753 18.50 14.11 28.49
CA TYR A 753 18.67 13.68 29.87
C TYR A 753 18.43 12.17 30.01
N LEU A 754 17.45 11.67 29.27
CA LEU A 754 17.18 10.23 29.26
C LEU A 754 18.20 9.50 28.37
N GLN A 755 18.76 10.22 27.39
CA GLN A 755 19.67 9.61 26.43
C GLN A 755 21.07 9.36 26.99
N LYS A 756 21.56 10.27 27.83
CA LYS A 756 22.93 10.18 28.35
C LYS A 756 23.09 9.12 29.42
N PHE A 757 21.97 8.52 29.84
CA PHE A 757 22.01 7.38 30.74
C PHE A 757 22.38 6.10 29.97
N MET A 758 22.48 6.21 28.64
CA MET A 758 22.66 5.03 27.80
C MET A 758 24.10 4.74 27.39
N GLU A 759 25.03 5.58 27.80
CA GLU A 759 26.44 5.24 27.68
C GLU A 759 27.02 5.16 29.09
N ALA A 760 26.93 6.27 29.82
CA ALA A 760 27.53 6.40 31.13
C ALA A 760 29.02 6.10 31.01
N HIS A 761 29.67 6.83 30.11
CA HIS A 761 31.06 6.59 29.75
C HIS A 761 31.19 5.17 29.22
N LYS A 762 30.61 4.96 28.04
CA LYS A 762 30.42 3.65 27.41
C LYS A 762 30.22 2.50 28.41
N MET B 4 -43.50 17.56 -6.45
CA MET B 4 -42.31 18.13 -5.83
C MET B 4 -41.27 17.04 -5.60
N SER B 5 -40.39 16.85 -6.58
CA SER B 5 -39.61 15.61 -6.65
C SER B 5 -38.10 15.80 -6.68
N LEU B 6 -37.37 14.73 -6.35
CA LEU B 6 -35.91 14.75 -6.40
C LEU B 6 -35.39 13.86 -7.52
N GLN B 7 -34.23 14.23 -8.06
CA GLN B 7 -33.48 13.36 -8.95
C GLN B 7 -32.03 13.32 -8.48
N PRO B 8 -31.43 12.12 -8.47
CA PRO B 8 -30.01 12.00 -8.12
C PRO B 8 -29.09 12.48 -9.24
N LEU B 9 -28.02 13.16 -8.88
CA LEU B 9 -27.08 13.70 -9.86
C LEU B 9 -25.73 13.02 -9.72
N THR B 10 -25.02 12.91 -10.85
CA THR B 10 -23.63 12.48 -10.83
C THR B 10 -22.72 13.69 -11.04
N ALA B 11 -21.69 13.80 -10.22
CA ALA B 11 -20.89 15.01 -10.16
C ALA B 11 -19.81 15.04 -11.24
N VAL B 12 -19.78 13.99 -12.07
CA VAL B 12 -18.78 13.80 -13.13
C VAL B 12 -17.38 14.12 -12.58
N ASN B 13 -16.55 14.86 -13.31
CA ASN B 13 -15.30 15.37 -12.76
C ASN B 13 -15.56 16.55 -11.83
N CYS B 14 -14.62 16.81 -10.94
CA CYS B 14 -14.65 17.99 -10.07
C CYS B 14 -15.86 18.04 -9.13
N GLY B 15 -15.90 17.13 -8.17
CA GLY B 15 -16.78 17.27 -7.03
C GLY B 15 -15.93 17.65 -5.83
N SER B 16 -14.62 17.67 -6.06
CA SER B 16 -13.64 17.92 -4.99
C SER B 16 -13.61 19.37 -4.54
N LEU B 17 -14.25 20.23 -5.33
CA LEU B 17 -14.21 21.67 -5.05
C LEU B 17 -15.44 22.16 -4.27
N VAL B 18 -16.32 21.25 -3.89
CA VAL B 18 -17.45 21.60 -3.04
C VAL B 18 -17.13 21.25 -1.59
N GLN B 19 -17.49 22.14 -0.67
CA GLN B 19 -17.25 21.95 0.75
C GLN B 19 -18.48 22.43 1.53
N PRO B 20 -18.64 21.98 2.79
CA PRO B 20 -19.90 22.22 3.50
C PRO B 20 -20.37 23.66 3.51
N GLY B 21 -19.51 24.62 3.86
CA GLY B 21 -19.81 25.99 3.55
C GLY B 21 -19.59 26.29 2.07
N PHE B 22 -20.63 26.77 1.38
CA PHE B 22 -20.44 27.35 0.04
C PHE B 22 -21.70 28.03 -0.48
N SER B 23 -21.61 28.62 -1.66
CA SER B 23 -22.64 29.52 -2.17
C SER B 23 -22.92 29.34 -3.66
N LEU B 24 -24.21 29.30 -4.02
CA LEU B 24 -24.61 29.28 -5.42
C LEU B 24 -25.34 30.59 -5.75
N LEU B 25 -24.76 31.38 -6.65
CA LEU B 25 -25.32 32.69 -6.97
C LEU B 25 -26.12 32.67 -8.26
N ASP B 26 -27.41 32.98 -8.18
CA ASP B 26 -28.26 32.94 -9.36
C ASP B 26 -28.45 34.35 -9.91
N LEU B 27 -27.78 34.64 -11.02
CA LEU B 27 -27.90 35.95 -11.67
C LEU B 27 -27.80 35.81 -13.19
N GLU B 28 -28.59 36.62 -13.89
CA GLU B 28 -28.66 36.61 -15.36
C GLU B 28 -28.68 35.19 -15.91
N GLY B 29 -29.80 34.49 -15.74
CA GLY B 29 -29.82 33.11 -16.14
C GLY B 29 -28.93 32.28 -15.23
N ASP B 30 -27.89 31.72 -15.82
CA ASP B 30 -27.04 30.69 -15.19
C ASP B 30 -26.52 31.04 -13.79
N VAL B 31 -26.36 30.00 -12.98
CA VAL B 31 -25.98 30.12 -11.57
C VAL B 31 -24.51 29.70 -11.35
N TYR B 32 -23.85 30.33 -10.38
CA TYR B 32 -22.41 30.15 -10.19
C TYR B 32 -22.02 29.68 -8.78
N LEU B 33 -21.38 28.52 -8.73
CA LEU B 33 -20.67 28.01 -7.55
C LEU B 33 -19.58 28.98 -7.11
N PHE B 34 -19.40 29.08 -5.80
CA PHE B 34 -18.47 30.00 -5.16
C PHE B 34 -17.83 29.34 -3.95
N GLY B 35 -16.59 29.70 -3.62
CA GLY B 35 -15.92 29.12 -2.47
C GLY B 35 -15.51 27.66 -2.56
N GLN B 36 -14.66 27.34 -3.53
CA GLN B 36 -14.07 26.01 -3.69
C GLN B 36 -13.15 25.67 -2.51
N LYS B 37 -12.88 24.38 -2.31
CA LYS B 37 -12.06 23.95 -1.18
C LYS B 37 -10.61 24.40 -1.35
N GLY B 38 -10.12 25.14 -0.38
CA GLY B 38 -8.76 25.66 -0.40
C GLY B 38 -8.56 26.85 -1.32
N TRP B 39 -7.32 27.24 -1.52
CA TRP B 39 -6.97 28.35 -2.40
C TRP B 39 -7.14 27.96 -3.85
N PRO B 40 -7.44 28.94 -4.72
CA PRO B 40 -7.70 28.61 -6.12
C PRO B 40 -6.49 28.01 -6.81
N LYS B 41 -6.68 26.84 -7.42
CA LYS B 41 -5.67 26.27 -8.31
C LYS B 41 -5.80 26.99 -9.65
N ARG B 42 -4.70 27.05 -10.41
CA ARG B 42 -4.67 27.91 -11.59
C ARG B 42 -5.56 27.39 -12.72
N SER B 43 -6.16 26.21 -12.54
CA SER B 43 -7.20 25.78 -13.46
C SER B 43 -8.36 26.77 -13.37
N CYS B 44 -8.55 27.34 -12.19
CA CYS B 44 -9.46 28.46 -11.97
C CYS B 44 -8.82 29.55 -11.11
N PRO B 45 -8.15 30.53 -11.75
CA PRO B 45 -7.51 31.60 -11.00
C PRO B 45 -8.52 32.52 -10.31
N THR B 46 -9.74 32.56 -10.83
CA THR B 46 -10.80 33.36 -10.25
C THR B 46 -11.32 32.79 -8.93
N GLY B 47 -11.73 31.53 -8.96
CA GLY B 47 -12.36 30.91 -7.80
C GLY B 47 -13.88 30.82 -7.91
N ILE B 48 -14.40 31.09 -9.10
CA ILE B 48 -15.84 31.05 -9.33
C ILE B 48 -16.18 30.15 -10.51
N PHE B 49 -17.18 29.30 -10.34
CA PHE B 49 -17.50 28.28 -11.33
C PHE B 49 -18.93 28.43 -11.85
N GLY B 50 -19.11 28.60 -13.16
CA GLY B 50 -20.45 28.52 -13.71
C GLY B 50 -20.90 27.08 -13.61
N VAL B 51 -22.07 26.83 -13.03
CA VAL B 51 -22.53 25.45 -12.91
C VAL B 51 -23.72 25.19 -13.84
N ARG B 52 -23.64 24.10 -14.60
CA ARG B 52 -24.70 23.74 -15.54
C ARG B 52 -25.12 22.29 -15.38
N ILE B 53 -26.43 22.06 -15.31
CA ILE B 53 -26.95 20.72 -15.12
C ILE B 53 -27.74 20.24 -16.33
N LYS B 54 -27.26 19.17 -16.95
CA LYS B 54 -27.94 18.58 -18.09
C LYS B 54 -28.04 17.06 -17.96
N LYS B 55 -29.27 16.55 -18.04
CA LYS B 55 -29.53 15.12 -18.09
C LYS B 55 -28.88 14.36 -16.93
N GLY B 56 -29.15 14.81 -15.71
CA GLY B 56 -28.64 14.17 -14.52
C GLY B 56 -27.16 14.46 -14.26
N GLU B 57 -26.58 15.32 -15.10
CA GLU B 57 -25.15 15.61 -15.00
C GLU B 57 -24.87 17.02 -14.49
N LEU B 58 -24.10 17.09 -13.40
CA LEU B 58 -23.67 18.36 -12.82
C LEU B 58 -22.30 18.75 -13.35
N LYS B 59 -22.21 19.93 -13.96
CA LYS B 59 -20.95 20.37 -14.55
C LYS B 59 -20.49 21.71 -14.02
N LEU B 60 -19.17 21.86 -13.87
CA LEU B 60 -18.58 23.11 -13.42
C LEU B 60 -17.64 23.66 -14.49
N ARG B 61 -17.62 24.97 -14.63
CA ARG B 61 -16.77 25.61 -15.64
C ARG B 61 -16.07 26.84 -15.09
N ALA B 62 -14.81 27.01 -15.44
CA ALA B 62 -14.05 28.17 -14.98
C ALA B 62 -14.66 29.47 -15.49
N ILE B 63 -14.60 30.51 -14.66
CA ILE B 63 -15.08 31.82 -15.06
C ILE B 63 -13.94 32.83 -15.05
N SER B 64 -13.55 33.31 -16.23
CA SER B 64 -12.51 34.33 -16.30
C SER B 64 -13.03 35.64 -15.73
N PHE B 65 -12.13 36.45 -15.19
CA PHE B 65 -12.51 37.73 -14.60
C PHE B 65 -12.12 38.89 -15.52
N SER B 66 -12.94 39.94 -15.52
CA SER B 66 -12.64 41.13 -16.31
C SER B 66 -11.41 41.82 -15.73
N ASN B 67 -10.78 42.67 -16.54
CA ASN B 67 -9.53 43.31 -16.14
C ASN B 67 -9.65 44.23 -14.93
N ASN B 68 -10.85 44.73 -14.66
CA ASN B 68 -11.04 45.68 -13.57
C ASN B 68 -11.17 45.02 -12.21
N SER B 69 -11.34 43.70 -12.19
CA SER B 69 -11.74 43.00 -10.98
C SER B 69 -10.63 42.72 -9.96
N SER B 70 -11.02 42.66 -8.69
CA SER B 70 -10.16 42.14 -7.63
C SER B 70 -10.49 40.66 -7.47
N TYR B 71 -9.49 39.83 -7.19
CA TYR B 71 -9.76 38.40 -7.14
C TYR B 71 -9.92 37.96 -5.69
N LEU B 72 -11.16 37.65 -5.30
CA LEU B 72 -11.47 37.31 -3.92
C LEU B 72 -11.07 35.89 -3.58
N PRO B 73 -10.72 35.66 -2.31
CA PRO B 73 -10.45 34.30 -1.83
C PRO B 73 -11.73 33.47 -1.77
N PRO B 74 -11.60 32.13 -1.83
CA PRO B 74 -12.75 31.22 -1.77
C PRO B 74 -13.36 31.13 -0.38
N LEU B 75 -14.19 32.11 -0.05
CA LEU B 75 -14.82 32.24 1.26
C LEU B 75 -15.95 31.22 1.47
N ARG B 76 -15.95 30.56 2.63
CA ARG B 76 -16.85 29.42 2.85
C ARG B 76 -18.30 29.71 3.23
N CYS B 77 -18.51 30.58 4.22
CA CYS B 77 -19.88 30.83 4.66
C CYS B 77 -20.21 32.31 4.65
N PRO B 78 -20.10 32.95 3.49
CA PRO B 78 -20.37 34.39 3.45
C PRO B 78 -21.85 34.71 3.44
N ALA B 79 -22.19 35.94 3.79
CA ALA B 79 -23.56 36.40 3.64
C ALA B 79 -23.75 36.85 2.20
N ILE B 80 -24.69 36.17 1.55
CA ILE B 80 -25.02 36.43 0.16
C ILE B 80 -26.32 37.22 0.09
N ALA B 81 -26.33 38.29 -0.69
CA ALA B 81 -27.58 38.97 -1.00
C ALA B 81 -27.61 39.32 -2.47
N HIS B 82 -28.68 38.92 -3.15
CA HIS B 82 -28.82 39.28 -4.56
C HIS B 82 -29.31 40.71 -4.62
N PHE B 83 -28.48 41.57 -5.19
CA PHE B 83 -28.87 42.94 -5.43
C PHE B 83 -29.43 43.00 -6.84
N GLU B 84 -30.73 43.22 -6.94
CA GLU B 84 -31.43 43.06 -8.20
C GLU B 84 -31.18 44.22 -9.14
N ALA B 85 -31.32 43.93 -10.44
CA ALA B 85 -31.02 44.88 -11.49
C ALA B 85 -31.82 46.18 -11.38
N GLN B 86 -31.12 47.30 -11.33
CA GLN B 86 -31.73 48.63 -11.33
C GLN B 86 -30.66 49.69 -11.60
N ASP B 87 -31.09 50.95 -11.68
CA ASP B 87 -30.17 52.06 -11.96
C ASP B 87 -29.12 52.24 -10.86
N GLY B 88 -27.85 52.37 -11.25
CA GLY B 88 -27.35 52.06 -12.58
C GLY B 88 -26.51 50.81 -12.51
N LYS B 89 -26.73 50.06 -11.43
CA LYS B 89 -25.87 48.94 -10.99
C LYS B 89 -25.76 47.64 -11.83
N PRO B 90 -26.84 47.21 -12.50
CA PRO B 90 -27.15 45.77 -12.64
C PRO B 90 -26.05 44.84 -13.10
N GLU B 91 -26.00 43.64 -12.52
CA GLU B 91 -26.81 43.30 -11.35
C GLU B 91 -25.93 42.48 -10.43
N CYS B 92 -26.07 42.68 -9.12
CA CYS B 92 -25.00 42.29 -8.22
C CYS B 92 -25.32 41.10 -7.36
N TYR B 93 -24.26 40.37 -6.99
CA TYR B 93 -24.32 39.49 -5.85
C TYR B 93 -23.34 40.03 -4.81
N LEU B 94 -23.90 40.41 -3.66
CA LEU B 94 -23.12 40.97 -2.57
C LEU B 94 -22.69 39.87 -1.62
N ILE B 95 -21.39 39.86 -1.31
CA ILE B 95 -20.78 38.82 -0.50
C ILE B 95 -20.01 39.41 0.67
N HIS B 96 -20.44 39.17 1.90
CA HIS B 96 -19.61 39.53 3.05
C HIS B 96 -19.86 38.70 4.31
N GLY B 97 -18.80 38.35 5.04
CA GLY B 97 -17.45 38.42 4.53
C GLY B 97 -16.90 37.04 4.24
N GLY B 98 -17.59 36.01 4.74
CA GLY B 98 -17.10 34.64 4.63
C GLY B 98 -15.83 34.41 5.43
N ARG B 99 -15.26 33.22 5.34
CA ARG B 99 -13.97 33.00 5.97
C ARG B 99 -12.98 32.26 5.08
N THR B 100 -11.81 32.86 4.96
CA THR B 100 -10.71 32.46 4.07
C THR B 100 -10.21 31.01 4.29
N PRO B 101 -9.86 30.31 3.19
CA PRO B 101 -9.34 28.94 3.24
C PRO B 101 -8.14 28.78 4.17
N ASN B 102 -7.16 29.66 4.07
CA ASN B 102 -6.20 29.81 5.14
C ASN B 102 -7.03 30.45 6.24
N ASN B 103 -7.14 29.82 7.40
CA ASN B 103 -8.34 30.05 8.18
C ASN B 103 -8.30 31.41 8.83
N GLU B 104 -9.21 32.25 8.37
CA GLU B 104 -9.25 33.66 8.68
C GLU B 104 -10.62 34.18 8.33
N LEU B 105 -10.99 35.34 8.84
CA LEU B 105 -12.26 35.94 8.46
C LEU B 105 -11.99 37.24 7.70
N SER B 106 -12.75 37.45 6.63
CA SER B 106 -12.41 38.48 5.64
C SER B 106 -12.65 39.91 6.11
N SER B 107 -13.91 40.23 6.40
CA SER B 107 -14.33 41.56 6.79
C SER B 107 -14.03 42.57 5.69
N SER B 108 -14.04 42.09 4.45
CA SER B 108 -13.99 42.97 3.30
C SER B 108 -15.14 42.61 2.36
N LEU B 109 -16.08 43.53 2.20
CA LEU B 109 -17.30 43.24 1.47
C LEU B 109 -17.06 43.27 -0.04
N TYR B 110 -17.30 42.13 -0.69
CA TYR B 110 -17.11 42.02 -2.12
C TYR B 110 -18.41 42.24 -2.87
N MET B 111 -18.33 43.03 -3.94
CA MET B 111 -19.47 43.28 -4.80
C MET B 111 -19.22 42.63 -6.16
N LEU B 112 -19.98 41.56 -6.45
CA LEU B 112 -19.79 40.81 -7.68
C LEU B 112 -20.82 41.22 -8.72
N SER B 113 -20.41 41.27 -9.98
CA SER B 113 -21.38 41.58 -11.05
C SER B 113 -21.02 40.97 -12.40
N VAL B 114 -22.00 40.89 -13.27
CA VAL B 114 -21.79 40.48 -14.66
C VAL B 114 -21.26 41.66 -15.47
N ASP B 115 -20.48 41.36 -16.51
CA ASP B 115 -19.89 42.41 -17.34
C ASP B 115 -20.24 42.23 -18.82
N SER B 116 -19.66 41.22 -19.46
CA SER B 116 -19.84 41.03 -20.90
C SER B 116 -19.94 39.55 -21.31
N ARG B 117 -20.43 39.32 -22.53
CA ARG B 117 -20.75 37.98 -23.01
C ARG B 117 -21.05 37.99 -24.53
N GLY B 118 -21.29 36.82 -25.15
CA GLY B 118 -20.84 35.54 -24.65
C GLY B 118 -19.35 35.27 -24.83
N CYS B 119 -18.88 35.16 -26.07
CA CYS B 119 -19.73 35.05 -27.27
C CYS B 119 -20.32 33.64 -27.43
N ASN B 120 -19.63 32.65 -26.88
CA ASN B 120 -20.08 31.26 -26.86
C ASN B 120 -20.92 31.01 -25.60
N ARG B 121 -21.31 32.13 -24.97
CA ARG B 121 -21.91 32.21 -23.64
C ARG B 121 -20.88 31.93 -22.54
N LYS B 122 -19.67 32.43 -22.75
CA LYS B 122 -18.77 32.73 -21.64
C LYS B 122 -19.37 33.92 -20.91
N VAL B 123 -19.08 34.05 -19.63
CA VAL B 123 -19.53 35.23 -18.88
C VAL B 123 -18.36 35.87 -18.14
N THR B 124 -18.01 37.10 -18.53
CA THR B 124 -16.99 37.84 -17.82
C THR B 124 -17.61 38.48 -16.58
N LEU B 125 -16.99 38.27 -15.42
CA LEU B 125 -17.50 38.80 -14.18
C LEU B 125 -16.50 39.80 -13.60
N ARG B 126 -16.99 40.70 -12.75
CA ARG B 126 -16.10 41.65 -12.10
C ARG B 126 -16.39 41.75 -10.61
N CYS B 127 -15.32 41.68 -9.82
CA CYS B 127 -15.42 41.74 -8.37
C CYS B 127 -14.77 43.00 -7.84
N GLU B 128 -15.58 43.90 -7.30
CA GLU B 128 -15.07 45.09 -6.65
C GLU B 128 -15.33 45.05 -5.16
N GLU B 129 -14.28 44.89 -4.38
CA GLU B 129 -14.41 45.05 -2.94
C GLU B 129 -14.74 46.51 -2.71
N LYS B 130 -15.73 46.77 -1.87
CA LYS B 130 -16.04 48.16 -1.58
C LYS B 130 -15.44 48.52 -0.23
N GLU B 131 -14.59 49.55 -0.22
CA GLU B 131 -13.99 50.01 1.02
C GLU B 131 -15.08 50.52 1.94
N LEU B 132 -14.86 50.38 3.24
CA LEU B 132 -15.93 50.66 4.20
C LEU B 132 -15.57 51.78 5.17
N VAL B 133 -16.23 52.92 4.97
CA VAL B 133 -16.11 54.08 5.85
C VAL B 133 -17.06 53.96 7.05
N GLY B 134 -16.71 54.64 8.15
CA GLY B 134 -17.53 54.58 9.35
C GLY B 134 -17.17 53.31 10.10
N ASP B 135 -17.94 52.96 11.11
CA ASP B 135 -17.63 51.76 11.88
C ASP B 135 -17.87 50.54 11.00
N VAL B 136 -16.82 49.74 10.82
CA VAL B 136 -16.89 48.60 9.92
C VAL B 136 -17.38 47.37 10.65
N PRO B 137 -18.29 46.61 10.02
CA PRO B 137 -18.71 45.32 10.57
C PRO B 137 -17.52 44.41 10.78
N SER B 138 -17.42 43.80 11.95
CA SER B 138 -16.26 42.97 12.27
C SER B 138 -16.24 41.73 11.39
N ALA B 139 -15.07 41.13 11.29
CA ALA B 139 -14.93 39.87 10.58
C ALA B 139 -15.84 38.84 11.23
N ARG B 140 -16.71 38.25 10.41
CA ARG B 140 -17.68 37.26 10.88
C ARG B 140 -18.11 36.36 9.73
N TYR B 141 -18.69 35.20 10.06
CA TYR B 141 -19.04 34.23 9.03
C TYR B 141 -20.30 33.45 9.37
N GLY B 142 -20.97 32.93 8.35
CA GLY B 142 -22.19 32.14 8.56
C GLY B 142 -23.38 32.99 8.94
N HIS B 143 -23.23 34.31 8.83
CA HIS B 143 -24.32 35.24 9.09
C HIS B 143 -25.13 35.46 7.84
N THR B 144 -26.07 36.41 7.88
CA THR B 144 -26.70 36.80 6.62
C THR B 144 -26.79 38.30 6.40
N LEU B 145 -27.06 38.63 5.14
CA LEU B 145 -27.12 39.98 4.64
C LEU B 145 -28.26 40.02 3.64
N SER B 146 -29.04 41.10 3.62
CA SER B 146 -30.15 41.16 2.66
C SER B 146 -30.48 42.59 2.21
N VAL B 147 -31.13 42.69 1.06
CA VAL B 147 -31.37 43.99 0.41
C VAL B 147 -32.71 44.59 0.79
N ILE B 148 -32.72 45.90 1.06
CA ILE B 148 -33.96 46.60 1.39
C ILE B 148 -34.15 47.87 0.56
N ASN B 149 -35.40 48.18 0.26
CA ASN B 149 -35.72 49.37 -0.54
C ASN B 149 -36.80 50.21 0.14
N SER B 150 -36.43 51.42 0.58
CA SER B 150 -37.38 52.29 1.25
C SER B 150 -37.33 53.73 0.74
N ARG B 151 -38.42 54.16 0.13
CA ARG B 151 -38.72 55.57 -0.15
C ARG B 151 -37.64 56.47 -0.80
N GLY B 152 -37.06 56.10 -1.94
CA GLY B 152 -37.11 54.77 -2.52
C GLY B 152 -35.70 54.22 -2.39
N LYS B 153 -34.90 54.90 -1.57
CA LYS B 153 -33.47 54.61 -1.41
C LYS B 153 -33.21 53.14 -1.09
N THR B 154 -32.17 52.58 -1.68
CA THR B 154 -31.86 51.17 -1.51
C THR B 154 -30.62 50.98 -0.65
N ALA B 155 -30.66 50.01 0.26
CA ALA B 155 -29.50 49.71 1.08
C ALA B 155 -29.44 48.24 1.48
N CYS B 156 -28.45 47.90 2.29
CA CYS B 156 -28.26 46.54 2.76
C CYS B 156 -28.40 46.47 4.27
N VAL B 157 -28.86 45.33 4.77
CA VAL B 157 -28.93 45.11 6.20
C VAL B 157 -28.15 43.85 6.55
N LEU B 158 -27.24 44.00 7.51
CA LEU B 158 -26.31 42.94 7.89
C LEU B 158 -26.56 42.45 9.31
N PHE B 159 -26.72 41.13 9.48
CA PHE B 159 -27.00 40.61 10.83
C PHE B 159 -26.59 39.15 11.02
N GLY B 160 -26.34 38.79 12.28
CA GLY B 160 -26.08 37.42 12.68
C GLY B 160 -24.62 37.05 12.73
N GLY B 161 -24.35 35.75 12.77
CA GLY B 161 -23.01 35.22 12.59
C GLY B 161 -22.16 35.03 13.81
N ARG B 162 -21.03 34.37 13.63
CA ARG B 162 -20.10 34.12 14.71
C ARG B 162 -18.76 34.78 14.41
N SER B 163 -17.84 34.71 15.37
CA SER B 163 -16.49 35.22 15.18
C SER B 163 -15.56 34.55 16.15
N TYR B 164 -14.27 34.67 15.89
CA TYR B 164 -13.26 34.23 16.83
C TYR B 164 -13.28 35.15 18.05
N MET B 165 -12.77 34.65 19.17
CA MET B 165 -12.84 35.36 20.43
C MET B 165 -12.15 36.72 20.38
N PRO B 166 -12.76 37.74 21.02
CA PRO B 166 -12.27 39.12 20.99
C PRO B 166 -10.86 39.21 21.55
N PRO B 167 -10.01 40.09 20.99
CA PRO B 167 -8.57 40.02 21.28
C PRO B 167 -8.21 40.38 22.73
N THR B 168 -8.89 39.73 23.66
CA THR B 168 -8.55 39.73 25.08
C THR B 168 -8.59 38.28 25.55
N GLU B 169 -9.79 37.70 25.46
CA GLU B 169 -10.00 36.27 25.67
C GLU B 169 -9.20 35.43 24.67
N ARG B 170 -8.67 36.12 23.65
CA ARG B 170 -7.87 35.49 22.62
C ARG B 170 -6.77 34.61 23.21
N THR B 171 -6.68 33.38 22.71
CA THR B 171 -5.78 32.39 23.29
C THR B 171 -5.26 31.42 22.24
N THR B 172 -4.16 30.75 22.55
CA THR B 172 -3.64 29.67 21.73
C THR B 172 -4.41 28.38 22.04
N GLN B 173 -4.85 28.28 23.28
CA GLN B 173 -5.67 27.14 23.69
C GLN B 173 -7.12 27.31 23.28
N ASN B 174 -7.68 28.51 23.47
CA ASN B 174 -8.99 28.81 22.91
C ASN B 174 -8.81 29.70 21.68
N TRP B 175 -8.94 29.10 20.50
CA TRP B 175 -8.81 29.79 19.23
C TRP B 175 -9.94 29.39 18.30
N ASN B 176 -9.89 28.12 17.89
CA ASN B 176 -10.85 27.53 16.98
C ASN B 176 -12.24 27.50 17.62
N SER B 177 -12.29 27.79 18.91
CA SER B 177 -13.55 28.03 19.59
C SER B 177 -14.08 29.39 19.18
N VAL B 178 -15.35 29.45 18.78
CA VAL B 178 -15.95 30.70 18.33
C VAL B 178 -17.06 31.14 19.27
N VAL B 179 -17.62 32.31 18.98
CA VAL B 179 -18.72 32.85 19.77
C VAL B 179 -19.59 33.72 18.88
N ASP B 180 -20.89 33.75 19.13
CA ASP B 180 -21.78 34.64 18.38
C ASP B 180 -21.29 36.07 18.50
N CYS B 181 -21.41 36.84 17.42
CA CYS B 181 -21.12 38.26 17.47
C CYS B 181 -22.24 38.97 18.21
N PRO B 182 -21.95 40.14 18.80
CA PRO B 182 -23.00 40.95 19.44
C PRO B 182 -24.18 41.23 18.53
N PRO B 183 -25.41 41.23 19.08
CA PRO B 183 -26.62 41.52 18.31
C PRO B 183 -26.79 42.99 17.94
N GLN B 184 -25.96 43.45 17.00
CA GLN B 184 -26.17 44.75 16.38
C GLN B 184 -26.22 44.59 14.87
N VAL B 185 -27.28 45.08 14.26
CA VAL B 185 -27.38 45.08 12.80
C VAL B 185 -26.46 46.16 12.24
N TYR B 186 -26.11 46.04 10.97
CA TYR B 186 -25.40 47.11 10.29
C TYR B 186 -26.21 47.58 9.09
N LEU B 187 -26.47 48.88 9.04
CA LEU B 187 -27.11 49.42 7.85
C LEU B 187 -26.01 49.85 6.90
N ILE B 188 -25.95 49.16 5.76
CA ILE B 188 -24.90 49.39 4.79
C ILE B 188 -25.42 50.15 3.58
N ASP B 189 -24.99 51.40 3.47
CA ASP B 189 -25.23 52.17 2.28
C ASP B 189 -24.27 51.63 1.24
N LEU B 190 -24.80 51.20 0.10
CA LEU B 190 -23.96 50.56 -0.91
C LEU B 190 -23.16 51.60 -1.70
N GLU B 191 -23.61 52.85 -1.62
CA GLU B 191 -22.77 53.99 -2.00
C GLU B 191 -23.06 55.17 -1.07
N PHE B 192 -22.04 55.74 -0.43
CA PHE B 192 -20.67 55.21 -0.44
C PHE B 192 -20.55 54.14 0.65
N GLY B 193 -19.32 53.77 0.98
CA GLY B 193 -19.06 52.61 1.83
C GLY B 193 -19.47 52.75 3.29
N CYS B 194 -20.22 53.82 3.60
CA CYS B 194 -20.64 54.05 4.98
C CYS B 194 -21.63 52.98 5.44
N CYS B 195 -21.27 52.30 6.51
CA CYS B 195 -22.15 51.34 7.15
C CYS B 195 -22.21 51.65 8.63
N THR B 196 -23.38 52.06 9.11
CA THR B 196 -23.51 52.42 10.53
C THR B 196 -24.17 51.31 11.33
N ALA B 197 -23.60 51.04 12.50
CA ALA B 197 -24.10 50.01 13.39
C ALA B 197 -25.35 50.48 14.11
N HIS B 198 -26.21 49.53 14.46
CA HIS B 198 -27.47 49.84 15.14
C HIS B 198 -27.89 48.69 16.06
N THR B 199 -28.61 49.02 17.12
CA THR B 199 -29.08 48.01 18.07
C THR B 199 -30.40 48.45 18.70
N LEU B 200 -31.06 47.50 19.36
CA LEU B 200 -32.34 47.73 20.01
C LEU B 200 -32.73 46.46 20.79
N PRO B 201 -33.27 46.64 22.01
CA PRO B 201 -33.41 45.64 23.07
C PRO B 201 -33.99 44.26 22.69
N GLU B 202 -34.91 44.18 21.74
CA GLU B 202 -35.58 42.90 21.45
C GLU B 202 -34.63 41.82 20.96
N LEU B 203 -33.39 42.18 20.65
CA LEU B 203 -32.36 41.20 20.37
C LEU B 203 -31.46 41.05 21.58
N THR B 204 -31.61 39.94 22.29
CA THR B 204 -30.82 39.69 23.49
C THR B 204 -29.57 38.86 23.20
N ASP B 205 -29.48 38.34 21.98
CA ASP B 205 -28.34 37.50 21.60
C ASP B 205 -28.13 37.47 20.10
N GLY B 206 -26.89 37.19 19.69
CA GLY B 206 -26.58 36.91 18.30
C GLY B 206 -27.13 35.57 17.84
N GLN B 207 -27.97 35.60 16.82
CA GLN B 207 -28.36 34.37 16.14
C GLN B 207 -27.28 34.04 15.13
N SER B 208 -27.16 32.76 14.78
CA SER B 208 -26.16 32.34 13.80
C SER B 208 -26.73 31.27 12.86
N PHE B 209 -26.23 31.23 11.64
CA PHE B 209 -26.68 30.29 10.60
C PHE B 209 -28.16 30.43 10.27
N HIS B 210 -28.73 31.59 10.61
CA HIS B 210 -30.14 31.87 10.33
C HIS B 210 -30.31 32.22 8.87
N VAL B 211 -31.53 32.13 8.37
CA VAL B 211 -31.82 32.56 7.00
C VAL B 211 -32.67 33.81 7.00
N ALA B 212 -32.25 34.80 6.21
CA ALA B 212 -32.99 36.04 6.06
C ALA B 212 -33.71 36.06 4.73
N LEU B 213 -34.91 36.64 4.72
CA LEU B 213 -35.64 36.87 3.48
C LEU B 213 -35.99 38.35 3.40
N ALA B 214 -35.92 38.91 2.20
CA ALA B 214 -36.09 40.35 2.04
C ALA B 214 -37.18 40.73 1.04
N ARG B 215 -38.17 41.48 1.50
CA ARG B 215 -39.16 42.05 0.59
C ARG B 215 -39.53 43.48 0.99
N GLN B 216 -39.36 44.40 0.04
CA GLN B 216 -39.88 45.77 0.16
C GLN B 216 -39.70 46.37 1.55
N ASP B 217 -38.45 46.73 1.87
CA ASP B 217 -38.05 47.32 3.16
C ASP B 217 -38.49 46.54 4.39
N CYS B 218 -38.59 45.21 4.26
CA CYS B 218 -38.79 44.37 5.43
C CYS B 218 -37.98 43.08 5.33
N VAL B 219 -37.36 42.68 6.44
CA VAL B 219 -36.57 41.44 6.42
C VAL B 219 -37.00 40.48 7.52
N TYR B 220 -37.21 39.23 7.13
CA TYR B 220 -37.64 38.18 8.05
C TYR B 220 -36.54 37.16 8.30
N PHE B 221 -36.10 37.06 9.56
CA PHE B 221 -35.06 36.13 9.95
C PHE B 221 -35.68 34.89 10.58
N LEU B 222 -35.52 33.76 9.90
CA LEU B 222 -35.91 32.47 10.43
C LEU B 222 -34.93 32.07 11.52
N GLY B 223 -35.35 31.12 12.36
CA GLY B 223 -34.62 30.77 13.56
C GLY B 223 -33.14 30.53 13.34
N GLY B 224 -32.33 31.07 14.24
CA GLY B 224 -30.90 30.90 14.15
C GLY B 224 -30.44 29.86 15.14
N HIS B 225 -29.11 29.73 15.26
CA HIS B 225 -28.50 28.92 16.29
C HIS B 225 -27.85 29.87 17.30
N ILE B 226 -28.30 29.80 18.54
CA ILE B 226 -27.69 30.58 19.61
C ILE B 226 -26.66 29.71 20.30
N LEU B 227 -25.43 30.19 20.47
CA LEU B 227 -24.39 29.41 21.13
C LEU B 227 -24.42 29.50 22.66
N SER B 228 -24.69 30.69 23.19
CA SER B 228 -24.66 30.92 24.63
C SER B 228 -25.63 29.99 25.36
N SER B 229 -26.88 29.98 24.91
CA SER B 229 -27.90 29.11 25.47
C SER B 229 -28.08 27.82 24.65
N ASP B 230 -27.25 27.68 23.62
CA ASP B 230 -27.22 26.53 22.67
C ASP B 230 -28.60 25.94 22.36
N CYS B 231 -29.42 26.75 21.68
CA CYS B 231 -30.79 26.38 21.34
C CYS B 231 -31.25 27.06 20.05
N ARG B 232 -32.37 26.60 19.50
CA ARG B 232 -32.86 27.07 18.21
C ARG B 232 -34.25 27.68 18.33
N PRO B 233 -34.32 29.01 18.52
CA PRO B 233 -35.58 29.71 18.79
C PRO B 233 -36.65 29.49 17.72
N SER B 234 -37.86 29.15 18.18
CA SER B 234 -39.01 29.04 17.29
C SER B 234 -39.54 30.44 17.01
N ARG B 235 -38.99 31.40 17.76
CA ARG B 235 -39.30 32.80 17.53
C ARG B 235 -38.85 33.18 16.12
N LEU B 236 -39.53 34.16 15.53
CA LEU B 236 -39.20 34.59 14.19
C LEU B 236 -38.95 36.09 14.20
N ILE B 237 -37.83 36.52 13.63
CA ILE B 237 -37.48 37.93 13.69
C ILE B 237 -38.07 38.71 12.51
N ARG B 238 -38.70 39.84 12.81
CA ARG B 238 -39.17 40.71 11.74
C ARG B 238 -38.61 42.11 11.91
N LEU B 239 -37.74 42.55 11.00
CA LEU B 239 -37.28 43.93 11.12
C LEU B 239 -37.78 44.81 9.98
N HIS B 240 -38.03 46.05 10.38
CA HIS B 240 -38.71 47.06 9.58
C HIS B 240 -37.83 48.30 9.56
N VAL B 241 -37.29 48.63 8.40
CA VAL B 241 -36.34 49.74 8.32
C VAL B 241 -36.88 50.86 7.44
N GLU B 242 -36.84 52.08 7.98
CA GLU B 242 -37.25 53.26 7.23
C GLU B 242 -36.02 54.12 7.01
N LEU B 243 -35.62 54.24 5.75
CA LEU B 243 -34.43 55.00 5.40
C LEU B 243 -34.81 56.46 5.16
N LEU B 244 -34.25 57.33 5.99
CA LEU B 244 -34.69 58.71 6.05
C LEU B 244 -33.48 59.64 6.18
N LEU B 245 -33.45 60.70 5.38
CA LEU B 245 -32.41 61.69 5.49
C LEU B 245 -32.70 62.57 6.69
N GLY B 246 -31.72 62.73 7.58
CA GLY B 246 -30.41 62.14 7.41
C GLY B 246 -30.11 60.95 8.31
N SER B 247 -31.12 60.45 9.02
CA SER B 247 -30.89 59.30 9.88
C SER B 247 -31.89 58.17 9.61
N PRO B 248 -31.39 56.92 9.59
CA PRO B 248 -32.20 55.71 9.42
C PRO B 248 -32.90 55.30 10.71
N VAL B 249 -34.13 54.79 10.59
CA VAL B 249 -34.81 54.27 11.79
C VAL B 249 -35.18 52.79 11.61
N LEU B 250 -34.68 51.97 12.52
CA LEU B 250 -34.95 50.54 12.49
C LEU B 250 -35.83 50.15 13.67
N THR B 251 -36.96 49.51 13.39
CA THR B 251 -37.78 48.94 14.46
C THR B 251 -38.00 47.46 14.19
N CYS B 252 -37.83 46.65 15.23
CA CYS B 252 -37.92 45.21 15.08
C CYS B 252 -38.95 44.60 16.01
N THR B 253 -39.44 43.41 15.65
CA THR B 253 -40.41 42.70 16.46
C THR B 253 -40.28 41.19 16.34
N ILE B 254 -41.09 40.49 17.12
CA ILE B 254 -41.05 39.04 17.22
C ILE B 254 -42.32 38.43 16.67
N LEU B 255 -42.22 37.19 16.23
CA LEU B 255 -43.39 36.40 15.89
C LEU B 255 -43.58 35.36 16.99
N HIS B 256 -44.80 35.32 17.54
CA HIS B 256 -45.15 34.45 18.67
C HIS B 256 -44.71 33.01 18.42
N GLU B 257 -44.93 32.56 17.19
CA GLU B 257 -44.52 31.22 16.77
C GLU B 257 -44.17 31.21 15.30
N GLY B 258 -43.46 30.17 14.89
CA GLY B 258 -42.90 30.10 13.55
C GLY B 258 -42.00 28.89 13.45
N LEU B 259 -41.05 28.95 12.53
CA LEU B 259 -40.17 27.83 12.28
C LEU B 259 -38.83 27.94 13.03
N THR B 260 -38.33 26.81 13.51
CA THR B 260 -36.99 26.75 14.07
C THR B 260 -36.11 25.88 13.19
N ILE B 261 -35.21 26.50 12.42
CA ILE B 261 -34.30 25.75 11.54
C ILE B 261 -32.97 26.45 11.35
N THR B 262 -31.89 25.67 11.29
CA THR B 262 -30.57 26.26 11.07
C THR B 262 -29.93 25.72 9.79
N SER B 263 -29.09 26.56 9.17
CA SER B 263 -28.42 26.22 7.91
C SER B 263 -29.40 25.86 6.79
N ALA B 264 -30.38 26.73 6.54
CA ALA B 264 -31.45 26.43 5.61
C ALA B 264 -31.21 26.94 4.19
N ILE B 265 -31.66 26.17 3.22
CA ILE B 265 -31.57 26.53 1.81
C ILE B 265 -32.86 27.21 1.34
N ALA B 266 -32.73 28.35 0.68
CA ALA B 266 -33.91 29.08 0.19
C ALA B 266 -33.89 29.20 -1.33
N SER B 267 -34.90 28.62 -1.98
CA SER B 267 -35.05 28.72 -3.42
C SER B 267 -36.26 29.56 -3.79
N PRO B 268 -36.03 30.68 -4.49
CA PRO B 268 -37.07 31.66 -4.88
C PRO B 268 -37.98 31.19 -6.01
N ILE B 269 -39.01 30.42 -5.69
CA ILE B 269 -39.92 29.91 -6.71
C ILE B 269 -40.72 31.02 -7.39
N GLY B 270 -41.41 31.85 -6.61
CA GLY B 270 -42.28 32.86 -7.15
C GLY B 270 -41.65 34.24 -7.08
N TYR B 271 -42.49 35.27 -6.99
CA TYR B 271 -41.96 36.63 -6.87
C TYR B 271 -41.11 36.94 -5.65
N HIS B 272 -41.71 36.82 -4.48
CA HIS B 272 -41.00 36.98 -3.22
C HIS B 272 -41.15 35.70 -2.41
N GLU B 273 -41.93 34.75 -2.90
CA GLU B 273 -42.17 33.51 -2.16
C GLU B 273 -41.12 32.47 -2.45
N TYR B 274 -40.46 31.99 -1.41
CA TYR B 274 -39.46 30.93 -1.58
C TYR B 274 -39.92 29.66 -0.90
N ILE B 275 -39.65 28.52 -1.53
CA ILE B 275 -39.71 27.28 -0.79
C ILE B 275 -38.47 27.23 0.09
N ILE B 276 -38.68 27.11 1.39
CA ILE B 276 -37.58 26.92 2.32
C ILE B 276 -37.37 25.43 2.47
N PHE B 277 -36.23 24.97 1.95
CA PHE B 277 -35.89 23.55 1.99
C PHE B 277 -35.53 23.17 3.42
N GLY B 278 -34.56 23.89 3.98
CA GLY B 278 -34.24 23.90 5.39
C GLY B 278 -33.21 22.86 5.83
N GLY B 279 -32.30 23.28 6.72
CA GLY B 279 -31.25 22.41 7.22
C GLY B 279 -31.47 21.48 8.40
N TYR B 280 -31.90 22.05 9.54
CA TYR B 280 -31.95 21.30 10.80
C TYR B 280 -33.02 21.79 11.76
N GLN B 281 -33.72 20.85 12.41
CA GLN B 281 -34.54 21.21 13.56
C GLN B 281 -33.80 21.05 14.88
N SER B 282 -32.67 20.35 14.83
CA SER B 282 -31.97 19.92 16.04
C SER B 282 -30.50 19.59 15.77
N GLU B 283 -29.73 19.49 16.84
CA GLU B 283 -28.28 19.23 16.72
C GLU B 283 -27.94 17.81 16.29
N THR B 284 -28.96 16.95 16.16
CA THR B 284 -28.77 15.66 15.51
C THR B 284 -29.81 15.50 14.42
N GLN B 285 -31.08 15.45 14.82
CA GLN B 285 -32.17 15.34 13.87
C GLN B 285 -32.20 16.52 12.90
N LYS B 286 -32.19 16.21 11.61
CA LYS B 286 -32.15 17.22 10.55
C LYS B 286 -33.54 17.41 9.94
N ARG B 287 -33.86 18.63 9.52
CA ARG B 287 -35.19 18.93 9.01
C ARG B 287 -35.53 18.20 7.72
N MET B 288 -36.64 17.49 7.74
CA MET B 288 -37.11 16.74 6.59
C MET B 288 -38.19 17.49 5.84
N GLU B 289 -39.32 17.75 6.51
CA GLU B 289 -40.44 18.47 5.92
C GLU B 289 -40.02 19.82 5.32
N CYS B 290 -40.55 20.14 4.15
CA CYS B 290 -40.19 21.36 3.43
C CYS B 290 -41.27 22.42 3.57
N THR B 291 -40.87 23.69 3.68
CA THR B 291 -41.83 24.74 4.02
C THR B 291 -41.96 25.84 2.98
N TYR B 292 -43.08 25.89 2.27
CA TYR B 292 -43.38 27.00 1.37
C TYR B 292 -43.55 28.27 2.18
N VAL B 293 -42.79 29.30 1.86
CA VAL B 293 -42.90 30.56 2.59
C VAL B 293 -43.26 31.70 1.64
N GLY B 294 -44.48 32.20 1.77
CA GLY B 294 -44.88 33.38 1.03
C GLY B 294 -44.75 34.65 1.86
N LEU B 295 -44.53 35.78 1.19
CA LEU B 295 -44.46 37.05 1.88
C LEU B 295 -45.58 37.97 1.45
N ASP B 296 -46.53 38.16 2.37
CA ASP B 296 -47.63 39.10 2.20
C ASP B 296 -47.28 40.39 2.92
N ASP B 297 -47.76 41.52 2.39
CA ASP B 297 -47.54 42.81 3.03
C ASP B 297 -48.02 42.81 4.48
N VAL B 298 -49.08 42.07 4.74
CA VAL B 298 -49.59 41.88 6.09
C VAL B 298 -48.55 41.17 6.96
N GLY B 299 -48.06 40.05 6.46
CA GLY B 299 -47.03 39.30 7.14
C GLY B 299 -46.65 38.02 6.43
N VAL B 300 -45.47 37.50 6.76
CA VAL B 300 -45.00 36.23 6.24
C VAL B 300 -45.97 35.11 6.60
N HIS B 301 -46.14 34.13 5.71
CA HIS B 301 -46.79 32.89 6.15
C HIS B 301 -46.19 31.64 5.52
N MET B 302 -46.23 30.58 6.30
CA MET B 302 -45.60 29.31 5.95
C MET B 302 -46.65 28.22 5.79
N GLU B 303 -46.77 27.69 4.57
CA GLU B 303 -47.55 26.48 4.37
C GLU B 303 -46.59 25.30 4.27
N SER B 304 -46.82 24.29 5.09
CA SER B 304 -46.03 23.08 4.99
C SER B 304 -46.34 22.38 3.67
N ARG B 305 -45.29 22.11 2.90
CA ARG B 305 -45.48 21.37 1.65
C ARG B 305 -45.10 19.93 1.88
N GLU B 306 -45.79 19.02 1.20
CA GLU B 306 -45.46 17.61 1.27
C GLU B 306 -44.03 17.44 0.77
N PRO B 307 -43.15 16.93 1.65
CA PRO B 307 -41.72 16.78 1.33
C PRO B 307 -41.48 15.76 0.24
N PRO B 308 -40.55 16.05 -0.69
CA PRO B 308 -40.17 15.06 -1.70
C PRO B 308 -39.81 13.75 -1.05
N GLN B 309 -40.30 12.63 -1.60
CA GLN B 309 -39.96 11.33 -1.05
C GLN B 309 -38.46 11.19 -1.04
N TRP B 310 -37.89 10.93 0.14
CA TRP B 310 -36.44 10.85 0.27
C TRP B 310 -35.97 9.43 0.02
N THR B 311 -34.88 9.30 -0.73
CA THR B 311 -34.16 8.05 -0.76
C THR B 311 -33.56 7.87 0.63
N SER B 312 -33.30 6.63 1.02
CA SER B 312 -32.82 6.31 2.36
C SER B 312 -31.62 7.17 2.79
N GLU B 313 -30.67 7.33 1.86
CA GLU B 313 -29.42 8.01 2.15
C GLU B 313 -29.58 9.44 2.66
N ILE B 314 -30.28 10.27 1.90
CA ILE B 314 -30.46 11.67 2.25
C ILE B 314 -31.29 11.83 3.52
N SER B 315 -32.11 10.82 3.81
CA SER B 315 -32.95 10.85 5.01
C SER B 315 -32.13 10.52 6.26
N HIS B 316 -31.18 9.60 6.13
CA HIS B 316 -30.39 9.17 7.31
C HIS B 316 -29.02 9.83 7.46
N SER B 317 -28.69 10.79 6.60
CA SER B 317 -27.42 11.50 6.69
C SER B 317 -27.27 12.27 8.00
N ARG B 318 -26.05 12.43 8.49
CA ARG B 318 -25.81 13.22 9.69
C ARG B 318 -25.82 14.71 9.37
N THR B 319 -25.12 15.09 8.30
CA THR B 319 -25.06 16.48 7.87
C THR B 319 -25.37 16.62 6.39
N TRP B 320 -25.89 17.77 6.00
CA TRP B 320 -26.13 18.06 4.60
C TRP B 320 -26.22 19.56 4.33
N PHE B 321 -26.03 19.92 3.06
CA PHE B 321 -25.82 21.30 2.67
C PHE B 321 -26.16 21.49 1.21
N GLY B 322 -26.31 22.74 0.79
CA GLY B 322 -26.53 23.04 -0.62
C GLY B 322 -26.90 24.48 -0.89
N GLY B 323 -27.48 24.71 -2.06
CA GLY B 323 -27.91 26.04 -2.44
C GLY B 323 -28.86 25.99 -3.62
N SER B 324 -29.67 27.04 -3.76
CA SER B 324 -30.64 27.10 -4.84
C SER B 324 -29.96 27.29 -6.18
N LEU B 325 -30.32 26.45 -7.15
CA LEU B 325 -29.96 26.70 -8.53
C LEU B 325 -30.86 27.82 -9.02
N GLY B 326 -31.92 28.08 -8.26
CA GLY B 326 -32.91 29.06 -8.64
C GLY B 326 -33.95 28.33 -9.45
N LYS B 327 -34.90 29.06 -10.03
CA LYS B 327 -35.94 28.47 -10.86
C LYS B 327 -36.81 27.51 -10.06
N GLY B 328 -36.90 27.73 -8.76
CA GLY B 328 -37.67 26.86 -7.89
C GLY B 328 -37.00 25.52 -7.68
N THR B 329 -35.73 25.48 -8.03
CA THR B 329 -34.95 24.24 -7.98
C THR B 329 -33.66 24.44 -7.19
N ALA B 330 -33.29 23.43 -6.40
CA ALA B 330 -32.11 23.55 -5.56
C ALA B 330 -31.24 22.30 -5.61
N LEU B 331 -29.99 22.45 -5.17
CA LEU B 331 -29.01 21.37 -5.16
C LEU B 331 -28.56 21.07 -3.74
N VAL B 332 -28.64 19.81 -3.34
CA VAL B 332 -28.19 19.41 -2.01
C VAL B 332 -27.10 18.34 -2.15
N ALA B 333 -26.33 18.12 -1.09
CA ALA B 333 -25.24 17.14 -1.15
C ALA B 333 -25.10 16.34 0.14
N ILE B 334 -24.86 15.03 -0.02
CA ILE B 334 -24.64 14.13 1.09
C ILE B 334 -23.22 13.59 1.10
N PRO B 335 -22.46 13.88 2.16
CA PRO B 335 -21.11 13.34 2.32
C PRO B 335 -21.11 11.81 2.27
N SER B 336 -20.19 11.22 1.52
CA SER B 336 -20.21 9.77 1.33
C SER B 336 -18.96 9.11 1.90
N GLU B 337 -19.15 7.98 2.56
CA GLU B 337 -18.03 7.25 3.13
C GLU B 337 -17.87 5.87 2.56
N GLY B 338 -16.63 5.57 2.18
CA GLY B 338 -16.22 4.22 1.85
C GLY B 338 -14.77 4.37 1.42
N ASN B 339 -14.01 3.29 1.52
CA ASN B 339 -12.63 3.34 1.05
C ASN B 339 -12.31 2.11 0.20
N PRO B 340 -11.56 2.29 -0.90
CA PRO B 340 -10.88 3.52 -1.38
C PRO B 340 -11.82 4.71 -1.61
N THR B 341 -11.39 5.89 -1.17
CA THR B 341 -12.16 7.11 -1.26
C THR B 341 -12.68 7.28 -2.70
N PRO B 342 -13.99 7.54 -2.86
CA PRO B 342 -14.75 7.39 -4.11
C PRO B 342 -14.12 7.90 -5.43
N PRO B 343 -13.32 8.99 -5.44
CA PRO B 343 -13.01 10.06 -4.49
C PRO B 343 -13.93 11.25 -4.67
N GLU B 344 -15.23 11.00 -4.70
CA GLU B 344 -16.20 12.08 -4.73
C GLU B 344 -16.75 12.20 -3.33
N ALA B 345 -16.35 13.25 -2.64
CA ALA B 345 -16.61 13.40 -1.21
C ALA B 345 -18.09 13.63 -0.95
N TYR B 346 -18.82 13.97 -2.00
CA TYR B 346 -20.24 14.27 -1.86
C TYR B 346 -21.07 13.72 -3.02
N HIS B 347 -22.16 13.04 -2.69
CA HIS B 347 -23.17 12.72 -3.67
C HIS B 347 -24.10 13.92 -3.82
N PHE B 348 -24.53 14.21 -5.03
CA PHE B 348 -25.37 15.38 -5.23
C PHE B 348 -26.80 15.02 -5.63
N TYR B 349 -27.75 15.84 -5.21
CA TYR B 349 -29.15 15.67 -5.54
C TYR B 349 -29.74 16.97 -6.04
N GLN B 350 -30.56 16.89 -7.08
CA GLN B 350 -31.35 18.04 -7.48
C GLN B 350 -32.77 17.84 -6.96
N VAL B 351 -33.35 18.90 -6.42
CA VAL B 351 -34.71 18.84 -5.89
C VAL B 351 -35.55 19.98 -6.48
N SER B 352 -36.77 19.64 -6.89
CA SER B 352 -37.61 20.57 -7.64
C SER B 352 -39.02 20.66 -7.08
N PHE B 353 -39.59 21.86 -7.18
CA PHE B 353 -40.96 22.14 -6.77
C PHE B 353 -41.85 22.29 -8.01
N GLN B 354 -43.12 21.89 -7.85
CA GLN B 354 -44.15 22.03 -8.90
C GLN B 354 -43.90 21.12 -10.10
N GLY C 213 23.17 -13.10 39.92
CA GLY C 213 22.66 -12.52 38.68
C GLY C 213 21.51 -13.33 38.10
N LEU C 214 21.28 -13.16 36.80
CA LEU C 214 20.19 -13.85 36.10
C LEU C 214 20.69 -15.09 35.38
N HIS C 215 19.87 -16.13 35.33
CA HIS C 215 20.19 -17.29 34.52
C HIS C 215 20.14 -16.86 33.05
N PRO C 216 21.06 -17.39 32.23
CA PRO C 216 21.12 -17.03 30.80
C PRO C 216 19.84 -17.32 30.02
N ALA C 217 19.27 -18.50 30.22
CA ALA C 217 18.06 -18.89 29.48
C ALA C 217 16.89 -17.99 29.81
N VAL C 218 16.67 -17.75 31.10
CA VAL C 218 15.64 -16.84 31.58
C VAL C 218 15.75 -15.48 30.91
N CYS C 219 16.96 -14.94 30.91
CA CYS C 219 17.27 -13.69 30.25
C CYS C 219 16.95 -13.69 28.75
N LEU C 220 17.33 -14.77 28.09
CA LEU C 220 17.08 -14.94 26.66
C LEU C 220 15.59 -14.96 26.37
N ALA C 221 14.82 -15.54 27.28
CA ALA C 221 13.37 -15.52 27.22
C ALA C 221 12.85 -14.09 27.39
N ILE C 222 13.41 -13.38 28.37
CA ILE C 222 13.10 -11.96 28.55
C ILE C 222 13.29 -11.21 27.23
N ARG C 223 14.29 -11.63 26.47
CA ARG C 223 14.62 -10.99 25.22
C ARG C 223 13.59 -11.29 24.13
N VAL C 224 13.48 -12.56 23.73
CA VAL C 224 12.63 -12.91 22.60
C VAL C 224 11.13 -12.75 22.88
N ASN C 225 10.72 -12.82 24.14
CA ASN C 225 9.32 -12.69 24.50
C ASN C 225 8.86 -11.24 24.60
N THR C 226 9.80 -10.34 24.81
CA THR C 226 9.48 -8.93 24.87
C THR C 226 9.77 -8.23 23.53
N PHE C 227 10.19 -9.02 22.54
CA PHE C 227 10.52 -8.56 21.18
C PHE C 227 11.76 -7.66 21.13
N LEU C 228 12.79 -8.01 21.89
CA LEU C 228 13.99 -7.16 21.98
C LEU C 228 15.06 -7.48 20.95
N SER C 229 15.35 -6.51 20.10
CA SER C 229 16.45 -6.63 19.16
C SER C 229 17.75 -6.83 19.93
N CYS C 230 18.62 -7.74 19.44
CA CYS C 230 19.87 -8.05 20.15
C CYS C 230 20.71 -6.79 20.35
N SER C 231 20.57 -5.84 19.43
CA SER C 231 21.22 -4.54 19.55
C SER C 231 20.65 -3.78 20.73
N GLN C 232 19.32 -3.74 20.80
CA GLN C 232 18.62 -3.06 21.88
C GLN C 232 18.90 -3.73 23.23
N TYR C 233 18.94 -5.05 23.21
CA TYR C 233 19.24 -5.82 24.41
C TYR C 233 20.69 -5.59 24.87
N HIS C 234 21.59 -5.42 23.92
CA HIS C 234 22.98 -5.09 24.24
C HIS C 234 23.07 -3.69 24.82
N LYS C 235 22.26 -2.78 24.30
CA LYS C 235 22.17 -1.43 24.86
C LYS C 235 21.74 -1.49 26.32
N MET C 236 20.60 -2.11 26.58
CA MET C 236 20.12 -2.26 27.96
C MET C 236 21.16 -2.90 28.87
N TYR C 237 21.66 -4.07 28.47
CA TYR C 237 22.65 -4.82 29.23
C TYR C 237 23.84 -3.95 29.60
N ARG C 238 24.42 -3.31 28.59
CA ARG C 238 25.57 -2.44 28.79
C ARG C 238 25.24 -1.39 29.84
N THR C 239 24.07 -0.78 29.72
CA THR C 239 23.66 0.26 30.66
C THR C 239 23.57 -0.24 32.09
N VAL C 240 22.74 -1.26 32.33
CA VAL C 240 22.53 -1.74 33.70
C VAL C 240 23.85 -2.28 34.28
N LYS C 241 24.73 -2.77 33.42
CA LYS C 241 26.04 -3.21 33.86
C LYS C 241 26.89 -2.03 34.34
N ALA C 242 27.04 -1.03 33.49
CA ALA C 242 27.89 0.12 33.81
C ALA C 242 27.32 0.97 34.94
N THR C 243 25.99 1.07 35.00
CA THR C 243 25.33 1.87 36.02
C THR C 243 24.78 0.98 37.11
N SER C 244 25.36 1.09 38.32
CA SER C 244 25.02 0.22 39.44
C SER C 244 25.14 -1.25 39.06
N GLY C 245 26.36 -1.68 38.75
CA GLY C 245 26.58 -3.08 38.45
C GLY C 245 28.04 -3.50 38.57
N ARG C 246 28.34 -4.78 38.85
CA ARG C 246 27.42 -5.85 39.27
C ARG C 246 26.31 -6.17 38.26
N GLN C 247 26.72 -6.73 37.11
CA GLN C 247 25.80 -6.95 36.00
C GLN C 247 24.78 -8.04 36.32
N ILE C 248 23.58 -7.87 35.77
CA ILE C 248 22.48 -8.79 35.98
C ILE C 248 22.25 -9.64 34.73
N PHE C 249 21.94 -8.98 33.63
CA PHE C 249 21.74 -9.65 32.34
C PHE C 249 23.04 -10.30 31.88
N GLN C 250 22.90 -11.36 31.10
CA GLN C 250 24.06 -12.00 30.49
C GLN C 250 24.32 -11.38 29.12
N PRO C 251 25.60 -11.10 28.81
CA PRO C 251 26.00 -10.49 27.54
C PRO C 251 25.57 -11.31 26.33
N LEU C 252 25.58 -10.70 25.16
CA LEU C 252 25.02 -11.31 23.95
C LEU C 252 25.52 -12.72 23.64
N HIS C 253 26.80 -12.99 23.89
CA HIS C 253 27.38 -14.25 23.43
C HIS C 253 26.85 -15.47 24.20
N THR C 254 26.66 -15.33 25.52
CA THR C 254 26.14 -16.44 26.31
C THR C 254 24.68 -16.68 25.96
N LEU C 255 23.98 -15.62 25.54
CA LEU C 255 22.63 -15.78 25.03
C LEU C 255 22.66 -16.58 23.74
N ARG C 256 23.57 -16.20 22.86
CA ARG C 256 23.68 -16.85 21.55
C ARG C 256 24.02 -18.32 21.67
N ASN C 257 24.85 -18.69 22.65
CA ASN C 257 25.16 -20.10 22.85
C ASN C 257 24.12 -20.81 23.74
N ALA C 258 23.30 -20.04 24.44
CA ALA C 258 22.26 -20.63 25.28
C ALA C 258 21.10 -21.07 24.40
N GLU C 259 20.91 -20.38 23.28
CA GLU C 259 19.79 -20.65 22.41
C GLU C 259 20.14 -21.71 21.37
N LYS C 260 21.34 -22.24 21.46
CA LYS C 260 21.77 -23.32 20.60
C LYS C 260 20.91 -24.53 20.96
N GLU C 261 20.62 -24.66 22.26
CA GLU C 261 19.86 -25.79 22.79
C GLU C 261 18.46 -25.87 22.22
N LEU C 262 17.79 -24.73 22.15
CA LEU C 262 16.39 -24.68 21.73
C LEU C 262 16.19 -24.92 20.24
N LEU C 263 17.02 -24.28 19.41
CA LEU C 263 16.89 -24.36 17.96
C LEU C 263 17.04 -25.79 17.46
N PRO C 264 16.47 -26.08 16.29
CA PRO C 264 16.53 -27.44 15.75
C PRO C 264 17.95 -27.87 15.44
N GLY C 265 18.18 -29.18 15.33
CA GLY C 265 19.52 -29.69 15.08
C GLY C 265 20.35 -29.72 16.34
N PHE C 266 19.70 -30.05 17.45
CA PHE C 266 20.38 -30.10 18.74
C PHE C 266 20.25 -31.48 19.37
N HIS C 267 19.03 -31.84 19.74
CA HIS C 267 18.75 -33.12 20.38
C HIS C 267 18.87 -34.25 19.36
N GLN C 268 19.52 -35.33 19.76
CA GLN C 268 19.71 -36.50 18.87
C GLN C 268 18.48 -37.40 18.94
N PHE C 269 18.11 -37.96 17.80
CA PHE C 269 16.86 -38.71 17.67
C PHE C 269 16.90 -39.70 16.51
N GLU C 270 15.98 -40.67 16.47
CA GLU C 270 15.93 -41.54 15.29
C GLU C 270 14.55 -42.08 14.96
N TRP C 271 14.25 -42.15 13.67
CA TRP C 271 13.02 -42.75 13.17
C TRP C 271 13.15 -44.27 12.99
N GLN C 272 12.06 -45.01 13.18
CA GLN C 272 12.07 -46.39 12.72
C GLN C 272 10.78 -46.79 11.99
N PRO C 273 10.91 -47.47 10.84
CA PRO C 273 12.17 -47.67 10.11
C PRO C 273 12.67 -46.35 9.50
N ALA C 274 13.93 -46.30 9.08
CA ALA C 274 14.53 -45.07 8.56
C ALA C 274 13.71 -44.48 7.40
N LEU C 275 13.62 -43.16 7.38
CA LEU C 275 12.78 -42.44 6.43
C LEU C 275 13.22 -42.65 4.99
N LYS C 276 12.25 -42.72 4.08
CA LYS C 276 12.53 -42.86 2.66
C LYS C 276 12.87 -41.51 2.05
N ASN C 277 14.02 -41.47 1.38
CA ASN C 277 14.46 -40.26 0.66
C ASN C 277 14.66 -39.03 1.55
N VAL C 278 15.28 -39.24 2.71
CA VAL C 278 15.57 -38.15 3.66
C VAL C 278 16.99 -38.31 4.22
N SER C 279 17.61 -37.19 4.63
CA SER C 279 18.92 -37.24 5.29
C SER C 279 18.81 -37.74 6.74
N THR C 280 19.77 -38.55 7.15
CA THR C 280 19.77 -39.12 8.50
C THR C 280 20.45 -38.22 9.52
N SER C 281 21.11 -37.17 9.04
CA SER C 281 21.82 -36.25 9.93
C SER C 281 20.85 -35.42 10.76
N TRP C 282 21.00 -35.47 12.07
CA TRP C 282 20.07 -34.83 12.99
C TRP C 282 20.49 -33.43 13.47
N ASP C 283 21.69 -33.00 13.12
CA ASP C 283 22.22 -31.74 13.65
C ASP C 283 22.01 -30.55 12.71
N VAL C 284 21.33 -30.78 11.59
CA VAL C 284 21.21 -29.76 10.57
C VAL C 284 20.27 -28.64 10.99
N GLY C 285 20.71 -27.41 10.80
CA GLY C 285 19.95 -26.22 11.16
C GLY C 285 19.26 -25.63 9.95
N ILE C 286 19.18 -24.31 9.91
CA ILE C 286 18.57 -23.58 8.80
C ILE C 286 19.19 -23.97 7.45
N ILE C 287 18.34 -24.36 6.51
CA ILE C 287 18.79 -24.71 5.18
C ILE C 287 18.19 -23.77 4.17
N ASP C 288 18.96 -23.36 3.16
CA ASP C 288 18.41 -22.61 2.05
C ASP C 288 17.40 -23.49 1.32
N GLY C 289 16.18 -22.99 1.18
CA GLY C 289 15.07 -23.79 0.70
C GLY C 289 15.20 -24.28 -0.73
N LEU C 290 16.16 -23.71 -1.45
CA LEU C 290 16.45 -24.12 -2.83
C LEU C 290 16.63 -25.62 -2.95
N SER C 291 17.30 -26.20 -1.96
CA SER C 291 17.53 -27.64 -1.92
C SER C 291 18.30 -28.13 -3.15
N GLY C 292 19.28 -27.34 -3.59
CA GLY C 292 20.17 -27.77 -4.64
C GLY C 292 19.89 -27.30 -6.05
N TRP C 293 19.11 -26.22 -6.21
CA TRP C 293 18.91 -25.65 -7.54
C TRP C 293 20.26 -25.29 -8.15
N THR C 294 20.50 -25.80 -9.37
CA THR C 294 21.83 -25.77 -9.96
C THR C 294 22.17 -24.42 -10.58
N VAL C 295 21.23 -23.49 -10.47
CA VAL C 295 21.41 -22.07 -10.81
C VAL C 295 22.12 -21.86 -12.16
N SER C 296 21.84 -22.74 -13.10
CA SER C 296 22.28 -22.52 -14.47
C SER C 296 21.48 -21.36 -15.04
N VAL C 297 22.16 -20.48 -15.77
CA VAL C 297 21.48 -19.40 -16.47
C VAL C 297 20.48 -20.01 -17.46
N ASP C 298 20.85 -21.16 -18.00
CA ASP C 298 20.03 -21.83 -19.01
C ASP C 298 18.74 -22.44 -18.46
N ASP C 299 18.83 -23.05 -17.29
CA ASP C 299 17.67 -23.71 -16.68
C ASP C 299 16.67 -22.69 -16.11
N VAL C 300 15.67 -23.22 -15.42
CA VAL C 300 14.73 -22.41 -14.66
C VAL C 300 15.53 -21.55 -13.67
N PRO C 301 15.08 -20.30 -13.44
CA PRO C 301 15.87 -19.38 -12.62
C PRO C 301 15.91 -19.71 -11.13
N ALA C 302 16.89 -19.11 -10.45
CA ALA C 302 17.14 -19.27 -9.03
C ALA C 302 16.43 -18.22 -8.18
N ASP C 303 15.55 -17.43 -8.80
CA ASP C 303 15.05 -16.16 -8.23
C ASP C 303 14.67 -16.22 -6.75
N THR C 304 14.18 -17.36 -6.29
CA THR C 304 13.70 -17.49 -4.92
C THR C 304 14.77 -17.34 -3.84
N ILE C 305 14.41 -16.63 -2.78
CA ILE C 305 15.14 -16.68 -1.53
C ILE C 305 14.28 -17.42 -0.51
N SER C 306 14.81 -18.52 0.02
CA SER C 306 14.07 -19.31 0.99
C SER C 306 14.97 -19.88 2.09
N ARG C 307 14.44 -19.92 3.31
CA ARG C 307 15.12 -20.57 4.42
C ARG C 307 14.12 -21.40 5.21
N ARG C 308 14.43 -22.68 5.39
CA ARG C 308 13.53 -23.59 6.10
C ARG C 308 14.29 -24.51 7.02
N PHE C 309 13.61 -25.02 8.03
CA PHE C 309 14.14 -26.12 8.83
C PHE C 309 13.73 -27.43 8.17
N ARG C 310 14.63 -28.41 8.18
CA ARG C 310 14.26 -29.75 7.76
C ARG C 310 13.17 -30.22 8.71
N TYR C 311 12.06 -30.68 8.14
CA TYR C 311 10.81 -30.89 8.85
C TYR C 311 10.93 -31.67 10.17
N ASP C 312 11.52 -32.86 10.12
CA ASP C 312 11.58 -33.74 11.27
C ASP C 312 12.38 -33.16 12.43
N VAL C 313 13.45 -32.43 12.13
CA VAL C 313 14.28 -31.84 13.17
C VAL C 313 13.54 -30.73 13.90
N ALA C 314 12.87 -29.88 13.12
CA ALA C 314 11.95 -28.90 13.68
C ALA C 314 10.97 -29.60 14.60
N LEU C 315 10.37 -30.67 14.09
CA LEU C 315 9.39 -31.41 14.87
C LEU C 315 9.95 -31.92 16.21
N VAL C 316 11.16 -32.47 16.20
CA VAL C 316 11.70 -33.00 17.46
C VAL C 316 12.01 -31.85 18.41
N SER C 317 12.53 -30.73 17.91
CA SER C 317 12.86 -29.61 18.80
C SER C 317 11.62 -28.91 19.34
N ALA C 318 10.50 -29.05 18.63
CA ALA C 318 9.23 -28.51 19.10
C ALA C 318 8.57 -29.42 20.11
N LEU C 319 8.68 -30.73 19.88
CA LEU C 319 8.10 -31.74 20.76
C LEU C 319 8.98 -32.07 21.98
N LYS C 320 10.29 -32.11 21.78
CA LYS C 320 11.25 -32.26 22.89
C LYS C 320 11.21 -31.00 23.76
N ASP C 321 10.58 -29.96 23.22
CA ASP C 321 10.26 -28.76 23.96
C ASP C 321 9.12 -29.02 24.95
N LEU C 322 8.23 -29.95 24.60
CA LEU C 322 7.08 -30.28 25.43
C LEU C 322 7.35 -31.44 26.39
N GLU C 323 8.59 -31.90 26.41
CA GLU C 323 9.01 -33.01 27.26
C GLU C 323 8.55 -32.81 28.70
N GLU C 324 8.75 -31.58 29.19
CA GLU C 324 8.35 -31.22 30.54
C GLU C 324 6.84 -31.35 30.74
N ASP C 325 6.09 -30.95 29.71
CA ASP C 325 4.63 -30.95 29.79
C ASP C 325 4.03 -32.33 29.56
N ILE C 326 4.71 -33.18 28.80
CA ILE C 326 4.22 -34.54 28.62
C ILE C 326 4.56 -35.37 29.85
N MET C 327 5.69 -35.05 30.50
CA MET C 327 6.00 -35.62 31.80
C MET C 327 4.95 -35.14 32.80
N GLU C 328 4.55 -33.88 32.64
CA GLU C 328 3.51 -33.28 33.47
C GLU C 328 2.21 -34.06 33.33
N GLY C 329 1.84 -34.38 32.10
CA GLY C 329 0.65 -35.15 31.83
C GLY C 329 0.73 -36.56 32.38
N LEU C 330 1.87 -37.22 32.18
CA LEU C 330 2.07 -38.58 32.66
C LEU C 330 2.00 -38.68 34.18
N ARG C 331 2.56 -37.68 34.85
CA ARG C 331 2.48 -37.60 36.30
C ARG C 331 1.03 -37.36 36.72
N GLU C 332 0.40 -36.35 36.13
CA GLU C 332 -0.95 -35.95 36.51
C GLU C 332 -1.95 -37.06 36.21
N ARG C 333 -1.81 -37.70 35.06
CA ARG C 333 -2.70 -38.79 34.67
C ARG C 333 -2.53 -40.01 35.58
N ALA C 334 -1.54 -39.93 36.47
CA ALA C 334 -1.22 -41.00 37.42
C ALA C 334 -0.80 -42.26 36.69
N LEU C 335 -0.33 -42.08 35.47
CA LEU C 335 0.33 -43.14 34.72
C LEU C 335 1.77 -43.22 35.25
N ASP C 336 2.38 -44.40 35.15
CA ASP C 336 3.79 -44.52 35.49
C ASP C 336 4.63 -43.90 34.38
N ASP C 337 5.53 -42.99 34.77
CA ASP C 337 6.37 -42.29 33.81
C ASP C 337 7.35 -43.25 33.16
N SER C 338 7.72 -44.30 33.89
CA SER C 338 8.61 -45.32 33.36
C SER C 338 7.85 -46.31 32.48
N MET C 339 6.64 -46.63 32.88
CA MET C 339 5.79 -47.55 32.11
C MET C 339 5.30 -46.87 30.83
N CYS C 340 4.87 -47.68 29.86
CA CYS C 340 4.29 -47.24 28.59
C CYS C 340 5.06 -46.10 27.90
N THR C 341 6.26 -46.41 27.43
CA THR C 341 7.06 -45.45 26.69
C THR C 341 6.71 -45.36 25.20
N SER C 342 6.28 -46.48 24.61
CA SER C 342 6.14 -46.56 23.15
C SER C 342 4.72 -46.30 22.60
N GLY C 343 3.76 -46.08 23.48
CA GLY C 343 2.36 -45.99 23.07
C GLY C 343 1.88 -44.59 22.72
N PHE C 344 2.81 -43.65 22.56
CA PHE C 344 2.49 -42.25 22.31
C PHE C 344 1.98 -41.99 20.89
N THR C 345 1.02 -41.07 20.78
CA THR C 345 0.55 -40.58 19.48
C THR C 345 0.54 -39.06 19.51
N VAL C 346 0.94 -38.42 18.42
CA VAL C 346 1.05 -36.96 18.38
C VAL C 346 0.29 -36.35 17.21
N VAL C 347 -0.73 -35.55 17.49
CA VAL C 347 -1.51 -34.90 16.45
C VAL C 347 -1.03 -33.46 16.19
N VAL C 348 -0.68 -33.20 14.93
CA VAL C 348 -0.08 -31.92 14.55
C VAL C 348 -0.84 -31.25 13.39
N LYS C 349 -1.11 -29.96 13.56
CA LYS C 349 -1.74 -29.14 12.54
C LYS C 349 -0.68 -28.41 11.72
N GLU C 350 -0.48 -28.82 10.48
CA GLU C 350 0.34 -28.02 9.57
C GLU C 350 -0.52 -26.93 8.93
N SER C 351 0.12 -25.83 8.54
CA SER C 351 -0.61 -24.72 7.93
C SER C 351 0.27 -23.95 6.95
N CYS C 352 -0.36 -23.35 5.94
CA CYS C 352 0.36 -22.53 4.97
C CYS C 352 -0.47 -21.34 4.53
N ASP C 353 0.14 -20.16 4.52
CA ASP C 353 -0.54 -18.99 3.99
C ASP C 353 0.39 -18.09 3.21
N GLY C 354 -0.10 -17.56 2.09
CA GLY C 354 0.61 -16.53 1.36
C GLY C 354 0.35 -15.16 1.96
N MET C 355 1.37 -14.32 1.92
CA MET C 355 1.27 -12.96 2.43
C MET C 355 1.86 -12.01 1.40
N GLY C 356 1.03 -11.15 0.84
CA GLY C 356 1.49 -10.26 -0.21
C GLY C 356 2.17 -9.05 0.34
N ASP C 357 2.55 -8.13 -0.55
CA ASP C 357 3.08 -6.82 -0.15
C ASP C 357 4.34 -6.92 0.71
N VAL C 358 5.30 -7.72 0.28
CA VAL C 358 6.58 -7.78 0.98
C VAL C 358 7.63 -7.00 0.21
N SER C 359 8.15 -5.94 0.83
CA SER C 359 9.12 -5.09 0.17
C SER C 359 10.39 -5.86 -0.17
N GLU C 360 10.82 -5.73 -1.41
CA GLU C 360 12.09 -6.30 -1.84
C GLU C 360 13.20 -5.39 -1.33
N LYS C 361 14.35 -5.97 -1.04
CA LYS C 361 15.51 -5.22 -0.58
C LYS C 361 16.49 -5.07 -1.72
N HIS C 362 17.24 -3.98 -1.74
CA HIS C 362 18.10 -3.67 -2.88
C HIS C 362 19.10 -4.79 -3.19
N GLY C 363 19.93 -5.13 -2.22
CA GLY C 363 20.67 -6.39 -2.26
C GLY C 363 21.63 -6.59 -3.41
N SER C 364 22.21 -7.78 -3.47
CA SER C 364 23.10 -8.16 -4.58
C SER C 364 22.29 -8.82 -5.67
N GLY C 365 21.03 -9.08 -5.36
CA GLY C 365 20.22 -9.99 -6.15
C GLY C 365 20.08 -11.28 -5.37
N PRO C 366 19.32 -12.24 -5.90
CA PRO C 366 18.62 -12.15 -7.19
C PRO C 366 17.40 -11.24 -7.12
N ALA C 367 16.94 -10.76 -8.28
CA ALA C 367 15.68 -10.04 -8.34
C ALA C 367 14.58 -10.98 -7.88
N VAL C 368 13.81 -10.55 -6.88
CA VAL C 368 12.91 -11.47 -6.21
C VAL C 368 11.54 -10.83 -5.94
N PRO C 369 10.46 -11.60 -6.15
CA PRO C 369 9.07 -11.13 -6.04
C PRO C 369 8.70 -10.54 -4.70
N GLU C 370 7.66 -9.70 -4.70
CA GLU C 370 7.23 -8.96 -3.52
C GLU C 370 6.21 -9.72 -2.68
N LYS C 371 5.96 -10.97 -3.04
CA LYS C 371 5.06 -11.84 -2.28
C LYS C 371 5.87 -12.83 -1.45
N ALA C 372 5.39 -13.17 -0.27
CA ALA C 372 6.08 -14.13 0.60
C ALA C 372 5.14 -15.17 1.18
N VAL C 373 5.37 -16.43 0.85
CA VAL C 373 4.58 -17.53 1.37
C VAL C 373 5.20 -18.08 2.65
N ARG C 374 4.41 -18.15 3.72
CA ARG C 374 4.89 -18.60 5.02
C ARG C 374 4.19 -19.89 5.44
N PHE C 375 5.00 -20.87 5.85
CA PHE C 375 4.53 -22.23 6.11
C PHE C 375 4.98 -22.66 7.51
N SER C 376 4.05 -23.20 8.31
CA SER C 376 4.33 -23.48 9.72
C SER C 376 3.58 -24.69 10.25
N PHE C 377 3.82 -25.05 11.52
CA PHE C 377 3.03 -26.10 12.14
C PHE C 377 2.90 -25.93 13.66
N THR C 378 1.78 -26.41 14.18
CA THR C 378 1.46 -26.38 15.62
C THR C 378 1.21 -27.79 16.12
N ILE C 379 1.71 -28.12 17.31
CA ILE C 379 1.41 -29.42 17.88
C ILE C 379 0.15 -29.31 18.71
N MET C 380 -0.91 -29.95 18.25
CA MET C 380 -2.21 -29.84 18.88
C MET C 380 -2.38 -30.73 20.09
N SER C 381 -1.97 -31.99 19.96
CA SER C 381 -2.14 -32.93 21.05
C SER C 381 -1.19 -34.13 21.00
N ILE C 382 -1.00 -34.73 22.18
CA ILE C 382 -0.30 -36.00 22.32
C ILE C 382 -1.11 -36.88 23.26
N SER C 383 -1.40 -38.10 22.81
CA SER C 383 -2.19 -39.01 23.63
C SER C 383 -1.63 -40.43 23.61
N ILE C 384 -1.59 -41.08 24.77
CA ILE C 384 -1.17 -42.47 24.87
C ILE C 384 -2.25 -43.35 24.26
N ARG C 385 -1.91 -44.57 23.87
CA ARG C 385 -2.91 -45.56 23.51
C ARG C 385 -2.63 -46.90 24.18
N LEU C 386 -1.49 -47.47 23.86
CA LEU C 386 -1.01 -48.73 24.43
C LEU C 386 -1.12 -48.66 25.95
N GLU C 387 -1.72 -49.65 26.63
CA GLU C 387 -2.08 -51.00 26.17
C GLU C 387 -2.82 -51.22 24.85
N GLY C 388 -3.94 -50.55 24.68
CA GLY C 388 -4.72 -50.67 23.46
C GLY C 388 -6.17 -50.57 23.87
N GLU C 389 -7.06 -51.04 22.99
CA GLU C 389 -8.47 -51.29 23.31
C GLU C 389 -9.15 -50.15 24.08
N ASP C 390 -8.72 -48.93 23.81
CA ASP C 390 -9.20 -47.79 24.58
C ASP C 390 -9.39 -46.57 23.71
N ASP C 391 -9.86 -45.49 24.35
CA ASP C 391 -9.92 -44.18 23.72
C ASP C 391 -8.51 -43.74 23.39
N GLY C 392 -7.61 -44.07 24.30
CA GLY C 392 -6.30 -43.46 24.38
C GLY C 392 -6.48 -42.30 25.34
N ILE C 393 -5.48 -42.03 26.16
CA ILE C 393 -5.62 -40.98 27.15
C ILE C 393 -4.86 -39.75 26.68
N THR C 394 -5.45 -38.57 26.84
CA THR C 394 -4.82 -37.39 26.29
C THR C 394 -3.82 -36.82 27.29
N ILE C 395 -2.54 -36.93 26.94
CA ILE C 395 -1.47 -36.44 27.80
C ILE C 395 -1.40 -34.93 27.69
N PHE C 396 -1.41 -34.44 26.47
CA PHE C 396 -1.33 -32.99 26.24
C PHE C 396 -2.33 -32.53 25.20
N GLN C 397 -3.11 -31.52 25.56
CA GLN C 397 -4.06 -30.92 24.62
C GLN C 397 -3.89 -29.41 24.67
N GLU C 398 -3.47 -28.82 23.54
CA GLU C 398 -3.14 -27.40 23.50
C GLU C 398 -4.33 -26.53 23.87
N GLN C 399 -4.09 -25.58 24.76
CA GLN C 399 -5.16 -24.75 25.30
C GLN C 399 -5.58 -23.66 24.31
N LYS C 400 -4.60 -23.08 23.63
CA LYS C 400 -4.88 -21.98 22.72
C LYS C 400 -4.17 -22.16 21.38
N PRO C 401 -4.75 -22.98 20.49
CA PRO C 401 -4.23 -23.22 19.14
C PRO C 401 -4.38 -21.99 18.24
N ASN C 402 -5.21 -21.05 18.68
CA ASN C 402 -5.47 -19.83 17.91
C ASN C 402 -4.46 -18.74 18.25
N SER C 403 -3.47 -19.09 19.05
CA SER C 403 -2.41 -18.15 19.42
C SER C 403 -1.20 -18.27 18.50
N GLU C 404 -0.56 -17.15 18.22
CA GLU C 404 0.64 -17.15 17.38
C GLU C 404 1.83 -17.78 18.09
N LEU C 405 1.77 -17.86 19.43
CA LEU C 405 2.87 -18.44 20.18
C LEU C 405 2.71 -19.95 20.27
N SER C 406 1.65 -20.46 19.64
CA SER C 406 1.45 -21.90 19.53
C SER C 406 1.93 -22.40 18.16
N CYS C 407 2.34 -21.46 17.31
CA CYS C 407 2.63 -21.77 15.91
C CYS C 407 4.11 -21.62 15.57
N ARG C 408 4.75 -22.74 15.22
CA ARG C 408 6.19 -22.76 14.96
C ARG C 408 6.43 -22.68 13.46
N PRO C 409 7.09 -21.60 13.01
CA PRO C 409 7.38 -21.44 11.58
C PRO C 409 8.34 -22.53 11.06
N LEU C 410 7.89 -23.26 10.05
CA LEU C 410 8.69 -24.31 9.45
C LEU C 410 9.61 -23.81 8.35
N CYS C 411 9.05 -22.92 7.53
CA CYS C 411 9.63 -22.54 6.24
C CYS C 411 9.33 -21.08 5.88
N LEU C 412 10.24 -20.46 5.14
CA LEU C 412 10.06 -19.08 4.72
C LEU C 412 10.52 -18.87 3.28
N MET C 413 9.68 -18.21 2.48
CA MET C 413 9.98 -17.96 1.06
C MET C 413 9.71 -16.54 0.63
N PHE C 414 10.29 -16.13 -0.50
CA PHE C 414 9.68 -15.07 -1.27
C PHE C 414 9.24 -15.68 -2.58
N VAL C 415 7.94 -15.97 -2.67
CA VAL C 415 7.31 -16.52 -3.88
C VAL C 415 5.85 -16.11 -3.86
N ASP C 416 5.27 -15.89 -5.03
CA ASP C 416 3.81 -15.80 -5.12
C ASP C 416 3.22 -17.20 -5.17
N GLU C 417 2.13 -17.41 -4.45
CA GLU C 417 1.50 -18.72 -4.38
C GLU C 417 0.64 -18.98 -5.61
N SER C 418 0.52 -17.97 -6.46
CA SER C 418 -0.15 -18.11 -7.75
C SER C 418 0.88 -18.55 -8.78
N ASP C 419 2.15 -18.50 -8.40
CA ASP C 419 3.22 -19.02 -9.24
C ASP C 419 3.44 -20.44 -8.79
N HIS C 420 2.99 -21.39 -9.60
CA HIS C 420 2.94 -22.78 -9.17
C HIS C 420 4.26 -23.50 -9.33
N GLU C 421 4.96 -23.21 -10.42
CA GLU C 421 6.29 -23.78 -10.65
C GLU C 421 7.16 -23.62 -9.41
N THR C 422 7.41 -22.39 -9.03
CA THR C 422 8.34 -22.08 -7.97
C THR C 422 7.88 -22.63 -6.62
N LEU C 423 6.59 -22.46 -6.34
CA LEU C 423 6.05 -22.91 -5.06
C LEU C 423 6.16 -24.43 -4.90
N THR C 424 5.79 -25.16 -5.94
CA THR C 424 5.91 -26.62 -5.89
C THR C 424 7.38 -27.03 -5.86
N ALA C 425 8.22 -26.21 -6.47
CA ALA C 425 9.67 -26.46 -6.52
C ALA C 425 10.35 -26.26 -5.17
N ILE C 426 9.77 -25.40 -4.33
CA ILE C 426 10.29 -25.25 -2.98
C ILE C 426 9.64 -26.30 -2.07
N LEU C 427 8.32 -26.27 -1.98
CA LEU C 427 7.58 -27.09 -1.02
C LEU C 427 7.56 -28.59 -1.35
N GLY C 428 8.11 -28.98 -2.50
CA GLY C 428 8.15 -30.38 -2.87
C GLY C 428 8.84 -31.31 -1.87
N PRO C 429 10.13 -31.03 -1.58
CA PRO C 429 10.88 -31.75 -0.54
C PRO C 429 10.15 -31.84 0.80
N VAL C 430 9.51 -30.76 1.23
CA VAL C 430 8.74 -30.75 2.48
C VAL C 430 7.65 -31.83 2.45
N VAL C 431 6.84 -31.80 1.41
CA VAL C 431 5.77 -32.76 1.24
C VAL C 431 6.32 -34.17 1.24
N ALA C 432 7.48 -34.35 0.61
CA ALA C 432 8.15 -35.65 0.65
C ALA C 432 8.44 -36.08 2.08
N GLU C 433 9.00 -35.16 2.86
CA GLU C 433 9.24 -35.38 4.27
C GLU C 433 7.97 -35.85 4.97
N ARG C 434 6.84 -35.23 4.63
CA ARG C 434 5.56 -35.62 5.18
C ARG C 434 5.18 -37.06 4.82
N LYS C 435 5.20 -37.37 3.53
CA LYS C 435 4.81 -38.70 3.07
C LYS C 435 5.68 -39.80 3.67
N ALA C 436 6.94 -39.48 3.93
CA ALA C 436 7.80 -40.41 4.65
C ALA C 436 7.36 -40.51 6.12
N MET C 437 7.14 -39.35 6.72
CA MET C 437 6.89 -39.20 8.15
C MET C 437 5.62 -39.92 8.65
N MET C 438 4.67 -40.15 7.74
CA MET C 438 3.41 -40.78 8.10
C MET C 438 3.55 -42.23 8.54
N GLU C 439 4.70 -42.81 8.27
CA GLU C 439 4.89 -44.25 8.45
C GLU C 439 5.71 -44.59 9.68
N SER C 440 6.96 -44.14 9.69
CA SER C 440 7.87 -44.43 10.78
C SER C 440 7.48 -43.79 12.11
N ARG C 441 7.73 -44.52 13.19
CA ARG C 441 7.56 -43.99 14.54
C ARG C 441 8.80 -43.23 14.96
N LEU C 442 8.59 -42.13 15.67
CA LEU C 442 9.70 -41.30 16.13
C LEU C 442 10.30 -41.91 17.39
N ILE C 443 11.60 -41.73 17.61
CA ILE C 443 12.19 -42.19 18.85
C ILE C 443 13.12 -41.12 19.44
N ILE C 444 12.72 -40.67 20.63
CA ILE C 444 13.38 -39.58 21.34
C ILE C 444 13.70 -39.98 22.77
N SER C 445 14.87 -39.61 23.27
CA SER C 445 15.11 -39.72 24.70
C SER C 445 14.42 -38.54 25.37
N VAL C 446 13.47 -38.81 26.24
CA VAL C 446 12.64 -37.76 26.82
C VAL C 446 12.35 -38.01 28.30
N GLY C 447 12.51 -36.98 29.11
CA GLY C 447 12.25 -37.06 30.54
C GLY C 447 13.13 -38.08 31.24
N GLY C 448 14.21 -38.49 30.58
CA GLY C 448 15.12 -39.48 31.11
C GLY C 448 14.95 -40.86 30.50
N LEU C 449 13.81 -41.13 29.88
CA LEU C 449 13.57 -42.43 29.25
C LEU C 449 13.35 -42.31 27.75
N LEU C 450 13.94 -43.22 26.99
CA LEU C 450 13.79 -43.23 25.54
C LEU C 450 12.43 -43.78 25.14
N ARG C 451 11.67 -42.97 24.42
CA ARG C 451 10.28 -43.28 24.10
C ARG C 451 10.00 -43.18 22.60
N SER C 452 8.95 -43.88 22.18
CA SER C 452 8.56 -44.01 20.78
C SER C 452 7.21 -43.34 20.52
N PHE C 453 7.17 -42.45 19.52
CA PHE C 453 5.98 -41.67 19.24
C PHE C 453 5.41 -42.05 17.88
N ARG C 454 4.24 -41.48 17.57
CA ARG C 454 3.62 -41.61 16.27
C ARG C 454 3.17 -40.23 15.83
N PHE C 455 2.81 -40.07 14.57
CA PHE C 455 2.43 -38.75 14.07
C PHE C 455 1.21 -38.76 13.16
N PHE C 456 0.27 -37.88 13.49
CA PHE C 456 -0.91 -37.66 12.68
C PHE C 456 -0.91 -36.22 12.19
N PHE C 457 -1.10 -36.04 10.89
CA PHE C 457 -1.04 -34.71 10.28
C PHE C 457 -2.39 -34.26 9.81
N ARG C 458 -2.71 -33.00 10.07
CA ARG C 458 -4.01 -32.51 9.67
C ARG C 458 -3.60 -31.30 8.86
N GLY C 459 -3.93 -31.29 7.58
CA GLY C 459 -3.59 -30.09 6.81
C GLY C 459 -4.87 -29.25 6.94
N THR C 460 -4.73 -28.05 7.48
CA THR C 460 -5.87 -27.29 7.87
C THR C 460 -5.39 -25.87 8.03
N GLY C 461 -6.26 -24.85 8.05
CA GLY C 461 -5.78 -23.49 8.21
C GLY C 461 -5.03 -23.06 6.96
N TYR C 462 -5.59 -23.46 5.82
CA TYR C 462 -5.25 -22.99 4.48
C TYR C 462 -6.42 -22.11 4.10
N ASP C 463 -6.17 -21.06 3.35
CA ASP C 463 -7.31 -20.38 2.74
C ASP C 463 -7.83 -21.28 1.60
N GLU C 464 -8.95 -20.92 0.97
CA GLU C 464 -9.51 -21.83 -0.04
C GLU C 464 -8.76 -21.70 -1.34
N LYS C 465 -8.33 -20.51 -1.69
CA LYS C 465 -7.55 -20.36 -2.90
C LYS C 465 -6.36 -21.31 -2.83
N MET C 466 -5.76 -21.41 -1.65
CA MET C 466 -4.55 -22.22 -1.48
C MET C 466 -4.96 -23.65 -1.56
N VAL C 467 -6.04 -24.17 -0.89
CA VAL C 467 -6.49 -25.55 -0.97
C VAL C 467 -6.66 -25.98 -2.42
N ARG C 468 -7.35 -25.13 -3.17
CA ARG C 468 -7.74 -25.46 -4.53
C ARG C 468 -6.55 -25.58 -5.49
N GLU C 469 -5.58 -24.70 -5.39
CA GLU C 469 -4.41 -24.85 -6.26
C GLU C 469 -3.48 -25.96 -5.75
N MET C 470 -3.50 -26.20 -4.44
CA MET C 470 -2.71 -27.29 -3.88
C MET C 470 -3.42 -28.65 -3.98
N GLU C 471 -4.74 -28.66 -3.90
CA GLU C 471 -5.49 -29.90 -4.13
C GLU C 471 -5.89 -30.02 -5.59
N GLY C 472 -5.41 -29.07 -6.39
CA GLY C 472 -5.55 -29.14 -7.84
C GLY C 472 -6.94 -28.95 -8.38
N LEU C 473 -7.65 -27.96 -7.85
CA LEU C 473 -9.01 -27.69 -8.31
C LEU C 473 -9.08 -26.47 -9.22
N GLU C 474 -10.28 -26.22 -9.75
CA GLU C 474 -10.51 -25.07 -10.62
C GLU C 474 -11.20 -24.00 -9.78
N ALA C 475 -10.62 -22.80 -9.78
CA ALA C 475 -10.75 -21.93 -8.62
C ALA C 475 -10.79 -20.42 -8.90
N SER C 476 -11.29 -19.65 -7.94
CA SER C 476 -12.12 -20.19 -6.86
C SER C 476 -13.61 -19.92 -7.06
N GLY C 477 -13.95 -19.14 -8.08
CA GLY C 477 -15.31 -18.68 -8.27
C GLY C 477 -16.06 -19.43 -9.34
N SER C 478 -15.60 -20.64 -9.64
CA SER C 478 -16.15 -21.41 -10.75
C SER C 478 -17.54 -21.93 -10.46
N THR C 479 -18.07 -22.72 -11.39
CA THR C 479 -19.37 -23.33 -11.23
C THR C 479 -19.27 -24.63 -10.46
N TYR C 480 -18.04 -25.01 -10.08
CA TYR C 480 -17.89 -26.08 -9.11
C TYR C 480 -17.37 -25.45 -7.82
N ILE C 481 -18.27 -25.29 -6.87
CA ILE C 481 -18.00 -24.49 -5.68
C ILE C 481 -17.25 -25.24 -4.58
N CYS C 482 -17.73 -26.43 -4.24
CA CYS C 482 -17.26 -27.04 -3.01
C CYS C 482 -15.98 -27.86 -3.18
N THR C 483 -15.12 -27.75 -2.18
CA THR C 483 -13.92 -28.56 -2.09
C THR C 483 -14.28 -29.99 -1.69
N LEU C 484 -15.17 -30.10 -0.72
CA LEU C 484 -15.50 -31.36 -0.09
C LEU C 484 -16.43 -32.22 -0.96
N CYS C 485 -17.38 -31.58 -1.63
CA CYS C 485 -18.38 -32.33 -2.40
C CYS C 485 -18.51 -31.80 -3.82
N ASP C 486 -19.24 -32.53 -4.64
CA ASP C 486 -19.25 -32.35 -6.08
C ASP C 486 -20.33 -31.41 -6.63
N SER C 487 -21.20 -30.89 -5.76
CA SER C 487 -22.35 -30.12 -6.21
C SER C 487 -21.95 -28.85 -6.96
N THR C 488 -22.71 -28.54 -8.02
CA THR C 488 -22.45 -27.35 -8.83
C THR C 488 -22.99 -26.12 -8.12
N ARG C 489 -23.00 -24.99 -8.81
CA ARG C 489 -23.48 -23.73 -8.24
C ARG C 489 -24.99 -23.73 -8.12
N ALA C 490 -25.65 -23.72 -9.28
CA ALA C 490 -27.10 -23.72 -9.35
C ALA C 490 -27.71 -24.93 -8.65
N GLU C 491 -27.08 -26.09 -8.84
CA GLU C 491 -27.49 -27.33 -8.18
C GLU C 491 -27.52 -27.13 -6.68
N ALA C 492 -26.55 -26.39 -6.17
CA ALA C 492 -26.46 -26.15 -4.73
C ALA C 492 -27.46 -25.10 -4.25
N SER C 493 -27.76 -24.11 -5.08
CA SER C 493 -28.74 -23.10 -4.71
C SER C 493 -30.15 -23.68 -4.71
N GLN C 494 -30.36 -24.70 -5.56
CA GLN C 494 -31.64 -25.39 -5.66
C GLN C 494 -32.02 -26.06 -4.35
N ASN C 495 -31.15 -26.94 -3.87
CA ASN C 495 -31.28 -27.54 -2.54
C ASN C 495 -29.98 -27.34 -1.79
N MET C 496 -30.04 -26.58 -0.71
CA MET C 496 -28.85 -26.12 0.01
C MET C 496 -28.32 -27.12 1.03
N VAL C 497 -29.13 -27.40 2.05
CA VAL C 497 -28.67 -28.09 3.26
C VAL C 497 -28.20 -29.55 3.10
N LEU C 498 -28.71 -30.27 2.10
CA LEU C 498 -28.43 -31.71 2.06
C LEU C 498 -27.30 -32.07 1.11
N HIS C 499 -26.15 -32.43 1.70
CA HIS C 499 -24.95 -32.80 0.95
C HIS C 499 -24.07 -33.74 1.78
N SER C 500 -23.35 -34.62 1.11
CA SER C 500 -22.43 -35.53 1.78
C SER C 500 -21.02 -35.41 1.23
N ILE C 501 -20.03 -35.38 2.13
CA ILE C 501 -18.62 -35.22 1.76
C ILE C 501 -18.12 -36.39 0.91
N THR C 502 -17.48 -36.07 -0.20
CA THR C 502 -17.01 -37.10 -1.13
C THR C 502 -15.54 -36.95 -1.50
N ARG C 503 -15.20 -35.84 -2.18
CA ARG C 503 -13.87 -35.67 -2.74
C ARG C 503 -12.76 -35.52 -1.70
N SER C 504 -11.72 -36.34 -1.86
CA SER C 504 -10.55 -36.32 -1.00
C SER C 504 -9.29 -36.26 -1.86
N HIS C 505 -8.12 -36.39 -1.24
CA HIS C 505 -6.88 -36.33 -2.00
C HIS C 505 -6.70 -37.48 -2.99
N ASP C 506 -6.78 -38.71 -2.47
CA ASP C 506 -6.64 -39.89 -3.31
C ASP C 506 -7.62 -39.86 -4.49
N GLU C 507 -8.85 -39.46 -4.17
CA GLU C 507 -9.87 -39.27 -5.19
C GLU C 507 -9.44 -38.24 -6.22
N ASN C 508 -9.06 -37.04 -5.75
CA ASN C 508 -8.60 -36.00 -6.67
C ASN C 508 -7.50 -36.51 -7.60
N LEU C 509 -6.64 -37.37 -7.07
CA LEU C 509 -5.59 -38.00 -7.86
C LEU C 509 -6.16 -38.88 -8.97
N GLU C 510 -7.01 -39.84 -8.60
CA GLU C 510 -7.57 -40.72 -9.65
C GLU C 510 -8.39 -39.93 -10.68
N ARG C 511 -9.04 -38.87 -10.21
CA ARG C 511 -9.80 -37.99 -11.10
C ARG C 511 -8.89 -37.29 -12.10
N TYR C 512 -7.76 -36.77 -11.61
CA TYR C 512 -6.78 -36.19 -12.51
C TYR C 512 -6.34 -37.21 -13.54
N GLU C 513 -6.08 -38.43 -13.07
CA GLU C 513 -5.62 -39.45 -13.99
C GLU C 513 -6.67 -39.81 -15.04
N ILE C 514 -7.95 -39.65 -14.72
CA ILE C 514 -8.99 -39.90 -15.72
C ILE C 514 -9.36 -38.62 -16.49
N TRP C 515 -8.72 -37.49 -16.15
CA TRP C 515 -8.83 -36.26 -16.94
C TRP C 515 -7.71 -36.22 -17.97
N ARG C 516 -6.47 -36.21 -17.49
CA ARG C 516 -5.27 -36.15 -18.32
C ARG C 516 -5.25 -37.25 -19.37
N LYS C 517 -5.67 -38.45 -18.98
CA LYS C 517 -5.76 -39.58 -19.91
C LYS C 517 -7.06 -39.52 -20.72
N ASN C 518 -8.16 -39.22 -20.03
CA ASN C 518 -9.49 -39.11 -20.66
C ASN C 518 -9.85 -40.35 -21.48
N PRO C 519 -10.15 -41.47 -20.80
CA PRO C 519 -10.35 -42.77 -21.46
C PRO C 519 -11.62 -42.88 -22.30
N PHE C 520 -12.68 -42.15 -21.95
CA PHE C 520 -13.96 -42.31 -22.65
C PHE C 520 -14.17 -41.27 -23.74
N SER C 521 -13.18 -40.42 -23.95
CA SER C 521 -13.13 -39.47 -25.07
C SER C 521 -14.29 -38.47 -25.10
N GLU C 522 -14.62 -37.89 -23.96
CA GLU C 522 -15.59 -36.81 -23.89
C GLU C 522 -14.94 -35.48 -24.25
N SER C 523 -15.74 -34.53 -24.74
CA SER C 523 -15.19 -33.20 -25.07
C SER C 523 -14.91 -32.41 -23.80
N ALA C 524 -14.52 -31.15 -23.96
CA ALA C 524 -14.05 -30.33 -22.86
C ALA C 524 -15.02 -30.27 -21.67
N ASP C 525 -16.27 -29.90 -21.96
CA ASP C 525 -17.24 -29.63 -20.90
C ASP C 525 -17.81 -30.88 -20.25
N GLU C 526 -18.00 -31.94 -21.03
CA GLU C 526 -18.50 -33.20 -20.48
C GLU C 526 -17.43 -33.87 -19.64
N LEU C 527 -16.18 -33.70 -20.06
CA LEU C 527 -15.05 -34.21 -19.31
C LEU C 527 -14.88 -33.42 -18.02
N ARG C 528 -15.08 -32.11 -18.11
CA ARG C 528 -15.04 -31.26 -16.94
C ARG C 528 -16.18 -31.62 -15.98
N ASP C 529 -17.29 -32.09 -16.53
CA ASP C 529 -18.43 -32.48 -15.70
C ASP C 529 -18.21 -33.85 -15.09
N ARG C 530 -17.43 -34.71 -15.74
CA ARG C 530 -17.17 -36.04 -15.20
C ARG C 530 -16.26 -35.97 -13.97
N VAL C 531 -15.25 -35.10 -14.01
CA VAL C 531 -14.28 -35.02 -12.93
C VAL C 531 -14.63 -33.93 -11.92
N LYS C 532 -15.72 -33.22 -12.18
CA LYS C 532 -16.26 -32.19 -11.28
C LYS C 532 -15.24 -31.10 -10.95
N GLY C 533 -14.40 -30.75 -11.91
CA GLY C 533 -13.46 -29.66 -11.72
C GLY C 533 -12.03 -30.03 -11.42
N VAL C 534 -11.66 -31.28 -11.63
CA VAL C 534 -10.25 -31.66 -11.50
C VAL C 534 -9.54 -31.56 -12.84
N SER C 535 -8.67 -30.56 -12.95
CA SER C 535 -7.88 -30.32 -14.15
C SER C 535 -6.42 -30.48 -13.77
N ALA C 536 -5.99 -29.65 -12.82
CA ALA C 536 -4.64 -29.73 -12.27
C ALA C 536 -4.43 -31.01 -11.47
N LYS C 537 -3.15 -31.37 -11.29
CA LYS C 537 -2.78 -32.50 -10.45
C LYS C 537 -2.44 -32.03 -9.03
N PRO C 538 -3.16 -32.55 -8.02
CA PRO C 538 -2.84 -32.23 -6.63
C PRO C 538 -1.53 -32.86 -6.17
N PHE C 539 -0.64 -32.06 -5.60
CA PHE C 539 0.60 -32.59 -5.05
C PHE C 539 0.61 -32.75 -3.53
N MET C 540 -0.49 -32.38 -2.87
CA MET C 540 -0.50 -32.34 -1.40
C MET C 540 -1.83 -32.76 -0.78
N GLU C 541 -1.79 -33.59 0.26
CA GLU C 541 -3.01 -34.00 0.94
C GLU C 541 -3.45 -32.98 1.97
N THR C 542 -4.75 -32.71 1.99
CA THR C 542 -5.36 -31.82 2.96
C THR C 542 -6.61 -32.45 3.55
N GLN C 543 -6.62 -32.64 4.87
CA GLN C 543 -7.81 -33.19 5.52
C GLN C 543 -8.98 -32.25 5.28
N PRO C 544 -10.08 -32.79 4.69
CA PRO C 544 -11.20 -31.95 4.28
C PRO C 544 -11.82 -31.19 5.45
N THR C 545 -11.95 -29.87 5.33
CA THR C 545 -12.50 -29.04 6.40
C THR C 545 -12.61 -27.57 6.03
N LEU C 546 -13.37 -26.85 6.85
CA LEU C 546 -13.68 -25.44 6.63
C LEU C 546 -12.87 -24.55 7.58
N ASP C 547 -12.15 -23.58 7.02
CA ASP C 547 -11.43 -22.60 7.84
C ASP C 547 -12.43 -21.79 8.63
N ALA C 548 -12.18 -21.60 9.93
CA ALA C 548 -13.09 -20.81 10.76
C ALA C 548 -13.06 -19.35 10.32
N LEU C 549 -11.86 -18.79 10.24
CA LEU C 549 -11.69 -17.38 9.93
C LEU C 549 -12.24 -16.97 8.56
N HIS C 550 -11.71 -17.58 7.50
CA HIS C 550 -12.08 -17.15 6.15
C HIS C 550 -13.54 -17.43 5.84
N CYS C 551 -14.10 -18.47 6.46
CA CYS C 551 -15.53 -18.76 6.31
C CYS C 551 -16.35 -17.69 7.01
N ASP C 552 -15.91 -17.28 8.20
CA ASP C 552 -16.55 -16.19 8.91
C ASP C 552 -16.58 -14.94 8.05
N ILE C 553 -15.41 -14.55 7.54
CA ILE C 553 -15.29 -13.34 6.72
C ILE C 553 -16.12 -13.45 5.44
N GLY C 554 -16.13 -14.63 4.84
CA GLY C 554 -16.93 -14.87 3.63
C GLY C 554 -18.41 -14.66 3.88
N ASN C 555 -18.91 -15.26 4.95
CA ASN C 555 -20.30 -15.09 5.30
C ASN C 555 -20.62 -13.63 5.61
N ALA C 556 -19.65 -12.94 6.21
CA ALA C 556 -19.84 -11.53 6.52
C ALA C 556 -19.87 -10.65 5.27
N THR C 557 -19.14 -11.03 4.23
CA THR C 557 -19.13 -10.23 3.00
C THR C 557 -20.44 -10.48 2.26
N GLU C 558 -20.93 -11.72 2.35
CA GLU C 558 -22.23 -12.01 1.74
C GLU C 558 -23.32 -11.22 2.45
N PHE C 559 -23.25 -11.16 3.78
CA PHE C 559 -24.23 -10.39 4.53
C PHE C 559 -24.11 -8.89 4.24
N TYR C 560 -22.88 -8.44 3.96
CA TYR C 560 -22.66 -7.07 3.52
C TYR C 560 -23.47 -6.82 2.25
N LYS C 561 -23.35 -7.77 1.32
CA LYS C 561 -24.14 -7.73 0.08
C LYS C 561 -25.65 -7.65 0.37
N ILE C 562 -26.15 -8.53 1.24
CA ILE C 562 -27.58 -8.56 1.53
C ILE C 562 -28.07 -7.25 2.14
N PHE C 563 -27.35 -6.74 3.13
CA PHE C 563 -27.65 -5.45 3.75
C PHE C 563 -27.74 -4.35 2.70
N GLN C 564 -26.70 -4.28 1.86
CA GLN C 564 -26.69 -3.37 0.72
C GLN C 564 -27.97 -3.48 -0.09
N ASP C 565 -28.39 -4.73 -0.31
CA ASP C 565 -29.56 -5.00 -1.13
C ASP C 565 -30.86 -4.58 -0.43
N GLU C 566 -30.86 -4.54 0.89
CA GLU C 566 -32.06 -4.14 1.61
C GLU C 566 -32.05 -2.66 2.02
N ILE C 567 -30.97 -1.95 1.74
CA ILE C 567 -30.96 -0.50 1.93
C ILE C 567 -31.97 0.18 1.01
N GLY C 568 -31.80 -0.03 -0.29
CA GLY C 568 -32.86 0.25 -1.23
C GLY C 568 -33.71 -1.01 -1.25
N GLU C 569 -34.65 -1.12 -2.18
CA GLU C 569 -35.34 -2.39 -2.33
C GLU C 569 -35.03 -2.99 -3.69
N VAL C 570 -34.21 -4.04 -3.69
CA VAL C 570 -33.66 -4.58 -4.92
C VAL C 570 -34.38 -5.84 -5.46
N TYR C 571 -35.38 -6.35 -4.75
CA TYR C 571 -36.18 -7.41 -5.35
C TYR C 571 -37.37 -6.81 -6.10
N GLN C 572 -37.62 -5.53 -5.85
CA GLN C 572 -38.61 -4.77 -6.62
C GLN C 572 -38.04 -4.23 -7.94
N LYS C 573 -36.76 -3.88 -7.92
CA LYS C 573 -36.08 -3.34 -9.08
C LYS C 573 -34.95 -4.28 -9.50
N PRO C 574 -35.29 -5.34 -10.26
CA PRO C 574 -34.42 -6.48 -10.55
C PRO C 574 -33.01 -6.11 -11.04
N ASN C 575 -32.89 -5.00 -11.76
CA ASN C 575 -31.59 -4.58 -12.28
C ASN C 575 -31.34 -3.08 -12.16
N PRO C 576 -30.95 -2.62 -10.97
CA PRO C 576 -30.67 -1.20 -10.72
C PRO C 576 -29.29 -0.78 -11.23
N SER C 577 -29.11 0.51 -11.48
CA SER C 577 -27.85 1.03 -12.01
C SER C 577 -26.73 1.02 -10.97
N ARG C 578 -25.49 1.10 -11.43
CA ARG C 578 -24.32 1.13 -10.57
C ARG C 578 -24.33 2.32 -9.62
N GLU C 579 -24.90 3.43 -10.10
CA GLU C 579 -24.89 4.69 -9.38
C GLU C 579 -25.59 4.60 -8.02
N GLU C 580 -26.86 4.22 -8.03
CA GLU C 580 -27.61 4.13 -6.79
C GLU C 580 -27.16 2.92 -5.96
N ARG C 581 -26.35 2.05 -6.56
CA ARG C 581 -25.75 0.95 -5.80
C ARG C 581 -24.62 1.50 -4.93
N ARG C 582 -23.74 2.29 -5.53
CA ARG C 582 -22.69 2.98 -4.76
C ARG C 582 -23.34 3.85 -3.69
N ARG C 583 -24.40 4.54 -4.10
CA ARG C 583 -25.24 5.31 -3.18
C ARG C 583 -25.67 4.47 -1.97
N TRP C 584 -26.20 3.29 -2.26
CA TRP C 584 -26.65 2.35 -1.24
C TRP C 584 -25.53 1.99 -0.27
N ARG C 585 -24.36 1.67 -0.81
CA ARG C 585 -23.25 1.30 0.06
C ARG C 585 -22.85 2.46 0.96
N SER C 586 -22.79 3.66 0.40
CA SER C 586 -22.45 4.83 1.20
C SER C 586 -23.45 5.01 2.34
N THR C 587 -24.73 4.80 2.04
CA THR C 587 -25.75 4.77 3.09
C THR C 587 -25.39 3.75 4.19
N LEU C 588 -25.13 2.51 3.76
CA LEU C 588 -24.85 1.41 4.68
C LEU C 588 -23.66 1.70 5.59
N ASP C 589 -22.61 2.29 5.04
CA ASP C 589 -21.39 2.56 5.81
C ASP C 589 -21.49 3.79 6.69
N LYS C 590 -22.29 4.78 6.27
CA LYS C 590 -22.58 5.89 7.16
C LYS C 590 -23.29 5.35 8.39
N GLN C 591 -24.32 4.52 8.14
CA GLN C 591 -25.06 3.88 9.22
C GLN C 591 -24.18 3.01 10.12
N LEU C 592 -23.31 2.20 9.51
CA LEU C 592 -22.45 1.30 10.27
C LEU C 592 -21.34 2.05 10.99
N ARG C 593 -21.07 3.28 10.56
CA ARG C 593 -20.16 4.14 11.28
C ARG C 593 -20.83 4.68 12.53
N LYS C 594 -22.05 5.20 12.36
CA LYS C 594 -22.80 5.74 13.48
C LYS C 594 -22.98 4.71 14.59
N LYS C 595 -23.80 3.71 14.32
CA LYS C 595 -23.97 2.57 15.22
C LYS C 595 -23.03 1.46 14.79
N MET C 596 -22.52 0.72 15.77
CA MET C 596 -21.55 -0.39 15.60
C MET C 596 -20.11 0.10 15.50
N LYS C 597 -19.93 1.41 15.35
CA LYS C 597 -18.59 2.01 15.39
C LYS C 597 -17.64 1.36 14.40
N LEU C 598 -17.92 1.51 13.11
CA LEU C 598 -17.18 0.76 12.11
C LEU C 598 -16.74 1.57 10.91
N LYS C 599 -15.42 1.64 10.72
CA LYS C 599 -14.81 2.23 9.54
C LYS C 599 -15.15 1.41 8.30
N PRO C 600 -15.39 2.09 7.17
CA PRO C 600 -15.70 1.40 5.92
C PRO C 600 -14.46 0.76 5.27
N VAL C 601 -14.12 -0.44 5.73
CA VAL C 601 -12.90 -1.13 5.29
C VAL C 601 -12.87 -1.42 3.79
N MET C 602 -11.67 -1.52 3.24
CA MET C 602 -11.49 -1.80 1.81
C MET C 602 -11.72 -3.28 1.54
N ARG C 603 -10.79 -4.10 2.01
CA ARG C 603 -10.96 -5.54 2.06
C ARG C 603 -11.44 -5.84 3.46
N MET C 604 -12.33 -6.81 3.60
CA MET C 604 -12.92 -7.06 4.92
C MET C 604 -12.07 -8.00 5.75
N ASN C 605 -11.56 -7.47 6.87
CA ASN C 605 -10.86 -8.26 7.87
C ASN C 605 -11.85 -9.04 8.74
N GLY C 606 -11.38 -10.09 9.40
CA GLY C 606 -12.21 -10.89 10.26
C GLY C 606 -12.76 -10.15 11.48
N ASN C 607 -12.06 -9.11 11.90
CA ASN C 607 -12.49 -8.28 13.03
C ASN C 607 -13.81 -7.58 12.72
N TYR C 608 -13.84 -6.92 11.57
CA TYR C 608 -15.06 -6.33 11.03
C TYR C 608 -16.15 -7.39 11.01
N ALA C 609 -15.83 -8.55 10.44
CA ALA C 609 -16.74 -9.68 10.33
C ALA C 609 -17.38 -10.05 11.67
N ARG C 610 -16.58 -10.05 12.73
CA ARG C 610 -17.09 -10.39 14.05
C ARG C 610 -17.93 -9.27 14.64
N ARG C 611 -17.57 -8.03 14.32
CA ARG C 611 -18.29 -6.90 14.86
C ARG C 611 -19.66 -6.73 14.22
N LEU C 612 -19.74 -6.94 12.90
CA LEU C 612 -21.00 -6.76 12.19
C LEU C 612 -21.91 -7.97 12.34
N MET C 613 -21.37 -9.10 12.80
CA MET C 613 -22.26 -10.23 12.92
C MET C 613 -22.73 -10.30 14.36
N THR C 614 -23.92 -9.77 14.54
CA THR C 614 -24.60 -9.67 15.83
C THR C 614 -26.05 -9.37 15.53
N ARG C 615 -26.93 -9.61 16.48
CA ARG C 615 -28.27 -9.06 16.40
C ARG C 615 -28.13 -7.54 16.47
N GLU C 616 -27.26 -7.11 17.38
CA GLU C 616 -26.97 -5.71 17.63
C GLU C 616 -26.62 -4.93 16.36
N ALA C 617 -25.74 -5.48 15.54
CA ALA C 617 -25.33 -4.82 14.31
C ALA C 617 -26.42 -4.85 13.25
N VAL C 618 -27.06 -6.00 13.11
CA VAL C 618 -28.15 -6.16 12.15
C VAL C 618 -29.23 -5.12 12.42
N GLU C 619 -29.41 -4.77 13.69
CA GLU C 619 -30.36 -3.71 14.07
C GLU C 619 -30.10 -2.39 13.36
N ALA C 620 -28.82 -2.03 13.20
CA ALA C 620 -28.46 -0.78 12.54
C ALA C 620 -28.94 -0.77 11.09
N VAL C 621 -28.96 -1.95 10.48
CA VAL C 621 -29.45 -2.10 9.11
C VAL C 621 -30.99 -2.15 9.10
N CYS C 622 -31.57 -2.71 10.16
CA CYS C 622 -33.02 -2.80 10.28
C CYS C 622 -33.68 -1.43 10.22
N GLU C 623 -32.93 -0.41 10.64
CA GLU C 623 -33.42 0.96 10.65
C GLU C 623 -33.74 1.50 9.26
N LEU C 624 -32.86 1.20 8.30
CA LEU C 624 -32.98 1.76 6.95
C LEU C 624 -33.99 1.02 6.08
N VAL C 625 -34.05 -0.31 6.24
CA VAL C 625 -34.91 -1.16 5.40
C VAL C 625 -36.38 -0.77 5.48
N PRO C 626 -36.99 -0.45 4.33
CA PRO C 626 -38.31 0.17 4.25
C PRO C 626 -39.47 -0.62 4.87
N SER C 627 -39.59 -1.92 4.58
CA SER C 627 -40.77 -2.64 5.03
C SER C 627 -40.52 -3.44 6.29
N GLU C 628 -41.60 -3.99 6.86
CA GLU C 628 -41.52 -4.75 8.10
C GLU C 628 -41.16 -6.21 7.92
N GLU C 629 -41.68 -6.82 6.87
CA GLU C 629 -41.48 -8.25 6.67
C GLU C 629 -40.03 -8.54 6.29
N ARG C 630 -39.41 -7.61 5.55
CA ARG C 630 -37.99 -7.72 5.20
C ARG C 630 -37.10 -7.42 6.40
N ARG C 631 -37.41 -6.31 7.07
CA ARG C 631 -36.70 -5.86 8.27
C ARG C 631 -36.67 -6.96 9.32
N GLU C 632 -37.80 -7.66 9.45
CA GLU C 632 -37.90 -8.78 10.36
C GLU C 632 -37.18 -9.98 9.76
N ALA C 633 -37.23 -10.10 8.43
CA ALA C 633 -36.61 -11.24 7.75
C ALA C 633 -35.12 -11.35 8.03
N LEU C 634 -34.36 -10.29 7.77
CA LEU C 634 -32.90 -10.40 7.96
C LEU C 634 -32.52 -10.45 9.44
N LEU C 635 -33.38 -9.95 10.32
CA LEU C 635 -33.15 -10.05 11.76
C LEU C 635 -33.27 -11.51 12.21
N LYS C 636 -34.38 -12.13 11.82
CA LYS C 636 -34.61 -13.56 12.06
C LYS C 636 -33.45 -14.37 11.49
N LEU C 637 -33.03 -13.97 10.28
CA LEU C 637 -31.90 -14.58 9.60
C LEU C 637 -30.64 -14.55 10.46
N MET C 638 -30.28 -13.36 10.94
CA MET C 638 -29.09 -13.20 11.77
C MET C 638 -29.18 -13.99 13.07
N ASP C 639 -30.37 -14.03 13.68
CA ASP C 639 -30.58 -14.83 14.88
C ASP C 639 -30.25 -16.29 14.59
N LEU C 640 -30.82 -16.80 13.50
CA LEU C 640 -30.56 -18.16 13.04
C LEU C 640 -29.07 -18.41 12.83
N TYR C 641 -28.38 -17.42 12.26
CA TYR C 641 -26.95 -17.57 11.99
C TYR C 641 -26.10 -17.57 13.26
N LEU C 642 -26.50 -16.77 14.24
CA LEU C 642 -25.76 -16.67 15.49
C LEU C 642 -25.98 -17.92 16.35
N GLN C 643 -27.15 -18.53 16.21
CA GLN C 643 -27.39 -19.78 16.94
C GLN C 643 -26.51 -20.89 16.38
N MET C 644 -26.16 -20.79 15.09
CA MET C 644 -25.25 -21.75 14.47
C MET C 644 -23.80 -21.27 14.36
N LYS C 645 -23.54 -20.05 14.78
CA LYS C 645 -22.20 -19.46 14.73
C LYS C 645 -21.09 -20.08 15.57
N PRO C 646 -21.36 -20.49 16.80
CA PRO C 646 -20.26 -21.02 17.62
C PRO C 646 -19.77 -22.41 17.25
N VAL C 647 -20.57 -23.18 16.50
CA VAL C 647 -20.20 -24.55 16.19
C VAL C 647 -18.93 -24.65 15.33
N TRP C 648 -18.74 -23.73 14.39
CA TRP C 648 -17.48 -23.70 13.64
C TRP C 648 -16.46 -22.68 14.17
N ARG C 649 -16.80 -21.99 15.25
CA ARG C 649 -15.90 -21.03 15.86
C ARG C 649 -15.28 -21.60 17.14
N SER C 650 -16.14 -21.94 18.09
CA SER C 650 -15.73 -22.48 19.40
C SER C 650 -14.75 -23.64 19.27
N THR C 651 -13.80 -23.71 20.21
CA THR C 651 -12.71 -24.68 20.18
C THR C 651 -13.18 -26.13 20.15
N CYS C 652 -13.96 -26.54 21.15
CA CYS C 652 -14.49 -27.91 21.18
C CYS C 652 -16.00 -27.94 21.41
N PRO C 653 -16.77 -27.94 20.32
CA PRO C 653 -18.23 -27.84 20.30
C PRO C 653 -18.97 -28.93 21.05
N SER C 654 -18.42 -30.14 21.14
CA SER C 654 -19.09 -31.25 21.81
C SER C 654 -19.54 -30.90 23.22
N ARG C 655 -18.72 -30.11 23.91
CA ARG C 655 -18.96 -29.72 25.29
C ARG C 655 -19.35 -28.25 25.41
N ASP C 656 -18.48 -27.37 24.94
CA ASP C 656 -18.65 -25.92 25.07
C ASP C 656 -20.04 -25.40 24.68
N CYS C 657 -20.61 -25.95 23.61
CA CYS C 657 -21.93 -25.52 23.14
C CYS C 657 -22.77 -26.69 22.63
N PRO C 658 -23.20 -27.58 23.53
CA PRO C 658 -23.76 -28.89 23.17
C PRO C 658 -25.08 -28.82 22.39
N ASP C 659 -25.97 -27.93 22.79
CA ASP C 659 -27.29 -27.84 22.18
C ASP C 659 -27.24 -27.19 20.79
N GLN C 660 -26.32 -26.26 20.60
CA GLN C 660 -26.16 -25.59 19.32
C GLN C 660 -25.54 -26.53 18.29
N LEU C 661 -24.83 -27.54 18.78
CA LEU C 661 -24.37 -28.62 17.94
C LEU C 661 -25.50 -29.60 17.68
N CYS C 662 -26.30 -29.84 18.72
CA CYS C 662 -27.42 -30.77 18.63
C CYS C 662 -28.47 -30.27 17.65
N GLN C 663 -28.74 -28.97 17.67
CA GLN C 663 -29.81 -28.38 16.87
C GLN C 663 -29.36 -27.74 15.55
N TYR C 664 -28.09 -27.88 15.19
CA TYR C 664 -27.55 -27.27 13.98
C TYR C 664 -28.38 -27.59 12.72
N SER C 665 -28.45 -28.86 12.35
CA SER C 665 -29.10 -29.29 11.09
C SER C 665 -30.48 -28.68 10.86
N TYR C 666 -31.33 -28.76 11.89
CA TYR C 666 -32.65 -28.13 11.84
C TYR C 666 -32.54 -26.64 11.57
N ASN C 667 -31.61 -26.00 12.27
CA ASN C 667 -31.42 -24.56 12.20
C ASN C 667 -30.97 -24.10 10.81
N SER C 668 -30.09 -24.88 10.20
CA SER C 668 -29.60 -24.60 8.85
C SER C 668 -30.71 -24.83 7.84
N GLN C 669 -31.53 -25.86 8.08
CA GLN C 669 -32.73 -26.06 7.27
C GLN C 669 -33.59 -24.80 7.29
N GLN C 670 -33.80 -24.27 8.51
CA GLN C 670 -34.57 -23.06 8.71
C GLN C 670 -33.99 -21.90 7.89
N PHE C 671 -32.70 -21.66 8.09
CA PHE C 671 -31.96 -20.60 7.40
C PHE C 671 -32.13 -20.67 5.88
N ALA C 672 -31.84 -21.85 5.34
CA ALA C 672 -31.89 -22.08 3.91
C ALA C 672 -33.30 -21.90 3.35
N ASP C 673 -34.31 -22.30 4.12
CA ASP C 673 -35.68 -22.10 3.67
C ASP C 673 -36.06 -20.62 3.73
N LEU C 674 -35.42 -19.87 4.61
CA LEU C 674 -35.60 -18.42 4.63
C LEU C 674 -35.01 -17.80 3.36
N LEU C 675 -33.82 -18.26 2.98
CA LEU C 675 -33.21 -17.83 1.73
C LEU C 675 -34.12 -18.14 0.53
N SER C 676 -34.46 -19.42 0.39
CA SER C 676 -35.30 -19.89 -0.71
C SER C 676 -36.64 -19.16 -0.77
N SER C 677 -37.19 -18.82 0.39
CA SER C 677 -38.48 -18.15 0.41
C SER C 677 -38.35 -16.65 0.16
N MET C 678 -37.88 -15.91 1.15
CA MET C 678 -37.93 -14.45 1.05
C MET C 678 -36.75 -13.81 0.31
N PHE C 679 -35.62 -14.50 0.26
CA PHE C 679 -34.42 -13.96 -0.40
C PHE C 679 -34.14 -14.50 -1.82
N LYS C 680 -35.05 -15.31 -2.35
CA LYS C 680 -34.82 -16.04 -3.59
C LYS C 680 -34.32 -15.18 -4.76
N TYR C 681 -34.66 -13.89 -4.75
CA TYR C 681 -34.29 -13.00 -5.84
C TYR C 681 -32.77 -12.92 -6.04
N ARG C 682 -32.00 -13.00 -4.96
CA ARG C 682 -30.55 -13.10 -5.05
C ARG C 682 -30.06 -14.52 -5.31
N TYR C 683 -30.65 -15.46 -4.58
CA TYR C 683 -30.12 -16.81 -4.45
C TYR C 683 -30.76 -17.83 -5.39
N ASP C 684 -31.56 -17.33 -6.33
CA ASP C 684 -32.21 -18.14 -7.35
C ASP C 684 -31.30 -19.22 -7.95
N GLY C 685 -30.29 -18.79 -8.71
CA GLY C 685 -29.39 -19.71 -9.36
C GLY C 685 -27.99 -19.76 -8.79
N LYS C 686 -27.77 -19.09 -7.67
CA LYS C 686 -26.41 -18.94 -7.13
C LYS C 686 -26.36 -18.88 -5.61
N ILE C 687 -25.25 -19.37 -5.05
CA ILE C 687 -24.90 -19.14 -3.64
C ILE C 687 -23.38 -19.16 -3.53
N THR C 688 -22.84 -18.43 -2.55
CA THR C 688 -21.38 -18.33 -2.39
C THR C 688 -20.77 -19.66 -1.95
N ASN C 689 -19.47 -19.80 -2.15
CA ASN C 689 -18.72 -20.97 -1.73
C ASN C 689 -18.87 -21.31 -0.25
N TYR C 690 -18.34 -20.42 0.58
CA TYR C 690 -18.30 -20.60 2.03
C TYR C 690 -19.69 -20.69 2.63
N LEU C 691 -20.62 -19.85 2.18
CA LEU C 691 -21.98 -19.90 2.68
C LEU C 691 -22.60 -21.27 2.43
N HIS C 692 -22.30 -21.83 1.25
CA HIS C 692 -22.71 -23.20 0.96
C HIS C 692 -22.14 -24.17 1.97
N LYS C 693 -20.82 -24.14 2.13
CA LYS C 693 -20.16 -25.04 3.07
C LYS C 693 -20.76 -24.97 4.47
N THR C 694 -20.99 -23.76 4.95
CA THR C 694 -21.48 -23.55 6.31
C THR C 694 -22.95 -23.89 6.45
N LEU C 695 -23.68 -23.91 5.34
CA LEU C 695 -25.07 -24.34 5.39
C LEU C 695 -25.25 -25.82 5.02
N ALA C 696 -24.14 -26.48 4.72
CA ALA C 696 -24.20 -27.90 4.37
C ALA C 696 -23.38 -28.80 5.29
N HIS C 697 -22.06 -28.61 5.27
CA HIS C 697 -21.13 -29.62 5.76
C HIS C 697 -20.62 -29.49 7.21
N VAL C 698 -21.08 -28.49 7.95
CA VAL C 698 -20.63 -28.31 9.33
C VAL C 698 -20.89 -29.52 10.26
N PRO C 699 -22.14 -30.03 10.31
CA PRO C 699 -22.40 -31.14 11.24
C PRO C 699 -21.51 -32.33 10.97
N GLU C 700 -21.33 -32.66 9.70
CA GLU C 700 -20.51 -33.79 9.30
C GLU C 700 -19.07 -33.68 9.81
N ILE C 701 -18.38 -32.60 9.47
CA ILE C 701 -16.97 -32.49 9.82
C ILE C 701 -16.78 -32.28 11.32
N VAL C 702 -17.78 -31.70 12.00
CA VAL C 702 -17.66 -31.63 13.46
C VAL C 702 -17.76 -33.03 14.04
N GLU C 703 -18.79 -33.78 13.66
CA GLU C 703 -18.97 -35.09 14.27
C GLU C 703 -17.94 -36.11 13.78
N ARG C 704 -17.14 -35.72 12.79
CA ARG C 704 -16.01 -36.54 12.35
C ARG C 704 -14.72 -36.16 13.07
N ASP C 705 -14.26 -34.93 12.84
CA ASP C 705 -13.06 -34.39 13.46
C ASP C 705 -13.21 -34.29 14.97
N GLY C 706 -14.37 -33.82 15.41
CA GLY C 706 -14.60 -33.58 16.82
C GLY C 706 -14.55 -32.10 17.13
N SER C 707 -13.88 -31.34 16.27
CA SER C 707 -13.80 -29.90 16.45
C SER C 707 -13.51 -29.16 15.16
N ILE C 708 -13.87 -27.87 15.15
CA ILE C 708 -13.60 -26.97 14.03
C ILE C 708 -13.47 -25.57 14.60
N GLY C 709 -12.53 -24.81 14.04
CA GLY C 709 -12.13 -23.54 14.64
C GLY C 709 -11.02 -23.80 15.61
N ALA C 710 -10.92 -25.05 16.07
CA ALA C 710 -9.76 -25.53 16.81
C ALA C 710 -8.67 -25.77 15.79
N TRP C 711 -9.11 -26.01 14.57
CA TRP C 711 -8.24 -26.27 13.44
C TRP C 711 -8.01 -25.02 12.58
N ALA C 712 -8.52 -23.90 13.07
CA ALA C 712 -8.59 -22.64 12.33
C ALA C 712 -7.26 -22.12 11.79
N SER C 713 -7.34 -21.40 10.68
CA SER C 713 -6.20 -20.71 10.08
C SER C 713 -5.70 -19.57 10.96
N GLU C 714 -6.50 -19.23 11.97
CA GLU C 714 -6.23 -18.11 12.86
C GLU C 714 -4.82 -18.07 13.43
N GLY C 715 -4.37 -19.20 13.97
CA GLY C 715 -3.03 -19.32 14.50
C GLY C 715 -1.97 -18.97 13.49
N ASN C 716 -2.18 -19.40 12.25
CA ASN C 716 -1.17 -19.20 11.20
C ASN C 716 -1.13 -17.77 10.68
N GLU C 717 -2.28 -17.21 10.35
CA GLU C 717 -2.33 -15.86 9.77
C GLU C 717 -1.79 -14.83 10.75
N SER C 718 -2.13 -15.01 12.02
CA SER C 718 -1.57 -14.18 13.08
C SER C 718 -0.05 -14.22 13.04
N GLY C 719 0.50 -15.39 12.72
CA GLY C 719 1.94 -15.58 12.59
C GLY C 719 2.54 -14.59 11.60
N ASN C 720 1.80 -14.31 10.54
CA ASN C 720 2.24 -13.36 9.53
C ASN C 720 2.59 -12.01 10.15
N LYS C 721 1.80 -11.57 11.13
CA LYS C 721 2.03 -10.30 11.80
C LYS C 721 3.40 -10.32 12.46
N LEU C 722 3.71 -11.42 13.11
CA LEU C 722 5.01 -11.61 13.72
C LEU C 722 6.11 -11.53 12.66
N PHE C 723 5.89 -12.21 11.53
CA PHE C 723 6.89 -12.22 10.47
C PHE C 723 7.39 -10.82 10.17
N ARG C 724 6.43 -9.92 9.98
CA ARG C 724 6.74 -8.58 9.52
C ARG C 724 7.65 -7.90 10.54
N ARG C 725 7.25 -7.97 11.81
CA ARG C 725 8.03 -7.34 12.87
C ARG C 725 9.40 -7.96 12.93
N PHE C 726 9.46 -9.27 12.82
CA PHE C 726 10.74 -9.94 12.86
C PHE C 726 11.59 -9.53 11.69
N ARG C 727 11.01 -9.39 10.50
CA ARG C 727 11.80 -8.98 9.34
C ARG C 727 12.36 -7.58 9.51
N LYS C 728 11.50 -6.68 9.98
CA LYS C 728 11.84 -5.27 10.26
C LYS C 728 12.72 -5.00 11.50
N MET C 729 12.38 -5.63 12.61
CA MET C 729 13.08 -5.56 13.90
C MET C 729 14.24 -6.51 14.16
N ASN C 730 14.08 -7.77 13.79
CA ASN C 730 15.10 -8.78 14.05
C ASN C 730 15.91 -9.39 12.90
N ALA C 731 15.89 -8.75 11.76
CA ALA C 731 16.64 -9.20 10.58
C ALA C 731 18.11 -8.73 10.55
N ARG C 732 18.80 -9.03 9.45
CA ARG C 732 20.24 -8.83 9.36
C ARG C 732 20.76 -7.40 9.14
N GLN C 733 20.32 -6.67 8.10
CA GLN C 733 19.32 -7.06 7.11
C GLN C 733 19.78 -6.86 5.66
N SER C 734 19.72 -7.92 4.87
CA SER C 734 20.10 -7.94 3.46
C SER C 734 19.45 -9.18 2.85
N LYS C 735 19.42 -9.27 1.53
CA LYS C 735 18.66 -10.36 0.91
C LYS C 735 19.34 -11.72 1.11
N THR C 736 20.65 -11.71 1.27
CA THR C 736 21.42 -12.92 1.56
C THR C 736 20.94 -13.60 2.85
N PHE C 737 21.26 -12.99 3.99
CA PHE C 737 20.62 -13.40 5.23
C PHE C 737 19.54 -12.39 5.57
N GLU C 738 18.29 -12.78 5.42
CA GLU C 738 17.21 -12.15 6.15
C GLU C 738 16.36 -13.26 6.74
N LEU C 739 15.84 -14.10 5.86
CA LEU C 739 15.04 -15.25 6.26
C LEU C 739 15.74 -16.10 7.32
N GLU C 740 17.07 -16.13 7.29
CA GLU C 740 17.86 -16.78 8.34
C GLU C 740 17.38 -16.39 9.73
N ASP C 741 17.52 -15.10 10.05
CA ASP C 741 17.22 -14.60 11.38
C ASP C 741 15.72 -14.39 11.63
N ILE C 742 14.95 -14.09 10.58
CA ILE C 742 13.50 -14.06 10.72
C ILE C 742 13.01 -15.39 11.26
N LEU C 743 13.34 -16.44 10.51
CA LEU C 743 12.97 -17.81 10.84
C LEU C 743 13.52 -18.23 12.20
N LYS C 744 14.79 -17.91 12.46
CA LYS C 744 15.39 -18.24 13.75
C LYS C 744 14.63 -17.61 14.91
N HIS C 745 14.67 -16.27 14.96
CA HIS C 745 14.06 -15.50 16.03
C HIS C 745 12.59 -15.85 16.22
N HIS C 746 11.91 -16.14 15.11
CA HIS C 746 10.53 -16.56 15.15
C HIS C 746 10.39 -17.92 15.84
N TRP C 747 11.24 -18.88 15.46
CA TRP C 747 11.19 -20.19 16.08
C TRP C 747 11.50 -20.08 17.58
N LEU C 748 12.38 -19.16 17.93
CA LEU C 748 12.70 -18.91 19.33
C LEU C 748 11.55 -18.21 20.04
N TYR C 749 10.68 -17.55 19.29
CA TYR C 749 9.54 -16.89 19.90
C TYR C 749 8.49 -17.87 20.38
N THR C 750 8.33 -18.97 19.67
CA THR C 750 7.24 -19.92 19.91
C THR C 750 7.54 -20.98 20.99
N SER C 751 8.81 -21.10 21.36
CA SER C 751 9.26 -22.18 22.24
C SER C 751 8.73 -22.09 23.68
N LYS C 752 8.08 -23.15 24.12
CA LYS C 752 7.44 -23.20 25.44
C LYS C 752 8.45 -23.15 26.58
N TYR C 753 9.68 -23.61 26.31
CA TYR C 753 10.72 -23.64 27.32
C TYR C 753 11.13 -22.23 27.75
N LEU C 754 11.04 -21.28 26.82
CA LEU C 754 11.23 -19.86 27.14
C LEU C 754 9.96 -19.29 27.77
N GLN C 755 8.82 -19.72 27.24
CA GLN C 755 7.54 -19.15 27.64
C GLN C 755 7.22 -19.41 29.10
N LYS C 756 7.52 -20.60 29.60
CA LYS C 756 7.24 -20.89 31.01
C LYS C 756 8.33 -20.31 31.90
N PHE C 757 9.42 -19.84 31.28
CA PHE C 757 10.37 -19.00 31.99
C PHE C 757 9.74 -17.62 32.15
N MET C 758 8.94 -17.24 31.15
CA MET C 758 8.27 -15.95 31.22
C MET C 758 7.03 -15.98 32.11
N GLU C 759 6.46 -17.16 32.31
CA GLU C 759 5.38 -17.30 33.28
C GLU C 759 5.92 -16.89 34.64
N ALA C 760 6.98 -17.57 35.09
CA ALA C 760 7.53 -17.39 36.43
C ALA C 760 6.37 -17.37 37.39
N HIS C 761 5.73 -18.52 37.56
CA HIS C 761 4.30 -18.59 37.81
C HIS C 761 3.84 -17.63 38.90
N LYS C 762 2.79 -16.87 38.55
CA LYS C 762 2.35 -15.70 39.31
C LYS C 762 3.51 -14.72 39.50
N MET D 4 18.69 -9.09 -42.93
CA MET D 4 18.04 -9.61 -41.73
C MET D 4 17.78 -8.51 -40.69
N SER D 5 16.61 -8.52 -40.07
CA SER D 5 16.23 -7.43 -39.17
C SER D 5 15.23 -7.84 -38.09
N LEU D 6 15.11 -6.99 -37.07
CA LEU D 6 14.17 -7.24 -35.99
C LEU D 6 13.05 -6.21 -35.92
N GLN D 7 11.85 -6.69 -35.58
CA GLN D 7 10.69 -5.85 -35.34
C GLN D 7 10.20 -6.01 -33.89
N PRO D 8 10.35 -4.94 -33.08
CA PRO D 8 9.85 -4.91 -31.71
C PRO D 8 8.34 -5.17 -31.61
N LEU D 9 7.94 -6.04 -30.70
CA LEU D 9 6.54 -6.44 -30.55
C LEU D 9 5.92 -5.96 -29.24
N THR D 10 4.62 -5.71 -29.27
CA THR D 10 3.85 -5.46 -28.05
C THR D 10 3.02 -6.70 -27.72
N ALA D 11 3.08 -7.11 -26.46
CA ALA D 11 2.46 -8.36 -26.05
C ALA D 11 0.93 -8.27 -25.98
N VAL D 12 0.39 -7.05 -26.04
CA VAL D 12 -1.03 -6.74 -25.79
C VAL D 12 -1.48 -7.50 -24.52
N ASN D 13 -2.66 -8.13 -24.53
CA ASN D 13 -3.05 -9.00 -23.43
C ASN D 13 -2.27 -10.32 -23.49
N CYS D 14 -2.58 -11.23 -22.58
CA CYS D 14 -1.94 -12.55 -22.52
C CYS D 14 -0.41 -12.51 -22.68
N GLY D 15 0.26 -11.85 -21.75
CA GLY D 15 1.71 -11.89 -21.69
C GLY D 15 2.24 -12.73 -20.54
N SER D 16 1.35 -13.14 -19.65
CA SER D 16 1.75 -13.82 -18.42
C SER D 16 1.88 -15.32 -18.60
N LEU D 17 1.55 -15.80 -19.80
CA LEU D 17 1.49 -17.24 -20.06
C LEU D 17 2.77 -17.77 -20.69
N VAL D 18 3.75 -16.91 -20.88
CA VAL D 18 5.08 -17.36 -21.31
C VAL D 18 6.01 -17.44 -20.11
N GLN D 19 6.80 -18.51 -20.07
CA GLN D 19 7.84 -18.68 -19.08
C GLN D 19 9.09 -19.17 -19.81
N PRO D 20 10.28 -19.00 -19.21
CA PRO D 20 11.52 -19.19 -19.96
C PRO D 20 11.60 -20.49 -20.75
N GLY D 21 11.28 -21.63 -20.14
CA GLY D 21 11.00 -22.81 -20.93
C GLY D 21 9.63 -22.74 -21.59
N PHE D 22 9.57 -22.86 -22.92
CA PHE D 22 8.30 -23.14 -23.60
C PHE D 22 8.55 -23.51 -25.06
N SER D 23 7.47 -23.82 -25.78
CA SER D 23 7.58 -24.31 -27.15
C SER D 23 6.72 -23.52 -28.14
N LEU D 24 7.16 -23.45 -29.39
CA LEU D 24 6.33 -22.94 -30.47
C LEU D 24 6.33 -23.95 -31.62
N LEU D 25 5.17 -24.53 -31.90
CA LEU D 25 5.10 -25.61 -32.88
C LEU D 25 4.56 -25.11 -34.22
N ASP D 26 5.35 -25.26 -35.28
CA ASP D 26 4.93 -24.78 -36.59
C ASP D 26 4.39 -25.95 -37.42
N LEU D 27 3.07 -26.00 -37.56
CA LEU D 27 2.42 -27.01 -38.38
C LEU D 27 1.19 -26.43 -39.05
N GLU D 28 0.99 -26.80 -40.33
CA GLU D 28 -0.15 -26.37 -41.12
C GLU D 28 -0.44 -24.88 -40.96
N GLY D 29 0.40 -24.02 -41.53
CA GLY D 29 0.24 -22.61 -41.32
C GLY D 29 0.56 -22.21 -39.89
N ASP D 30 -0.44 -21.67 -39.20
CA ASP D 30 -0.25 -21.03 -37.89
C ASP D 30 0.53 -21.86 -36.88
N VAL D 31 1.33 -21.16 -36.08
CA VAL D 31 2.21 -21.78 -35.10
C VAL D 31 1.55 -21.69 -33.71
N TYR D 32 1.76 -22.71 -32.89
CA TYR D 32 1.08 -22.82 -31.62
C TYR D 32 2.03 -22.82 -30.42
N LEU D 33 1.85 -21.83 -29.55
CA LEU D 33 2.45 -21.78 -28.22
C LEU D 33 2.04 -22.99 -27.41
N PHE D 34 3.03 -23.66 -26.84
CA PHE D 34 2.82 -24.82 -25.97
C PHE D 34 3.62 -24.70 -24.69
N GLY D 35 2.93 -24.88 -23.57
CA GLY D 35 3.48 -24.68 -22.24
C GLY D 35 3.15 -23.29 -21.76
N GLN D 36 2.88 -23.14 -20.47
CA GLN D 36 2.48 -21.85 -19.93
C GLN D 36 2.70 -21.81 -18.43
N LYS D 37 2.73 -20.61 -17.87
CA LYS D 37 2.88 -20.46 -16.42
C LYS D 37 1.72 -21.12 -15.69
N GLY D 38 2.05 -22.03 -14.78
CA GLY D 38 1.06 -22.71 -13.98
C GLY D 38 0.24 -23.75 -14.71
N TRP D 39 -0.78 -24.26 -14.03
CA TRP D 39 -1.73 -25.19 -14.62
C TRP D 39 -2.69 -24.47 -15.55
N PRO D 40 -3.32 -25.19 -16.49
CA PRO D 40 -4.25 -24.53 -17.40
C PRO D 40 -5.42 -23.91 -16.67
N LYS D 41 -5.71 -22.63 -16.96
CA LYS D 41 -6.89 -22.00 -16.41
C LYS D 41 -8.07 -22.33 -17.32
N ARG D 42 -9.27 -21.87 -16.97
CA ARG D 42 -10.44 -22.23 -17.75
C ARG D 42 -10.58 -21.39 -19.02
N SER D 43 -9.79 -20.34 -19.13
CA SER D 43 -9.75 -19.57 -20.37
C SER D 43 -9.20 -20.46 -21.48
N CYS D 44 -8.31 -21.38 -21.10
CA CYS D 44 -7.78 -22.40 -21.99
C CYS D 44 -7.64 -23.75 -21.29
N PRO D 45 -8.70 -24.56 -21.32
CA PRO D 45 -8.68 -25.89 -20.68
C PRO D 45 -7.63 -26.82 -21.29
N THR D 46 -7.27 -26.61 -22.55
CA THR D 46 -6.24 -27.41 -23.19
C THR D 46 -4.83 -27.02 -22.74
N GLY D 47 -4.53 -25.72 -22.78
CA GLY D 47 -3.21 -25.23 -22.45
C GLY D 47 -2.43 -24.78 -23.68
N ILE D 48 -2.89 -25.22 -24.86
CA ILE D 48 -2.23 -24.86 -26.11
C ILE D 48 -2.87 -23.62 -26.73
N PHE D 49 -2.03 -22.68 -27.15
CA PHE D 49 -2.51 -21.42 -27.69
C PHE D 49 -2.11 -21.27 -29.16
N GLY D 50 -3.05 -20.90 -30.02
CA GLY D 50 -2.66 -20.52 -31.37
C GLY D 50 -2.06 -19.13 -31.28
N VAL D 51 -1.00 -18.87 -32.03
CA VAL D 51 -0.44 -17.53 -32.01
C VAL D 51 -0.43 -16.89 -33.40
N ARG D 52 -0.83 -15.62 -33.45
CA ARG D 52 -0.81 -14.84 -34.68
C ARG D 52 -0.10 -13.52 -34.44
N ILE D 53 0.64 -13.05 -35.43
CA ILE D 53 1.31 -11.76 -35.32
C ILE D 53 0.92 -10.84 -36.46
N LYS D 54 0.26 -9.73 -36.13
CA LYS D 54 -0.19 -8.79 -37.14
C LYS D 54 0.13 -7.35 -36.74
N LYS D 55 0.86 -6.66 -37.60
CA LYS D 55 1.17 -5.24 -37.41
C LYS D 55 1.83 -4.97 -36.05
N GLY D 56 2.87 -5.73 -35.75
CA GLY D 56 3.61 -5.59 -34.52
C GLY D 56 2.89 -6.15 -33.31
N GLU D 57 1.71 -6.73 -33.53
CA GLU D 57 0.90 -7.22 -32.43
C GLU D 57 0.96 -8.74 -32.27
N LEU D 58 1.34 -9.18 -31.08
CA LEU D 58 1.42 -10.60 -30.71
C LEU D 58 0.14 -11.05 -30.05
N LYS D 59 -0.56 -11.98 -30.68
CA LYS D 59 -1.86 -12.43 -30.19
C LYS D 59 -1.91 -13.94 -29.92
N LEU D 60 -2.45 -14.31 -28.77
CA LEU D 60 -2.65 -15.71 -28.43
C LEU D 60 -4.14 -15.99 -28.29
N ARG D 61 -4.58 -17.16 -28.75
CA ARG D 61 -5.98 -17.53 -28.57
C ARG D 61 -6.12 -18.99 -28.19
N ALA D 62 -7.23 -19.31 -27.54
CA ALA D 62 -7.48 -20.66 -27.06
C ALA D 62 -7.59 -21.67 -28.20
N ILE D 63 -7.20 -22.91 -27.93
CA ILE D 63 -7.38 -23.99 -28.88
C ILE D 63 -8.19 -25.10 -28.25
N SER D 64 -9.39 -25.33 -28.79
CA SER D 64 -10.22 -26.42 -28.31
C SER D 64 -9.62 -27.75 -28.71
N PHE D 65 -9.92 -28.79 -27.95
CA PHE D 65 -9.45 -30.13 -28.28
C PHE D 65 -10.59 -31.01 -28.77
N SER D 66 -10.28 -31.93 -29.67
CA SER D 66 -11.28 -32.87 -30.17
C SER D 66 -11.67 -33.82 -29.05
N ASN D 67 -12.84 -34.45 -29.20
CA ASN D 67 -13.37 -35.31 -28.16
C ASN D 67 -12.44 -36.47 -27.81
N ASN D 68 -11.88 -37.10 -28.83
CA ASN D 68 -11.08 -38.32 -28.64
C ASN D 68 -9.70 -38.05 -28.03
N SER D 69 -9.34 -36.78 -27.90
CA SER D 69 -8.02 -36.39 -27.42
C SER D 69 -7.82 -36.56 -25.91
N SER D 70 -6.55 -36.62 -25.50
CA SER D 70 -6.19 -36.47 -24.09
C SER D 70 -5.88 -35.00 -23.81
N TYR D 71 -5.58 -34.68 -22.56
CA TYR D 71 -5.21 -33.31 -22.21
C TYR D 71 -3.88 -33.33 -21.47
N LEU D 72 -2.84 -32.78 -22.09
CA LEU D 72 -1.50 -32.78 -21.49
C LEU D 72 -1.27 -31.56 -20.59
N PRO D 73 -0.44 -31.73 -19.55
CA PRO D 73 -0.04 -30.60 -18.71
C PRO D 73 0.93 -29.67 -19.45
N PRO D 74 1.00 -28.41 -19.03
CA PRO D 74 1.86 -27.38 -19.65
C PRO D 74 3.34 -27.58 -19.36
N LEU D 75 3.95 -28.50 -20.11
CA LEU D 75 5.35 -28.87 -19.92
C LEU D 75 6.31 -27.76 -20.38
N ARG D 76 7.28 -27.43 -19.52
CA ARG D 76 8.16 -26.27 -19.75
C ARG D 76 9.33 -26.48 -20.72
N CYS D 77 10.08 -27.57 -20.57
CA CYS D 77 11.23 -27.78 -21.46
C CYS D 77 11.19 -29.13 -22.14
N PRO D 78 10.14 -29.37 -22.94
CA PRO D 78 10.03 -30.67 -23.61
C PRO D 78 10.90 -30.78 -24.84
N ALA D 79 11.20 -32.01 -25.27
CA ALA D 79 11.85 -32.21 -26.56
C ALA D 79 10.78 -32.27 -27.64
N ILE D 80 10.88 -31.34 -28.57
CA ILE D 80 9.95 -31.18 -29.68
C ILE D 80 10.56 -31.74 -30.95
N ALA D 81 9.78 -32.53 -31.69
CA ALA D 81 10.21 -32.92 -33.03
C ALA D 81 9.04 -32.82 -33.99
N HIS D 82 9.22 -32.10 -35.09
CA HIS D 82 8.18 -32.04 -36.10
C HIS D 82 8.25 -33.29 -36.94
N PHE D 83 7.16 -34.05 -36.87
CA PHE D 83 6.95 -35.22 -37.69
C PHE D 83 6.15 -34.77 -38.91
N GLU D 84 6.83 -34.79 -40.05
CA GLU D 84 6.31 -34.20 -41.29
C GLU D 84 5.17 -35.00 -41.88
N ALA D 85 4.43 -34.36 -42.79
CA ALA D 85 3.31 -35.00 -43.43
C ALA D 85 3.71 -36.24 -44.23
N GLN D 86 3.11 -37.36 -43.86
CA GLN D 86 3.27 -38.63 -44.58
C GLN D 86 2.29 -39.65 -44.01
N ASP D 87 2.36 -40.88 -44.50
CA ASP D 87 1.57 -41.97 -43.94
C ASP D 87 2.03 -42.29 -42.51
N GLY D 88 1.10 -42.71 -41.66
CA GLY D 88 -0.32 -42.68 -41.95
C GLY D 88 -0.98 -41.31 -41.77
N LYS D 89 -0.72 -40.69 -40.62
CA LYS D 89 -1.39 -39.44 -40.29
C LYS D 89 -0.44 -38.25 -40.13
N PRO D 90 -0.54 -37.30 -41.07
CA PRO D 90 0.04 -35.96 -41.01
C PRO D 90 -0.78 -34.99 -40.17
N GLU D 91 -0.15 -33.99 -39.58
CA GLU D 91 1.30 -33.93 -39.42
C GLU D 91 1.50 -33.55 -37.97
N CYS D 92 2.41 -34.25 -37.30
CA CYS D 92 2.37 -34.26 -35.85
C CYS D 92 3.55 -33.58 -35.20
N TYR D 93 3.32 -32.88 -34.09
CA TYR D 93 4.42 -32.46 -33.24
C TYR D 93 4.54 -33.46 -32.09
N LEU D 94 5.72 -34.06 -32.00
CA LEU D 94 6.05 -35.04 -30.98
C LEU D 94 6.69 -34.34 -29.80
N ILE D 95 6.17 -34.63 -28.60
CA ILE D 95 6.63 -33.95 -27.39
C ILE D 95 7.01 -34.93 -26.29
N HIS D 96 8.27 -34.92 -25.87
CA HIS D 96 8.63 -35.70 -24.69
C HIS D 96 9.86 -35.16 -23.95
N GLY D 97 9.83 -35.19 -22.62
CA GLY D 97 8.60 -35.34 -21.86
C GLY D 97 8.24 -34.08 -21.11
N GLY D 98 9.09 -33.07 -21.17
CA GLY D 98 8.86 -31.81 -20.47
C GLY D 98 8.88 -31.91 -18.96
N ARG D 99 8.60 -30.79 -18.29
CA ARG D 99 8.54 -30.75 -16.84
C ARG D 99 7.26 -30.05 -16.38
N THR D 100 6.45 -30.77 -15.62
CA THR D 100 5.13 -30.34 -15.16
C THR D 100 5.20 -29.13 -14.23
N PRO D 101 4.22 -28.20 -14.34
CA PRO D 101 4.16 -27.01 -13.47
C PRO D 101 4.15 -27.34 -11.99
N ASN D 102 3.32 -28.30 -11.58
CA ASN D 102 3.53 -28.92 -10.28
C ASN D 102 4.76 -29.77 -10.52
N ASN D 103 5.83 -29.50 -9.78
CA ASN D 103 7.14 -29.82 -10.33
C ASN D 103 7.42 -31.31 -10.36
N GLU D 104 7.62 -31.80 -11.58
CA GLU D 104 7.77 -33.21 -11.88
C GLU D 104 8.30 -33.31 -13.31
N LEU D 105 8.51 -34.53 -13.77
CA LEU D 105 8.86 -34.76 -15.16
C LEU D 105 7.88 -35.77 -15.72
N SER D 106 7.21 -35.43 -16.82
CA SER D 106 6.31 -36.38 -17.44
C SER D 106 7.08 -37.34 -18.32
N SER D 107 7.05 -38.62 -17.96
CA SER D 107 7.82 -39.64 -18.67
C SER D 107 7.00 -40.16 -19.84
N SER D 108 5.77 -39.68 -19.94
CA SER D 108 4.86 -40.08 -21.00
C SER D 108 5.03 -39.19 -22.23
N LEU D 109 5.20 -39.83 -23.39
CA LEU D 109 5.40 -39.11 -24.64
C LEU D 109 4.08 -38.76 -25.33
N TYR D 110 3.90 -37.47 -25.61
CA TYR D 110 2.68 -36.99 -26.24
C TYR D 110 2.81 -36.84 -27.75
N MET D 111 1.74 -37.24 -28.44
CA MET D 111 1.65 -37.12 -29.89
C MET D 111 0.56 -36.10 -30.23
N LEU D 112 0.96 -34.95 -30.76
CA LEU D 112 0.01 -33.87 -31.03
C LEU D 112 -0.26 -33.74 -32.52
N SER D 113 -1.51 -33.95 -32.94
CA SER D 113 -1.81 -33.80 -34.36
C SER D 113 -2.90 -32.76 -34.62
N VAL D 114 -2.91 -32.23 -35.84
CA VAL D 114 -4.01 -31.40 -36.28
C VAL D 114 -5.16 -32.34 -36.69
N ASP D 115 -6.39 -31.94 -36.38
CA ASP D 115 -7.53 -32.80 -36.67
C ASP D 115 -8.43 -32.16 -37.71
N SER D 116 -9.18 -31.14 -37.31
CA SER D 116 -10.16 -30.57 -38.22
C SER D 116 -10.37 -29.05 -38.09
N ARG D 117 -10.50 -28.43 -39.25
CA ARG D 117 -10.90 -27.05 -39.41
C ARG D 117 -12.16 -27.16 -40.29
N GLY D 118 -13.02 -26.15 -40.42
CA GLY D 118 -12.81 -24.76 -40.02
C GLY D 118 -13.34 -24.34 -38.66
N CYS D 119 -13.89 -23.13 -38.61
CA CYS D 119 -14.23 -22.42 -39.85
C CYS D 119 -13.47 -21.11 -40.02
N ASN D 120 -13.75 -20.13 -39.17
CA ASN D 120 -12.96 -18.91 -39.19
C ASN D 120 -11.85 -19.06 -38.17
N ARG D 121 -10.63 -19.22 -38.68
CA ARG D 121 -9.43 -19.33 -37.85
C ARG D 121 -9.57 -20.32 -36.70
N LYS D 122 -10.29 -21.41 -36.91
CA LYS D 122 -10.47 -22.39 -35.84
C LYS D 122 -9.95 -23.76 -36.22
N VAL D 123 -9.06 -24.28 -35.38
CA VAL D 123 -8.45 -25.58 -35.60
C VAL D 123 -8.62 -26.46 -34.36
N THR D 124 -9.08 -27.68 -34.57
CA THR D 124 -9.15 -28.64 -33.47
C THR D 124 -7.91 -29.51 -33.48
N LEU D 125 -7.24 -29.59 -32.33
CA LEU D 125 -6.04 -30.41 -32.22
C LEU D 125 -6.35 -31.65 -31.38
N ARG D 126 -5.71 -32.77 -31.70
CA ARG D 126 -5.91 -33.97 -30.92
C ARG D 126 -4.60 -34.44 -30.29
N CYS D 127 -4.63 -34.63 -28.98
CA CYS D 127 -3.47 -35.05 -28.23
C CYS D 127 -3.61 -36.49 -27.77
N GLU D 128 -2.79 -37.36 -28.34
CA GLU D 128 -2.78 -38.75 -27.94
C GLU D 128 -1.41 -39.12 -27.42
N GLU D 129 -1.30 -39.37 -26.12
CA GLU D 129 -0.05 -39.88 -25.57
C GLU D 129 0.13 -41.30 -26.09
N LYS D 130 1.33 -41.63 -26.53
CA LYS D 130 1.56 -43.01 -26.93
C LYS D 130 2.18 -43.78 -25.78
N GLU D 131 1.52 -44.84 -25.35
CA GLU D 131 2.05 -45.68 -24.29
C GLU D 131 3.34 -46.32 -24.77
N LEU D 132 4.23 -46.61 -23.83
CA LEU D 132 5.59 -46.99 -24.18
C LEU D 132 5.96 -48.35 -23.60
N VAL D 133 6.30 -49.27 -24.50
CA VAL D 133 6.70 -50.61 -24.11
C VAL D 133 8.23 -50.69 -24.12
N GLY D 134 8.82 -51.13 -23.01
CA GLY D 134 10.26 -51.15 -22.92
C GLY D 134 10.92 -51.65 -21.65
N ASP D 135 12.20 -51.34 -21.38
CA ASP D 135 13.18 -50.51 -22.14
C ASP D 135 12.82 -49.02 -22.22
N VAL D 136 11.69 -48.64 -21.64
CA VAL D 136 11.19 -47.26 -21.69
C VAL D 136 12.20 -46.22 -21.18
N PRO D 137 12.22 -45.04 -21.82
CA PRO D 137 13.12 -43.94 -21.42
C PRO D 137 12.66 -43.23 -20.15
N SER D 138 13.62 -42.76 -19.36
CA SER D 138 13.31 -42.11 -18.08
C SER D 138 12.67 -40.74 -18.28
N ALA D 139 12.02 -40.25 -17.22
CA ALA D 139 11.54 -38.88 -17.20
C ALA D 139 12.72 -37.94 -17.16
N ARG D 140 12.75 -36.99 -18.10
CA ARG D 140 13.84 -36.04 -18.23
C ARG D 140 13.35 -34.78 -18.95
N TYR D 141 14.11 -33.69 -18.87
CA TYR D 141 13.64 -32.43 -19.48
C TYR D 141 14.79 -31.61 -20.08
N GLY D 142 14.45 -30.69 -20.97
CA GLY D 142 15.42 -29.80 -21.58
C GLY D 142 16.36 -30.53 -22.54
N HIS D 143 15.99 -31.75 -22.91
CA HIS D 143 16.76 -32.55 -23.84
C HIS D 143 16.27 -32.37 -25.27
N THR D 144 16.72 -33.22 -26.17
CA THR D 144 16.22 -33.13 -27.53
C THR D 144 15.80 -34.46 -28.16
N LEU D 145 14.89 -34.33 -29.13
CA LEU D 145 14.30 -35.44 -29.84
C LEU D 145 14.14 -35.03 -31.29
N SER D 146 14.45 -35.91 -32.24
CA SER D 146 14.29 -35.53 -33.65
C SER D 146 13.99 -36.71 -34.57
N VAL D 147 13.38 -36.42 -35.72
CA VAL D 147 12.86 -37.46 -36.61
C VAL D 147 13.89 -37.95 -37.62
N ILE D 148 13.92 -39.26 -37.85
CA ILE D 148 14.82 -39.85 -38.85
C ILE D 148 14.09 -40.80 -39.79
N ASN D 149 14.56 -40.86 -41.03
CA ASN D 149 13.96 -41.74 -42.03
C ASN D 149 15.03 -42.61 -42.69
N SER D 150 14.96 -43.92 -42.45
CA SER D 150 15.95 -44.83 -43.00
C SER D 150 15.32 -46.02 -43.71
N ARG D 151 15.48 -46.05 -45.04
CA ARG D 151 15.24 -47.24 -45.86
C ARG D 151 13.92 -48.04 -45.69
N GLY D 152 12.75 -47.41 -45.78
CA GLY D 152 12.55 -45.98 -45.67
C GLY D 152 11.84 -45.75 -44.35
N LYS D 153 11.85 -46.79 -43.52
CA LYS D 153 11.16 -46.81 -42.24
C LYS D 153 11.51 -45.59 -41.38
N THR D 154 10.49 -45.01 -40.76
CA THR D 154 10.66 -43.77 -40.01
C THR D 154 10.67 -44.02 -38.51
N ALA D 155 11.60 -43.37 -37.80
CA ALA D 155 11.64 -43.46 -36.34
C ALA D 155 12.04 -42.13 -35.71
N CYS D 156 12.15 -42.13 -34.39
CA CYS D 156 12.43 -40.91 -33.64
C CYS D 156 13.59 -41.12 -32.69
N VAL D 157 14.66 -40.34 -32.86
CA VAL D 157 15.84 -40.51 -32.02
C VAL D 157 15.81 -39.54 -30.83
N LEU D 158 16.02 -40.09 -29.65
CA LEU D 158 15.92 -39.35 -28.39
C LEU D 158 17.24 -39.29 -27.65
N PHE D 159 17.69 -38.09 -27.29
CA PHE D 159 18.96 -37.95 -26.57
C PHE D 159 19.11 -36.63 -25.79
N GLY D 160 19.98 -36.66 -24.79
CA GLY D 160 20.32 -35.47 -24.01
C GLY D 160 19.59 -35.40 -22.69
N GLY D 161 19.69 -34.26 -22.03
CA GLY D 161 18.80 -33.95 -20.93
C GLY D 161 19.30 -34.07 -19.51
N ARG D 162 18.40 -33.74 -18.58
CA ARG D 162 18.70 -33.79 -17.17
C ARG D 162 17.60 -34.52 -16.41
N SER D 163 17.86 -34.87 -15.17
CA SER D 163 16.87 -35.47 -14.30
C SER D 163 17.23 -35.20 -12.86
N TYR D 164 16.27 -35.39 -11.97
CA TYR D 164 16.55 -35.31 -10.55
C TYR D 164 17.43 -36.49 -10.16
N MET D 165 18.22 -36.30 -9.11
CA MET D 165 19.15 -37.32 -8.63
C MET D 165 18.39 -38.64 -8.42
N PRO D 166 18.98 -39.76 -8.87
CA PRO D 166 18.33 -41.08 -8.81
C PRO D 166 17.70 -41.37 -7.45
N PRO D 167 16.55 -42.06 -7.43
CA PRO D 167 15.67 -42.17 -6.25
C PRO D 167 16.40 -42.52 -4.95
N THR D 168 17.46 -43.31 -5.07
CA THR D 168 18.20 -43.80 -3.91
C THR D 168 19.08 -42.73 -3.28
N GLU D 169 19.70 -41.91 -4.12
CA GLU D 169 20.62 -40.88 -3.63
C GLU D 169 19.95 -39.52 -3.40
N ARG D 170 18.67 -39.43 -3.71
CA ARG D 170 17.98 -38.14 -3.63
C ARG D 170 17.59 -37.83 -2.20
N THR D 171 17.93 -36.62 -1.76
CA THR D 171 17.62 -36.17 -0.39
C THR D 171 16.45 -35.18 -0.41
N THR D 172 16.04 -34.73 0.77
CA THR D 172 15.16 -33.58 0.88
C THR D 172 16.02 -32.33 0.92
N GLN D 173 17.29 -32.51 1.25
CA GLN D 173 18.28 -31.45 1.18
C GLN D 173 18.83 -31.30 -0.24
N ASN D 174 19.13 -32.43 -0.89
CA ASN D 174 19.49 -32.40 -2.30
C ASN D 174 18.41 -33.10 -3.11
N TRP D 175 17.61 -32.28 -3.79
CA TRP D 175 16.49 -32.74 -4.61
C TRP D 175 16.58 -32.05 -5.94
N ASN D 176 16.44 -30.72 -5.88
CA ASN D 176 16.57 -29.84 -7.04
C ASN D 176 17.99 -29.86 -7.60
N SER D 177 18.89 -30.53 -6.88
CA SER D 177 20.12 -30.99 -7.48
C SER D 177 19.73 -31.81 -8.70
N VAL D 178 20.23 -31.42 -9.86
CA VAL D 178 19.82 -32.07 -11.09
C VAL D 178 21.02 -32.46 -11.94
N VAL D 179 21.07 -33.73 -12.33
CA VAL D 179 22.23 -34.24 -13.07
C VAL D 179 21.88 -34.56 -14.50
N ASP D 180 22.87 -34.46 -15.39
CA ASP D 180 22.71 -34.92 -16.77
C ASP D 180 22.37 -36.41 -16.74
N CYS D 181 21.49 -36.83 -17.64
CA CYS D 181 21.16 -38.24 -17.74
C CYS D 181 22.28 -38.99 -18.45
N PRO D 182 22.40 -40.30 -18.19
CA PRO D 182 23.40 -41.13 -18.87
C PRO D 182 23.34 -41.06 -20.39
N PRO D 183 24.51 -41.10 -21.05
CA PRO D 183 24.63 -41.00 -22.51
C PRO D 183 24.19 -42.26 -23.27
N GLN D 184 22.91 -42.60 -23.18
CA GLN D 184 22.33 -43.61 -24.06
C GLN D 184 21.22 -43.00 -24.88
N VAL D 185 21.28 -43.18 -26.18
CA VAL D 185 20.19 -42.72 -27.05
C VAL D 185 19.02 -43.69 -26.93
N TYR D 186 17.84 -43.23 -27.30
CA TYR D 186 16.69 -44.14 -27.45
C TYR D 186 16.17 -44.08 -28.86
N LEU D 187 16.08 -45.24 -29.50
CA LEU D 187 15.45 -45.30 -30.82
C LEU D 187 13.99 -45.64 -30.63
N ILE D 188 13.15 -44.65 -30.93
CA ILE D 188 11.72 -44.73 -30.70
C ILE D 188 10.98 -45.08 -31.97
N ASP D 189 10.44 -46.29 -31.99
CA ASP D 189 9.51 -46.68 -33.03
C ASP D 189 8.20 -46.00 -32.69
N LEU D 190 7.64 -45.24 -33.64
CA LEU D 190 6.44 -44.48 -33.36
C LEU D 190 5.20 -45.37 -33.43
N GLU D 191 5.34 -46.52 -34.08
CA GLU D 191 4.42 -47.64 -33.89
C GLU D 191 5.19 -48.96 -33.97
N PHE D 192 5.08 -49.82 -32.96
CA PHE D 192 4.35 -49.53 -31.72
C PHE D 192 5.30 -48.83 -30.76
N GLY D 193 4.93 -48.74 -29.49
CA GLY D 193 5.60 -47.88 -28.53
C GLY D 193 6.95 -48.37 -28.03
N CYS D 194 7.55 -49.32 -28.74
CA CYS D 194 8.83 -49.86 -28.32
C CYS D 194 9.94 -48.89 -28.69
N CYS D 195 10.62 -48.36 -27.67
CA CYS D 195 11.78 -47.52 -27.89
C CYS D 195 13.03 -48.05 -27.21
N THR D 196 13.96 -48.62 -27.97
CA THR D 196 15.07 -49.34 -27.36
C THR D 196 16.24 -48.43 -27.02
N ALA D 197 16.85 -48.68 -25.87
CA ALA D 197 18.02 -47.94 -25.43
C ALA D 197 19.28 -48.41 -26.16
N HIS D 198 20.23 -47.50 -26.36
CA HIS D 198 21.46 -47.81 -27.07
C HIS D 198 22.64 -47.02 -26.51
N THR D 199 23.80 -47.68 -26.38
CA THR D 199 24.97 -47.07 -25.75
C THR D 199 25.99 -46.60 -26.79
N LEU D 200 26.68 -45.51 -26.48
CA LEU D 200 27.62 -44.92 -27.42
C LEU D 200 29.08 -44.97 -26.94
N PRO D 201 29.92 -45.71 -27.67
CA PRO D 201 31.37 -45.79 -27.42
C PRO D 201 32.04 -44.42 -27.44
N GLU D 202 31.44 -43.48 -28.16
CA GLU D 202 32.02 -42.15 -28.34
C GLU D 202 31.50 -41.09 -27.35
N LEU D 203 30.52 -41.44 -26.54
CA LEU D 203 29.94 -40.47 -25.62
C LEU D 203 30.28 -40.77 -24.17
N THR D 204 31.16 -39.95 -23.61
CA THR D 204 31.60 -40.13 -22.23
C THR D 204 30.82 -39.26 -21.25
N ASP D 205 29.88 -38.48 -21.76
CA ASP D 205 29.15 -37.58 -20.89
C ASP D 205 27.75 -37.22 -21.37
N GLY D 206 26.87 -36.95 -20.41
CA GLY D 206 25.52 -36.46 -20.66
C GLY D 206 25.51 -35.00 -21.09
N GLN D 207 24.70 -34.70 -22.11
CA GLN D 207 24.62 -33.34 -22.66
C GLN D 207 23.24 -32.79 -22.38
N SER D 208 23.11 -31.47 -22.31
CA SER D 208 21.81 -30.86 -22.04
C SER D 208 21.63 -29.50 -22.73
N PHE D 209 20.37 -29.17 -23.00
CA PHE D 209 19.98 -27.95 -23.71
C PHE D 209 20.65 -27.86 -25.09
N HIS D 210 21.10 -29.00 -25.60
CA HIS D 210 21.76 -29.06 -26.89
C HIS D 210 20.72 -28.94 -27.97
N VAL D 211 21.13 -28.58 -29.19
CA VAL D 211 20.11 -28.42 -30.23
C VAL D 211 20.32 -29.41 -31.37
N ALA D 212 19.34 -30.28 -31.55
CA ALA D 212 19.41 -31.31 -32.59
C ALA D 212 18.79 -30.81 -33.88
N LEU D 213 19.45 -31.14 -34.98
CA LEU D 213 18.89 -30.95 -36.31
C LEU D 213 18.86 -32.31 -37.00
N ALA D 214 17.97 -32.47 -37.96
CA ALA D 214 17.83 -33.77 -38.61
C ALA D 214 17.51 -33.67 -40.10
N ARG D 215 18.07 -34.60 -40.86
CA ARG D 215 17.68 -34.80 -42.25
C ARG D 215 17.76 -36.29 -42.50
N GLN D 216 17.70 -36.72 -43.76
CA GLN D 216 17.47 -38.12 -44.07
C GLN D 216 18.46 -39.02 -43.33
N ASP D 217 17.91 -39.88 -42.48
CA ASP D 217 18.64 -40.81 -41.63
C ASP D 217 19.90 -40.24 -40.97
N CYS D 218 19.86 -38.96 -40.59
CA CYS D 218 21.02 -38.35 -39.93
C CYS D 218 20.63 -37.24 -38.96
N VAL D 219 21.30 -37.18 -37.82
CA VAL D 219 21.04 -36.14 -36.85
C VAL D 219 22.31 -35.49 -36.34
N TYR D 220 22.34 -34.17 -36.38
CA TYR D 220 23.46 -33.40 -35.87
C TYR D 220 23.10 -32.70 -34.57
N PHE D 221 23.77 -33.11 -33.50
CA PHE D 221 23.59 -32.48 -32.22
C PHE D 221 24.62 -31.37 -32.08
N LEU D 222 24.10 -30.15 -32.11
CA LEU D 222 24.87 -28.94 -31.91
C LEU D 222 25.01 -28.72 -30.42
N GLY D 223 26.17 -28.20 -30.04
CA GLY D 223 26.67 -28.24 -28.67
C GLY D 223 25.70 -27.80 -27.60
N GLY D 224 25.86 -28.38 -26.42
CA GLY D 224 25.01 -28.08 -25.29
C GLY D 224 25.71 -28.26 -23.97
N HIS D 225 25.19 -27.60 -22.95
CA HIS D 225 25.77 -27.55 -21.60
C HIS D 225 26.05 -28.91 -20.99
N ILE D 226 27.23 -29.07 -20.38
CA ILE D 226 27.53 -30.24 -19.58
C ILE D 226 27.65 -29.84 -18.12
N LEU D 227 26.90 -30.52 -17.26
CA LEU D 227 26.90 -30.17 -15.84
C LEU D 227 27.94 -30.93 -15.03
N SER D 228 28.55 -31.96 -15.63
CA SER D 228 29.63 -32.67 -14.94
C SER D 228 30.89 -31.83 -14.88
N SER D 229 31.34 -31.35 -16.03
CA SER D 229 32.55 -30.56 -16.14
C SER D 229 32.30 -29.06 -16.20
N ASP D 230 31.03 -28.67 -16.23
CA ASP D 230 30.63 -27.26 -16.29
C ASP D 230 31.28 -26.51 -17.45
N CYS D 231 31.13 -27.05 -18.66
CA CYS D 231 31.69 -26.45 -19.87
C CYS D 231 30.80 -26.72 -21.08
N ARG D 232 31.00 -25.95 -22.15
CA ARG D 232 30.21 -26.13 -23.36
C ARG D 232 31.09 -26.54 -24.54
N PRO D 233 30.98 -27.82 -24.97
CA PRO D 233 31.86 -28.37 -26.02
C PRO D 233 31.66 -27.69 -27.37
N SER D 234 32.76 -27.27 -27.98
CA SER D 234 32.74 -26.71 -29.33
C SER D 234 32.51 -27.83 -30.33
N ARG D 235 32.84 -29.05 -29.92
CA ARG D 235 32.65 -30.23 -30.75
C ARG D 235 31.19 -30.37 -31.16
N LEU D 236 30.97 -30.96 -32.33
CA LEU D 236 29.63 -31.19 -32.83
C LEU D 236 29.41 -32.69 -33.02
N ILE D 237 28.29 -33.18 -32.52
CA ILE D 237 27.99 -34.60 -32.60
C ILE D 237 27.26 -34.93 -33.89
N ARG D 238 27.73 -35.93 -34.60
CA ARG D 238 26.99 -36.44 -35.75
C ARG D 238 26.58 -37.87 -35.45
N LEU D 239 25.31 -38.21 -35.64
CA LEU D 239 24.97 -39.63 -35.61
C LEU D 239 24.19 -40.03 -36.86
N HIS D 240 24.45 -41.27 -37.24
CA HIS D 240 23.96 -41.86 -38.46
C HIS D 240 23.34 -43.21 -38.10
N VAL D 241 22.03 -43.33 -38.33
CA VAL D 241 21.31 -44.53 -37.97
C VAL D 241 20.90 -45.32 -39.20
N GLU D 242 20.92 -46.63 -39.08
CA GLU D 242 20.42 -47.50 -40.14
C GLU D 242 19.45 -48.50 -39.55
N LEU D 243 18.20 -48.40 -39.99
CA LEU D 243 17.12 -49.21 -39.42
C LEU D 243 16.87 -50.43 -40.28
N LEU D 244 17.18 -51.60 -39.73
CA LEU D 244 16.96 -52.84 -40.44
C LEU D 244 16.37 -53.90 -39.52
N LEU D 245 15.41 -54.65 -40.05
CA LEU D 245 14.87 -55.80 -39.35
C LEU D 245 15.97 -56.84 -39.21
N GLY D 246 16.18 -57.33 -37.99
CA GLY D 246 15.35 -56.98 -36.86
C GLY D 246 15.95 -56.02 -35.86
N SER D 247 17.18 -55.59 -36.08
CA SER D 247 17.82 -54.69 -35.14
C SER D 247 18.39 -53.43 -35.78
N PRO D 248 18.19 -52.28 -35.11
CA PRO D 248 18.75 -50.99 -35.53
C PRO D 248 20.24 -50.88 -35.28
N VAL D 249 20.99 -50.33 -36.23
CA VAL D 249 22.41 -50.08 -36.00
C VAL D 249 22.70 -48.59 -36.02
N LEU D 250 23.13 -48.07 -34.87
CA LEU D 250 23.46 -46.66 -34.76
C LEU D 250 24.97 -46.50 -34.71
N THR D 251 25.50 -45.59 -35.51
CA THR D 251 26.91 -45.24 -35.37
C THR D 251 27.04 -43.73 -35.18
N CYS D 252 27.93 -43.34 -34.28
CA CYS D 252 28.13 -41.94 -33.98
C CYS D 252 29.57 -41.53 -34.23
N THR D 253 29.75 -40.30 -34.69
CA THR D 253 31.07 -39.74 -34.92
C THR D 253 31.10 -38.29 -34.47
N ILE D 254 32.32 -37.76 -34.36
CA ILE D 254 32.53 -36.41 -33.89
C ILE D 254 33.16 -35.55 -34.98
N LEU D 255 32.57 -34.40 -35.24
CA LEU D 255 33.31 -33.38 -35.98
C LEU D 255 33.63 -32.29 -34.97
N HIS D 256 34.91 -32.14 -34.65
CA HIS D 256 35.29 -31.52 -33.38
C HIS D 256 35.39 -29.98 -33.42
N GLU D 257 35.01 -29.38 -34.55
CA GLU D 257 34.87 -27.92 -34.61
C GLU D 257 33.49 -27.54 -35.13
N GLY D 258 32.89 -26.55 -34.49
CA GLY D 258 31.55 -26.11 -34.80
C GLY D 258 31.19 -25.03 -33.80
N LEU D 259 29.89 -24.80 -33.59
CA LEU D 259 29.46 -23.81 -32.62
C LEU D 259 29.44 -24.39 -31.21
N THR D 260 29.79 -23.57 -30.23
CA THR D 260 29.57 -23.93 -28.83
C THR D 260 28.46 -23.06 -28.27
N ILE D 261 27.31 -23.68 -28.04
CA ILE D 261 26.08 -22.95 -27.78
C ILE D 261 25.23 -23.68 -26.75
N THR D 262 24.33 -22.98 -26.09
CA THR D 262 23.32 -23.64 -25.25
C THR D 262 21.98 -22.93 -25.41
N SER D 263 20.90 -23.72 -25.40
CA SER D 263 19.53 -23.21 -25.54
C SER D 263 19.31 -22.40 -26.81
N ALA D 264 19.66 -22.98 -27.94
CA ALA D 264 19.59 -22.26 -29.21
C ALA D 264 18.24 -22.39 -29.89
N ILE D 265 17.76 -21.28 -30.45
CA ILE D 265 16.52 -21.26 -31.22
C ILE D 265 16.82 -21.62 -32.67
N ALA D 266 16.23 -22.73 -33.14
CA ALA D 266 16.46 -23.17 -34.51
C ALA D 266 15.27 -22.82 -35.38
N SER D 267 15.44 -21.88 -36.30
CA SER D 267 14.35 -21.49 -37.18
C SER D 267 14.63 -21.92 -38.61
N PRO D 268 13.86 -22.90 -39.11
CA PRO D 268 14.01 -23.36 -40.50
C PRO D 268 13.69 -22.24 -41.50
N ILE D 269 14.58 -22.00 -42.44
CA ILE D 269 14.31 -21.03 -43.51
C ILE D 269 14.07 -21.78 -44.83
N GLY D 270 15.09 -22.45 -45.33
CA GLY D 270 15.01 -23.14 -46.59
C GLY D 270 14.55 -24.57 -46.41
N TYR D 271 14.91 -25.43 -47.36
CA TYR D 271 14.48 -26.83 -47.32
C TYR D 271 14.91 -27.63 -46.09
N HIS D 272 16.20 -27.83 -45.91
CA HIS D 272 16.73 -28.42 -44.68
C HIS D 272 17.58 -27.42 -43.92
N GLU D 273 17.75 -26.22 -44.46
CA GLU D 273 18.71 -25.29 -43.87
C GLU D 273 18.04 -24.37 -42.86
N TYR D 274 18.36 -24.58 -41.59
CA TYR D 274 17.89 -23.69 -40.53
C TYR D 274 18.84 -22.52 -40.38
N ILE D 275 18.36 -21.41 -39.83
CA ILE D 275 19.31 -20.54 -39.17
C ILE D 275 19.25 -20.89 -37.69
N ILE D 276 20.42 -20.97 -37.08
CA ILE D 276 20.53 -21.07 -35.63
C ILE D 276 20.70 -19.67 -35.08
N PHE D 277 19.69 -19.24 -34.34
CA PHE D 277 19.67 -17.93 -33.71
C PHE D 277 20.62 -17.98 -32.54
N GLY D 278 20.26 -18.83 -31.57
CA GLY D 278 21.15 -19.32 -30.55
C GLY D 278 21.21 -18.60 -29.21
N GLY D 279 21.27 -19.39 -28.14
CA GLY D 279 21.18 -18.88 -26.79
C GLY D 279 22.38 -18.29 -26.04
N TYR D 280 23.47 -19.05 -25.95
CA TYR D 280 24.56 -18.68 -25.03
C TYR D 280 25.95 -19.14 -25.44
N GLN D 281 26.93 -18.27 -25.16
CA GLN D 281 28.35 -18.60 -25.31
C GLN D 281 28.91 -19.21 -24.04
N SER D 282 28.95 -18.39 -22.99
CA SER D 282 29.33 -18.82 -21.65
C SER D 282 28.10 -18.70 -20.78
N GLU D 283 28.22 -18.93 -19.48
CA GLU D 283 27.04 -18.80 -18.64
C GLU D 283 26.84 -17.36 -18.14
N THR D 284 27.82 -16.49 -18.37
CA THR D 284 27.52 -15.06 -18.33
C THR D 284 27.36 -14.45 -19.72
N GLN D 285 27.61 -15.24 -20.76
CA GLN D 285 27.64 -14.71 -22.13
C GLN D 285 26.60 -15.34 -23.04
N LYS D 286 25.90 -14.48 -23.78
CA LYS D 286 24.86 -14.90 -24.69
C LYS D 286 25.30 -14.68 -26.13
N ARG D 287 24.91 -15.58 -27.03
CA ARG D 287 25.40 -15.51 -28.39
C ARG D 287 24.64 -14.46 -29.19
N MET D 288 25.38 -13.43 -29.60
CA MET D 288 24.86 -12.38 -30.48
C MET D 288 24.96 -12.81 -31.93
N GLU D 289 26.05 -13.51 -32.24
CA GLU D 289 26.36 -13.90 -33.61
C GLU D 289 25.45 -15.02 -34.11
N CYS D 290 24.78 -14.77 -35.23
CA CYS D 290 23.79 -15.71 -35.75
C CYS D 290 24.42 -16.63 -36.80
N THR D 291 24.04 -17.90 -36.77
CA THR D 291 24.70 -18.88 -37.62
C THR D 291 23.78 -19.60 -38.60
N TYR D 292 23.92 -19.29 -39.89
CA TYR D 292 23.19 -20.02 -40.93
C TYR D 292 23.74 -21.43 -41.03
N VAL D 293 22.87 -22.42 -40.86
CA VAL D 293 23.30 -23.81 -40.92
C VAL D 293 22.57 -24.56 -42.03
N GLY D 294 23.34 -24.93 -43.06
CA GLY D 294 22.85 -25.79 -44.10
C GLY D 294 23.25 -27.24 -43.87
N LEU D 295 22.43 -28.16 -44.36
CA LEU D 295 22.75 -29.58 -44.26
C LEU D 295 22.97 -30.16 -45.64
N ASP D 296 24.23 -30.46 -45.94
CA ASP D 296 24.61 -31.16 -47.17
C ASP D 296 24.78 -32.63 -46.85
N ASP D 297 24.45 -33.48 -47.83
CA ASP D 297 24.66 -34.92 -47.69
C ASP D 297 26.10 -35.23 -47.27
N VAL D 298 27.04 -34.46 -47.79
CA VAL D 298 28.44 -34.58 -47.42
C VAL D 298 28.62 -34.32 -45.93
N GLY D 299 28.12 -33.18 -45.49
CA GLY D 299 28.16 -32.83 -44.08
C GLY D 299 27.56 -31.45 -43.83
N VAL D 300 27.18 -31.22 -42.58
CA VAL D 300 26.66 -29.93 -42.14
C VAL D 300 27.68 -28.84 -42.41
N HIS D 301 27.23 -27.65 -42.82
CA HIS D 301 28.12 -26.50 -42.78
C HIS D 301 27.41 -25.23 -42.33
N MET D 302 28.16 -24.42 -41.59
CA MET D 302 27.62 -23.23 -40.96
C MET D 302 28.35 -21.98 -41.41
N GLU D 303 27.64 -21.08 -42.07
CA GLU D 303 28.18 -19.77 -42.40
C GLU D 303 27.67 -18.76 -41.39
N SER D 304 28.55 -17.92 -40.87
CA SER D 304 28.12 -16.84 -40.00
C SER D 304 27.29 -15.83 -40.81
N ARG D 305 26.12 -15.48 -40.30
CA ARG D 305 25.34 -14.43 -40.92
C ARG D 305 25.52 -13.16 -40.10
N GLU D 306 25.51 -12.02 -40.78
CA GLU D 306 25.59 -10.74 -40.10
C GLU D 306 24.38 -10.64 -39.18
N PRO D 307 24.64 -10.54 -37.86
CA PRO D 307 23.58 -10.51 -36.85
C PRO D 307 22.69 -9.29 -37.00
N PRO D 308 21.40 -9.40 -36.65
CA PRO D 308 20.54 -8.22 -36.72
C PRO D 308 21.05 -7.14 -35.78
N GLN D 309 20.74 -5.88 -36.03
CA GLN D 309 21.19 -4.85 -35.12
C GLN D 309 20.43 -5.02 -33.82
N TRP D 310 21.16 -5.23 -32.73
CA TRP D 310 20.54 -5.42 -31.43
C TRP D 310 20.29 -4.07 -30.77
N THR D 311 19.03 -3.79 -30.46
CA THR D 311 18.72 -2.65 -29.63
C THR D 311 19.34 -2.90 -28.27
N SER D 312 19.66 -1.83 -27.55
CA SER D 312 20.40 -1.89 -26.29
C SER D 312 19.88 -2.95 -25.32
N GLU D 313 18.55 -3.03 -25.20
CA GLU D 313 17.91 -3.92 -24.22
C GLU D 313 18.27 -5.39 -24.41
N ILE D 314 18.06 -5.92 -25.60
CA ILE D 314 18.36 -7.32 -25.87
C ILE D 314 19.87 -7.56 -25.85
N SER D 315 20.63 -6.49 -26.05
CA SER D 315 22.09 -6.59 -25.99
C SER D 315 22.58 -6.80 -24.56
N HIS D 316 21.99 -6.10 -23.60
CA HIS D 316 22.49 -6.18 -22.22
C HIS D 316 21.73 -7.10 -21.26
N SER D 317 20.69 -7.78 -21.73
CA SER D 317 19.92 -8.67 -20.86
C SER D 317 20.76 -9.84 -20.35
N ARG D 318 20.40 -10.38 -19.19
CA ARG D 318 21.14 -11.50 -18.61
C ARG D 318 20.79 -12.83 -19.28
N THR D 319 19.48 -13.07 -19.46
CA THR D 319 19.00 -14.31 -20.06
C THR D 319 17.96 -14.03 -21.13
N TRP D 320 17.83 -14.93 -22.12
CA TRP D 320 16.74 -14.84 -23.08
C TRP D 320 16.39 -16.16 -23.75
N PHE D 321 15.22 -16.18 -24.37
CA PHE D 321 14.57 -17.40 -24.81
C PHE D 321 13.59 -17.12 -25.94
N GLY D 322 13.17 -18.16 -26.64
CA GLY D 322 12.16 -18.01 -27.66
C GLY D 322 11.91 -19.25 -28.50
N GLY D 323 11.34 -19.06 -29.68
CA GLY D 323 11.07 -20.14 -30.59
C GLY D 323 10.72 -19.66 -31.99
N SER D 324 10.91 -20.52 -32.98
CA SER D 324 10.63 -20.17 -34.35
C SER D 324 9.13 -20.00 -34.58
N LEU D 325 8.75 -18.91 -35.20
CA LEU D 325 7.40 -18.77 -35.73
C LEU D 325 7.33 -19.60 -37.00
N GLY D 326 8.51 -19.84 -37.58
CA GLY D 326 8.63 -20.59 -38.81
C GLY D 326 8.82 -19.65 -39.98
N LYS D 327 9.03 -20.22 -41.17
CA LYS D 327 9.16 -19.44 -42.40
C LYS D 327 10.28 -18.41 -42.30
N GLY D 328 11.34 -18.75 -41.57
CA GLY D 328 12.49 -17.88 -41.44
C GLY D 328 12.34 -16.84 -40.36
N THR D 329 11.16 -16.77 -39.76
CA THR D 329 10.89 -15.78 -38.74
C THR D 329 10.82 -16.43 -37.35
N ALA D 330 11.44 -15.79 -36.37
CA ALA D 330 11.46 -16.33 -35.01
C ALA D 330 11.09 -15.28 -33.97
N LEU D 331 10.70 -15.74 -32.79
CA LEU D 331 10.25 -14.87 -31.71
C LEU D 331 11.12 -15.04 -30.48
N VAL D 332 11.66 -13.94 -29.96
CA VAL D 332 12.48 -14.00 -28.76
C VAL D 332 11.85 -13.12 -27.67
N ALA D 333 12.25 -13.33 -26.43
CA ALA D 333 11.70 -12.55 -25.32
C ALA D 333 12.74 -12.16 -24.30
N ILE D 334 12.68 -10.90 -23.87
CA ILE D 334 13.58 -10.37 -22.86
C ILE D 334 12.82 -10.02 -21.57
N PRO D 335 13.20 -10.67 -20.46
CA PRO D 335 12.59 -10.38 -19.15
C PRO D 335 12.78 -8.92 -18.75
N SER D 336 11.73 -8.28 -18.27
CA SER D 336 11.78 -6.86 -17.92
C SER D 336 11.46 -6.65 -16.46
N GLU D 337 12.03 -5.59 -15.87
CA GLU D 337 11.73 -5.29 -14.48
C GLU D 337 11.64 -3.80 -14.18
N GLY D 338 10.63 -3.48 -13.39
CA GLY D 338 10.47 -2.17 -12.78
C GLY D 338 9.23 -2.35 -11.93
N ASN D 339 9.05 -1.52 -10.91
CA ASN D 339 7.79 -1.59 -10.18
C ASN D 339 7.05 -0.25 -10.27
N PRO D 340 5.71 -0.31 -10.38
CA PRO D 340 4.84 -1.50 -10.37
C PRO D 340 5.15 -2.49 -11.50
N THR D 341 5.00 -3.79 -11.21
CA THR D 341 5.38 -4.84 -12.15
C THR D 341 4.74 -4.61 -13.52
N PRO D 342 5.46 -4.94 -14.59
CA PRO D 342 5.31 -4.39 -15.95
C PRO D 342 3.89 -4.23 -16.54
N PRO D 343 2.91 -5.13 -16.27
CA PRO D 343 2.79 -6.43 -15.62
C PRO D 343 3.37 -7.58 -16.43
N GLU D 344 3.61 -7.34 -17.71
CA GLU D 344 4.04 -8.41 -18.60
C GLU D 344 5.54 -8.60 -18.43
N ALA D 345 5.91 -9.77 -17.91
CA ALA D 345 7.26 -10.01 -17.42
C ALA D 345 8.26 -10.09 -18.57
N TYR D 346 7.75 -10.12 -19.80
CA TYR D 346 8.61 -10.26 -20.96
C TYR D 346 8.24 -9.32 -22.10
N HIS D 347 9.25 -8.62 -22.61
CA HIS D 347 9.09 -7.89 -23.86
C HIS D 347 9.39 -8.85 -25.00
N PHE D 348 8.68 -8.73 -26.11
CA PHE D 348 8.88 -9.66 -27.20
C PHE D 348 9.47 -9.01 -28.44
N TYR D 349 10.35 -9.73 -29.13
CA TYR D 349 10.92 -9.28 -30.39
C TYR D 349 10.64 -10.29 -31.49
N GLN D 350 10.32 -9.80 -32.68
CA GLN D 350 10.30 -10.65 -33.84
C GLN D 350 11.60 -10.45 -34.59
N VAL D 351 12.14 -11.52 -35.17
CA VAL D 351 13.38 -11.43 -35.93
C VAL D 351 13.27 -12.22 -37.23
N SER D 352 13.84 -11.69 -38.30
CA SER D 352 13.64 -12.29 -39.61
C SER D 352 14.87 -12.26 -40.51
N PHE D 353 15.03 -13.32 -41.28
CA PHE D 353 16.09 -13.45 -42.28
C PHE D 353 15.59 -13.00 -43.66
N GLN D 354 16.50 -12.40 -44.43
CA GLN D 354 16.21 -11.99 -45.82
C GLN D 354 15.15 -10.89 -45.86
ZN ZN M . 16.18 30.21 -8.41
MG MG N . 7.20 14.12 2.70
MG MG O . 3.69 14.95 1.53
ZN ZN P . -20.34 -28.54 -0.72
MG MG Q . -4.11 -15.22 3.28
MG MG R . -3.05 -15.20 -0.36
#